data_9F6Z
#
_entry.id   9F6Z
#
_entity_poly.entity_id   1
_entity_poly.type   'polypeptide(L)'
_entity_poly.pdbx_seq_one_letter_code
;GASRGLEPSADAPEPDCGDPPPVAPSRLLPLKPVQAATPSRTDPLVLVFVESLYSQLGQEVVAILESSRFKYRTEIAPGK
GDMPTLTDKGRGRFALIIYENILKYVNLDAWNRELLDKYCVAYGVGIIGFFKANENSLLSAQLKGFPLFLHSNLGLKDCS
INPKSPLLYVTRPSEVEKGVLPGEDWTVFQSNHSTYEPVLLAKTRSSESIPHLGADAGLHAALHATVVQDLGLHDGIQRV
LFGNNLNFWLHKLVFVDAVAFLTGKRLSLPLDRYILVDIDDIFVGKEGTRMKVEDVKALFDTQNELRAHIPNFTFNLGYS
GKFFHTGTNAEDAGDDLLLSYVKEFWWFPHMWSHMQPHLFHNQSVLAEQMALNKKFAVEHGIPTDMGYAVAPHHSGVYPV
HVQLYEAWKQVWSIRVTSTEEYPHLKPARYRRGFIHNGIMVLPRQTCGLFTHTIFYNEYPGGSSELDKIINGGELFLTVL
LNPISIFMTHLSNYGNDRLGLYTFKHLVRFLHSWTNLRLQTLPPVQLAQKYFQIFSEEKDPLWQDPCEDKRHKDIWSKEK
TCDRFPKLLIIGPQKTGTTALYLFLGMHPDLSSNYPSSETFEEIQFFNGHNYHKGIDWYMEFFPIPSNTTSDFYFEKSAN
YFDSEVAPRRAAALLPKAKVLTILINPADRAYSWYQHQRAHDDPVALKYTFHEVITAGSDASSKLRALQNRCLVPGWYAT
HIERWLSAYHANQILVLDGKLLRTEPAKVMDMVQKFLGVTNTIDYHKTLAFDPKKGFWCQLLEGGKTKCLGKSKGRKYPE
MDLDSRAFLKDYYRDHNIELSKLLYKMGQTLPTWLREDLQNTRNNNNNNGHHHHHHHH
;
_entity_poly.pdbx_strand_id   A,B
#
# COMPACT_ATOMS: atom_id res chain seq x y z
N ARG A 41 20.91 1.10 -20.75
CA ARG A 41 21.42 -0.26 -20.43
C ARG A 41 20.77 -0.75 -19.19
N THR A 42 21.58 -1.34 -18.29
CA THR A 42 21.03 -1.81 -17.05
C THR A 42 21.65 -1.03 -15.95
N ASP A 43 20.88 -0.86 -14.87
CA ASP A 43 21.33 -0.06 -13.77
C ASP A 43 22.23 -0.92 -12.98
N PRO A 44 23.00 -0.31 -12.12
CA PRO A 44 23.99 -0.97 -11.31
C PRO A 44 23.26 -1.82 -10.35
N LEU A 45 21.94 -1.60 -10.23
CA LEU A 45 21.16 -2.21 -9.18
C LEU A 45 21.22 -3.74 -9.31
N VAL A 46 21.34 -4.45 -8.20
CA VAL A 46 21.30 -5.93 -8.16
C VAL A 46 19.92 -6.40 -7.69
N LEU A 47 19.28 -7.31 -8.42
CA LEU A 47 18.06 -7.98 -7.96
C LEU A 47 18.43 -9.27 -7.24
N VAL A 48 18.14 -9.39 -5.96
CA VAL A 48 18.48 -10.57 -5.15
C VAL A 48 17.19 -11.32 -4.80
N PHE A 49 17.00 -12.48 -5.39
CA PHE A 49 15.94 -13.42 -5.05
C PHE A 49 16.35 -14.31 -3.88
N VAL A 50 15.77 -14.05 -2.72
CA VAL A 50 15.99 -14.80 -1.47
C VAL A 50 14.85 -15.79 -1.21
N GLU A 51 15.14 -16.85 -0.47
CA GLU A 51 14.06 -17.71 -0.08
C GLU A 51 13.23 -16.90 0.86
N SER A 52 13.92 -16.24 1.80
CA SER A 52 13.30 -15.28 2.66
C SER A 52 14.38 -14.30 3.02
N LEU A 53 13.99 -13.05 3.30
CA LEU A 53 14.97 -12.11 3.78
C LEU A 53 15.48 -12.59 5.10
N TYR A 54 14.55 -13.07 5.96
CA TYR A 54 14.83 -13.32 7.35
C TYR A 54 15.85 -14.40 7.42
N SER A 55 15.76 -15.40 6.55
CA SER A 55 16.50 -16.60 6.76
C SER A 55 17.96 -16.29 6.76
N GLN A 56 18.73 -17.21 7.38
CA GLN A 56 20.15 -17.00 7.65
C GLN A 56 20.94 -16.74 6.36
N LEU A 57 20.78 -17.57 5.32
CA LEU A 57 21.47 -17.39 4.05
C LEU A 57 21.06 -16.09 3.35
N GLY A 58 19.77 -15.74 3.40
CA GLY A 58 19.29 -14.46 2.86
C GLY A 58 19.99 -13.27 3.51
N GLN A 59 20.13 -13.29 4.84
CA GLN A 59 20.85 -12.24 5.58
C GLN A 59 22.35 -12.22 5.28
N GLU A 60 23.00 -13.37 5.09
CA GLU A 60 24.42 -13.44 4.70
C GLU A 60 24.67 -12.86 3.30
N VAL A 61 23.82 -13.20 2.33
CA VAL A 61 23.86 -12.63 0.97
C VAL A 61 23.72 -11.11 1.03
N VAL A 62 22.70 -10.63 1.75
CA VAL A 62 22.47 -9.19 1.93
C VAL A 62 23.66 -8.51 2.60
N ALA A 63 24.23 -9.10 3.65
CA ALA A 63 25.39 -8.54 4.36
C ALA A 63 26.62 -8.36 3.46
N ILE A 64 26.86 -9.28 2.52
CA ILE A 64 27.95 -9.15 1.53
C ILE A 64 27.64 -8.01 0.54
N LEU A 65 26.41 -7.91 0.06
CA LEU A 65 26.00 -6.85 -0.88
C LEU A 65 26.10 -5.46 -0.21
N GLU A 66 25.67 -5.34 1.03
CA GLU A 66 25.75 -4.11 1.83
C GLU A 66 27.20 -3.69 2.12
N SER A 67 28.05 -4.64 2.51
CA SER A 67 29.48 -4.37 2.74
C SER A 67 30.17 -3.88 1.46
N SER A 68 29.80 -4.53 0.34
CA SER A 68 30.19 -4.06 -0.95
C SER A 68 29.58 -2.71 -1.16
N ARG A 69 28.40 -2.47 -0.54
CA ARG A 69 27.71 -1.23 -0.64
C ARG A 69 27.37 -1.00 -2.08
N PHE A 70 26.86 -2.03 -2.80
CA PHE A 70 26.36 -1.81 -4.13
C PHE A 70 24.90 -1.76 -4.00
N LYS A 71 24.26 -0.94 -4.80
CA LYS A 71 22.81 -0.85 -4.61
C LYS A 71 22.13 -2.16 -5.01
N TYR A 72 21.14 -2.59 -4.23
CA TYR A 72 20.41 -3.82 -4.46
C TYR A 72 18.93 -3.67 -4.12
N ARG A 73 18.12 -4.60 -4.60
CA ARG A 73 16.74 -4.83 -4.19
C ARG A 73 16.55 -6.30 -3.92
N THR A 74 16.07 -6.63 -2.73
CA THR A 74 15.69 -7.99 -2.36
C THR A 74 14.23 -8.26 -2.71
N GLU A 75 13.96 -9.41 -3.31
CA GLU A 75 12.62 -9.94 -3.54
C GLU A 75 12.61 -11.39 -3.06
N ILE A 76 11.51 -11.85 -2.47
CA ILE A 76 11.43 -13.27 -2.15
C ILE A 76 11.05 -14.02 -3.42
N ALA A 77 11.87 -14.95 -3.90
CA ALA A 77 11.48 -15.53 -5.15
C ALA A 77 10.27 -16.37 -4.88
N PRO A 78 9.17 -15.99 -5.47
CA PRO A 78 8.01 -16.83 -5.54
C PRO A 78 8.35 -17.92 -6.51
N GLY A 79 7.94 -19.18 -6.25
CA GLY A 79 8.04 -20.12 -7.33
C GLY A 79 7.06 -19.68 -8.38
N LYS A 80 5.80 -19.48 -7.95
CA LYS A 80 4.72 -19.11 -8.81
C LYS A 80 4.91 -17.70 -9.28
N GLY A 81 5.34 -16.81 -8.38
CA GLY A 81 5.05 -15.42 -8.51
C GLY A 81 5.78 -14.88 -9.69
N ASP A 82 5.21 -13.79 -10.25
CA ASP A 82 5.83 -13.12 -11.36
C ASP A 82 6.92 -12.29 -10.82
N MET A 83 7.85 -11.91 -11.71
CA MET A 83 8.86 -10.96 -11.33
C MET A 83 8.29 -9.60 -11.51
N PRO A 84 8.80 -8.69 -10.74
CA PRO A 84 8.42 -7.31 -10.85
C PRO A 84 8.93 -6.85 -12.17
N THR A 85 8.34 -5.78 -12.72
CA THR A 85 8.78 -5.36 -14.01
C THR A 85 10.23 -5.01 -13.90
N LEU A 86 11.09 -5.77 -14.60
CA LEU A 86 12.50 -5.52 -14.50
C LEU A 86 12.81 -4.17 -15.08
N THR A 87 12.31 -3.92 -16.28
CA THR A 87 12.77 -2.79 -17.10
C THR A 87 12.06 -1.49 -16.72
N ASP A 88 12.74 -0.36 -16.84
CA ASP A 88 12.18 0.99 -16.75
C ASP A 88 12.79 1.86 -17.86
N LYS A 89 11.94 2.40 -18.73
CA LYS A 89 12.42 3.22 -19.82
C LYS A 89 13.53 2.53 -20.56
N GLY A 90 13.51 1.21 -20.63
CA GLY A 90 14.32 0.77 -21.71
C GLY A 90 15.59 0.28 -21.09
N ARG A 91 15.88 0.72 -19.86
CA ARG A 91 16.97 0.23 -19.00
C ARG A 91 16.48 -0.96 -18.15
N GLY A 92 17.36 -1.89 -17.84
CA GLY A 92 17.11 -2.95 -16.88
C GLY A 92 17.22 -2.44 -15.44
N ARG A 93 16.29 -2.86 -14.57
CA ARG A 93 16.28 -2.43 -13.19
C ARG A 93 17.56 -2.89 -12.59
N PHE A 94 17.86 -4.17 -12.78
CA PHE A 94 19.10 -4.66 -12.26
C PHE A 94 19.93 -5.16 -13.40
N ALA A 95 21.20 -4.72 -13.43
CA ALA A 95 22.14 -5.32 -14.32
C ALA A 95 22.28 -6.74 -13.91
N LEU A 96 22.40 -7.01 -12.61
CA LEU A 96 22.69 -8.37 -12.17
C LEU A 96 21.49 -8.97 -11.45
N ILE A 97 21.27 -10.27 -11.61
CA ILE A 97 20.26 -11.03 -10.86
C ILE A 97 20.99 -12.12 -10.05
N ILE A 98 20.61 -12.28 -8.78
CA ILE A 98 21.17 -13.30 -7.89
C ILE A 98 20.03 -14.14 -7.34
N TYR A 99 20.13 -15.47 -7.46
CA TYR A 99 19.22 -16.42 -6.84
C TYR A 99 19.93 -17.14 -5.70
N GLU A 100 19.44 -16.90 -4.47
CA GLU A 100 20.07 -17.52 -3.35
C GLU A 100 19.94 -19.00 -3.51
N ASN A 101 18.71 -19.44 -3.86
CA ASN A 101 18.44 -20.81 -4.12
C ASN A 101 18.17 -20.95 -5.59
N ILE A 102 18.87 -21.87 -6.22
CA ILE A 102 18.73 -21.98 -7.68
C ILE A 102 17.35 -22.52 -8.09
N LEU A 103 16.66 -23.26 -7.21
CA LEU A 103 15.29 -23.70 -7.47
C LEU A 103 14.31 -22.54 -7.66
N LYS A 104 14.55 -21.39 -7.01
CA LYS A 104 13.71 -20.20 -7.21
C LYS A 104 13.86 -19.63 -8.63
N TYR A 105 15.04 -19.73 -9.25
CA TYR A 105 15.25 -19.32 -10.65
C TYR A 105 14.59 -20.28 -11.64
N VAL A 106 14.74 -21.60 -11.44
CA VAL A 106 14.15 -22.59 -12.37
C VAL A 106 12.63 -22.72 -12.23
N ASN A 107 12.04 -22.44 -11.05
CA ASN A 107 10.62 -22.64 -10.99
C ASN A 107 9.95 -21.37 -11.42
N LEU A 108 9.36 -21.37 -12.62
CA LEU A 108 8.64 -20.22 -13.09
C LEU A 108 7.41 -20.69 -13.78
N ASP A 109 6.43 -19.78 -13.94
CA ASP A 109 5.32 -20.05 -14.79
C ASP A 109 5.85 -19.91 -16.19
N ALA A 110 5.18 -20.50 -17.19
CA ALA A 110 5.74 -20.35 -18.53
C ALA A 110 5.80 -18.89 -19.00
N TRP A 111 4.81 -18.06 -18.64
CA TRP A 111 4.77 -16.66 -19.06
C TRP A 111 5.86 -15.84 -18.38
N ASN A 112 5.94 -15.91 -17.04
CA ASN A 112 6.96 -15.17 -16.30
C ASN A 112 8.37 -15.68 -16.57
N ARG A 113 8.53 -17.00 -16.80
CA ARG A 113 9.82 -17.57 -17.20
C ARG A 113 10.30 -17.03 -18.54
N GLU A 114 9.43 -17.05 -19.55
CA GLU A 114 9.76 -16.52 -20.88
C GLU A 114 10.04 -15.01 -20.85
N LEU A 115 9.30 -14.27 -20.02
CA LEU A 115 9.54 -12.84 -19.80
C LEU A 115 10.92 -12.56 -19.20
N LEU A 116 11.30 -13.31 -18.16
CA LEU A 116 12.58 -13.14 -17.48
C LEU A 116 13.75 -13.57 -18.36
N ASP A 117 13.63 -14.68 -19.07
CA ASP A 117 14.66 -15.16 -19.99
C ASP A 117 14.86 -14.17 -21.14
N LYS A 118 13.77 -13.61 -21.71
CA LYS A 118 13.85 -12.56 -22.72
C LYS A 118 14.57 -11.31 -22.19
N TYR A 119 14.29 -10.90 -20.95
CA TYR A 119 15.00 -9.79 -20.31
C TYR A 119 16.50 -10.08 -20.15
N CYS A 120 16.85 -11.25 -19.64
CA CYS A 120 18.24 -11.67 -19.46
C CYS A 120 19.03 -11.66 -20.77
N VAL A 121 18.46 -12.19 -21.85
CA VAL A 121 19.09 -12.18 -23.18
C VAL A 121 19.18 -10.75 -23.74
N ALA A 122 18.08 -9.98 -23.69
CA ALA A 122 18.02 -8.65 -24.29
C ALA A 122 18.96 -7.62 -23.62
N TYR A 123 19.22 -7.78 -22.32
CA TYR A 123 20.02 -6.85 -21.52
C TYR A 123 21.37 -7.43 -21.06
N GLY A 124 21.55 -8.76 -21.19
CA GLY A 124 22.81 -9.33 -20.83
C GLY A 124 22.91 -9.32 -19.34
N VAL A 125 21.77 -9.40 -18.65
CA VAL A 125 21.79 -9.39 -17.22
C VAL A 125 22.34 -10.72 -16.82
N GLY A 126 23.38 -10.73 -15.97
CA GLY A 126 23.96 -11.99 -15.64
C GLY A 126 23.18 -12.60 -14.52
N ILE A 127 23.27 -13.95 -14.37
CA ILE A 127 22.66 -14.55 -13.19
C ILE A 127 23.70 -15.25 -12.30
N ILE A 128 23.73 -14.95 -11.00
CA ILE A 128 24.44 -15.78 -10.02
C ILE A 128 23.43 -16.70 -9.35
N GLY A 129 23.76 -17.98 -9.21
CA GLY A 129 22.90 -18.98 -8.58
C GLY A 129 23.64 -19.81 -7.56
N PHE A 130 22.99 -20.16 -6.45
CA PHE A 130 23.53 -21.11 -5.49
C PHE A 130 22.65 -22.36 -5.39
N PHE A 131 23.28 -23.51 -5.20
CA PHE A 131 22.52 -24.68 -4.92
C PHE A 131 22.42 -24.83 -3.45
N LYS A 132 21.28 -25.41 -3.03
CA LYS A 132 21.21 -25.82 -1.65
C LYS A 132 21.08 -27.31 -1.65
N ALA A 133 21.87 -28.02 -0.83
CA ALA A 133 21.65 -29.44 -0.74
C ALA A 133 20.30 -29.67 -0.13
N ASN A 134 19.61 -30.72 -0.63
CA ASN A 134 18.30 -30.96 -0.15
C ASN A 134 18.20 -32.43 0.06
N GLU A 135 17.52 -32.84 1.14
CA GLU A 135 17.27 -34.22 1.39
C GLU A 135 16.41 -34.68 0.26
N ASN A 136 15.40 -33.84 -0.04
CA ASN A 136 14.42 -34.15 -1.06
C ASN A 136 15.13 -34.28 -2.35
N SER A 137 16.08 -33.36 -2.62
CA SER A 137 16.69 -33.35 -3.91
C SER A 137 17.41 -34.64 -4.14
N LEU A 138 17.48 -35.06 -5.42
CA LEU A 138 18.12 -36.29 -5.73
C LEU A 138 19.60 -36.06 -5.59
N LEU A 139 20.38 -37.14 -5.36
CA LEU A 139 21.81 -37.02 -5.32
C LEU A 139 22.30 -36.71 -6.68
N SER A 140 21.71 -37.34 -7.69
CA SER A 140 22.08 -36.92 -9.04
C SER A 140 20.85 -36.49 -9.83
N ALA A 141 20.89 -35.29 -10.42
CA ALA A 141 19.82 -34.77 -11.26
C ALA A 141 20.35 -33.80 -12.32
N GLN A 142 19.71 -33.79 -13.50
CA GLN A 142 19.97 -32.76 -14.50
C GLN A 142 19.23 -31.47 -14.14
N LEU A 143 19.92 -30.32 -14.21
CA LEU A 143 19.26 -29.09 -13.98
C LEU A 143 18.33 -28.89 -15.12
N LYS A 144 17.17 -28.26 -14.86
CA LYS A 144 16.19 -28.14 -15.89
C LYS A 144 16.69 -27.17 -16.90
N GLY A 145 16.54 -27.57 -18.17
CA GLY A 145 16.76 -26.72 -19.30
C GLY A 145 18.22 -26.62 -19.56
N PHE A 146 19.04 -27.25 -18.72
CA PHE A 146 20.41 -27.15 -19.10
C PHE A 146 20.99 -28.49 -18.89
N PRO A 147 21.99 -28.76 -19.65
CA PRO A 147 22.66 -30.03 -19.67
C PRO A 147 23.38 -30.34 -18.37
N LEU A 148 23.72 -29.31 -17.58
CA LEU A 148 24.57 -29.47 -16.45
C LEU A 148 23.91 -30.28 -15.36
N PHE A 149 24.52 -31.45 -15.13
CA PHE A 149 24.18 -32.40 -14.07
C PHE A 149 24.71 -31.91 -12.72
N LEU A 150 23.89 -32.08 -11.69
CA LEU A 150 24.15 -31.75 -10.30
C LEU A 150 24.28 -33.07 -9.53
N HIS A 151 25.40 -33.26 -8.84
CA HIS A 151 25.58 -34.37 -7.91
C HIS A 151 25.70 -33.81 -6.49
N SER A 152 24.76 -34.16 -5.62
CA SER A 152 24.48 -33.46 -4.36
C SER A 152 24.83 -34.31 -3.13
N ASN A 153 24.84 -33.69 -1.95
CA ASN A 153 25.12 -34.37 -0.66
C ASN A 153 26.48 -35.08 -0.63
N LEU A 154 27.52 -34.39 -1.08
CA LEU A 154 28.89 -34.88 -1.09
C LEU A 154 29.73 -34.23 0.02
N GLY A 155 30.49 -35.06 0.73
CA GLY A 155 31.62 -34.52 1.44
C GLY A 155 32.58 -34.14 0.37
N LEU A 156 33.36 -33.07 0.65
CA LEU A 156 34.48 -32.64 -0.19
C LEU A 156 35.72 -32.26 0.64
N LYS A 157 36.88 -32.22 -0.03
CA LYS A 157 38.19 -31.82 0.52
C LYS A 157 39.11 -31.26 -0.57
N ASP A 158 40.19 -30.60 -0.16
CA ASP A 158 41.30 -30.13 -1.01
C ASP A 158 40.83 -29.29 -2.23
N CYS A 159 40.31 -28.10 -1.97
CA CYS A 159 39.77 -27.22 -3.02
C CYS A 159 40.88 -26.40 -3.70
N SER A 160 40.85 -26.31 -5.02
CA SER A 160 41.77 -25.51 -5.83
C SER A 160 41.01 -24.61 -6.81
N ILE A 161 41.66 -23.51 -7.20
CA ILE A 161 41.13 -22.56 -8.19
C ILE A 161 41.64 -22.96 -9.57
N ASN A 162 40.74 -23.06 -10.57
CA ASN A 162 41.19 -23.51 -11.84
C ASN A 162 42.11 -22.46 -12.33
N PRO A 163 43.16 -22.89 -12.98
CA PRO A 163 44.27 -22.02 -13.23
C PRO A 163 43.83 -20.87 -14.08
N LYS A 164 42.73 -21.04 -14.84
CA LYS A 164 42.29 -19.96 -15.65
C LYS A 164 41.94 -18.82 -14.77
N SER A 165 41.20 -19.09 -13.67
CA SER A 165 40.74 -18.03 -12.83
C SER A 165 41.88 -17.60 -11.99
N PRO A 166 41.94 -16.33 -11.72
CA PRO A 166 43.03 -15.73 -11.02
C PRO A 166 43.16 -16.31 -9.64
N LEU A 167 42.08 -16.78 -8.97
CA LEU A 167 40.70 -16.40 -9.20
C LEU A 167 40.55 -14.95 -8.91
N LEU A 168 41.05 -14.49 -7.74
CA LEU A 168 41.00 -13.09 -7.54
C LEU A 168 42.09 -12.59 -8.43
N TYR A 169 41.79 -11.57 -9.25
CA TYR A 169 42.73 -11.10 -10.22
C TYR A 169 43.93 -10.55 -9.49
N VAL A 170 43.65 -9.69 -8.50
CA VAL A 170 44.64 -8.96 -7.79
C VAL A 170 45.49 -9.93 -7.03
N THR A 171 44.83 -10.92 -6.41
CA THR A 171 45.49 -11.73 -5.45
C THR A 171 46.44 -12.59 -6.18
N ARG A 172 47.51 -13.00 -5.50
CA ARG A 172 48.36 -13.98 -6.05
C ARG A 172 47.62 -15.27 -5.95
N PRO A 173 48.03 -16.13 -6.82
CA PRO A 173 47.30 -17.33 -7.08
C PRO A 173 47.26 -18.12 -5.82
N SER A 174 46.13 -18.80 -5.61
CA SER A 174 45.89 -19.33 -4.31
C SER A 174 46.39 -20.73 -4.29
N GLU A 175 46.87 -21.14 -3.11
CA GLU A 175 47.33 -22.47 -2.92
C GLU A 175 46.12 -23.33 -2.76
N VAL A 176 46.36 -24.66 -2.87
CA VAL A 176 45.25 -25.60 -2.65
C VAL A 176 44.83 -25.46 -1.21
N GLU A 177 43.55 -25.17 -0.99
CA GLU A 177 42.95 -25.14 0.34
C GLU A 177 42.81 -26.58 0.81
N LYS A 178 43.83 -27.05 1.53
CA LYS A 178 43.92 -28.44 1.98
C LYS A 178 42.98 -28.72 3.13
N GLY A 179 42.59 -29.99 3.20
CA GLY A 179 41.75 -30.49 4.26
C GLY A 179 40.28 -30.43 3.89
N VAL A 180 39.47 -30.59 4.91
CA VAL A 180 38.08 -30.98 4.76
C VAL A 180 37.19 -29.75 4.58
N LEU A 181 36.43 -29.70 3.46
CA LEU A 181 35.42 -28.71 3.38
C LEU A 181 34.28 -29.23 4.19
N PRO A 182 33.71 -28.36 4.97
CA PRO A 182 32.69 -28.72 5.89
C PRO A 182 31.47 -29.10 5.11
N GLY A 183 30.63 -29.98 5.70
CA GLY A 183 29.30 -30.15 5.21
C GLY A 183 29.26 -31.33 4.30
N GLU A 184 28.20 -32.14 4.48
CA GLU A 184 27.84 -33.19 3.60
C GLU A 184 27.35 -32.58 2.31
N ASP A 185 26.80 -31.35 2.40
CA ASP A 185 25.75 -30.85 1.55
C ASP A 185 26.18 -30.81 0.12
N TRP A 186 27.49 -30.59 -0.11
CA TRP A 186 28.00 -29.97 -1.33
C TRP A 186 27.36 -30.56 -2.58
N THR A 187 27.18 -29.69 -3.56
CA THR A 187 26.87 -30.08 -4.94
C THR A 187 28.08 -29.85 -5.84
N VAL A 188 28.36 -30.82 -6.71
CA VAL A 188 29.32 -30.65 -7.81
C VAL A 188 28.59 -30.67 -9.15
N PHE A 189 29.15 -29.95 -10.11
CA PHE A 189 28.60 -29.79 -11.44
C PHE A 189 29.36 -30.60 -12.46
N GLN A 190 28.64 -31.23 -13.36
CA GLN A 190 29.22 -31.98 -14.47
C GLN A 190 28.48 -31.66 -15.76
N SER A 191 29.22 -31.36 -16.85
CA SER A 191 28.57 -31.22 -18.12
C SER A 191 29.66 -31.20 -19.14
N ASN A 192 29.31 -31.49 -20.41
CA ASN A 192 30.27 -31.27 -21.44
C ASN A 192 29.76 -30.13 -22.25
N HIS A 193 30.42 -28.96 -22.18
CA HIS A 193 29.99 -27.91 -23.05
C HIS A 193 31.04 -26.84 -23.06
N SER A 194 31.04 -26.00 -24.10
CA SER A 194 31.91 -24.85 -24.08
C SER A 194 31.38 -23.97 -23.00
N THR A 195 30.05 -24.08 -22.77
CA THR A 195 29.34 -23.10 -22.00
C THR A 195 29.88 -23.17 -20.61
N TYR A 196 30.16 -24.41 -20.11
CA TYR A 196 30.49 -24.50 -18.69
C TYR A 196 31.99 -24.64 -18.46
N GLU A 197 32.59 -23.64 -17.82
CA GLU A 197 34.00 -23.60 -17.39
C GLU A 197 34.08 -23.77 -15.86
N PRO A 198 34.88 -24.72 -15.33
CA PRO A 198 35.05 -24.88 -13.89
C PRO A 198 35.87 -23.72 -13.31
N VAL A 199 35.48 -23.22 -12.14
CA VAL A 199 36.17 -22.13 -11.43
C VAL A 199 36.85 -22.65 -10.17
N LEU A 200 36.12 -23.41 -9.37
CA LEU A 200 36.65 -24.13 -8.21
C LEU A 200 36.50 -25.64 -8.41
N LEU A 201 37.54 -26.37 -8.04
CA LEU A 201 37.67 -27.81 -8.19
C LEU A 201 38.01 -28.42 -6.83
N ALA A 202 37.31 -29.47 -6.42
CA ALA A 202 37.58 -30.17 -5.16
C ALA A 202 37.57 -31.69 -5.35
N LYS A 203 38.09 -32.41 -4.37
CA LYS A 203 38.04 -33.88 -4.33
C LYS A 203 36.94 -34.35 -3.40
N THR A 204 36.39 -35.54 -3.64
CA THR A 204 35.53 -36.23 -2.67
C THR A 204 36.34 -36.73 -1.46
N ARG A 205 35.68 -36.79 -0.31
CA ARG A 205 36.35 -37.21 0.89
C ARG A 205 36.78 -38.62 0.69
N SER A 206 35.89 -39.45 0.12
CA SER A 206 36.24 -40.83 -0.08
C SER A 206 37.25 -40.88 -1.17
N SER A 207 38.13 -41.89 -1.12
CA SER A 207 39.09 -42.06 -2.17
C SER A 207 38.35 -42.35 -3.43
N GLU A 208 37.30 -43.20 -3.31
CA GLU A 208 36.59 -43.65 -4.46
C GLU A 208 35.82 -42.48 -4.99
N SER A 209 35.55 -42.50 -6.31
CA SER A 209 34.89 -41.39 -6.93
C SER A 209 33.45 -41.46 -6.55
N ILE A 210 32.69 -40.41 -6.90
CA ILE A 210 31.30 -40.34 -6.56
C ILE A 210 30.58 -41.30 -7.45
N PRO A 211 29.68 -42.02 -6.85
CA PRO A 211 29.04 -43.12 -7.49
C PRO A 211 28.24 -42.61 -8.64
N HIS A 212 27.90 -43.49 -9.60
CA HIS A 212 27.23 -43.05 -10.78
C HIS A 212 28.12 -42.06 -11.50
N LEU A 213 29.42 -42.39 -11.62
CA LEU A 213 30.32 -41.53 -12.31
C LEU A 213 29.88 -41.49 -13.74
N GLY A 214 30.07 -40.34 -14.39
CA GLY A 214 29.66 -40.19 -15.75
C GLY A 214 30.70 -40.86 -16.59
N ALA A 215 30.41 -41.00 -17.90
CA ALA A 215 31.35 -41.59 -18.80
C ALA A 215 32.54 -40.69 -18.83
N ASP A 216 32.30 -39.37 -18.80
CA ASP A 216 33.35 -38.42 -18.97
C ASP A 216 34.34 -38.63 -17.88
N ALA A 217 33.85 -38.83 -16.64
CA ALA A 217 34.74 -39.01 -15.55
C ALA A 217 35.50 -40.26 -15.81
N GLY A 218 36.79 -40.29 -15.40
CA GLY A 218 37.61 -41.44 -15.61
C GLY A 218 37.37 -42.37 -14.47
N LEU A 219 38.07 -43.52 -14.48
CA LEU A 219 37.90 -44.41 -13.36
C LEU A 219 38.36 -43.67 -12.17
N HIS A 220 39.52 -42.99 -12.27
CA HIS A 220 39.96 -42.18 -11.17
C HIS A 220 39.04 -41.00 -11.15
N ALA A 221 38.72 -40.48 -9.95
CA ALA A 221 37.84 -39.35 -9.87
C ALA A 221 38.54 -38.20 -10.49
N ALA A 222 37.77 -37.41 -11.29
CA ALA A 222 38.21 -36.14 -11.80
C ALA A 222 38.05 -35.16 -10.69
N LEU A 223 38.75 -34.01 -10.79
CA LEU A 223 38.58 -33.02 -9.78
C LEU A 223 37.25 -32.44 -10.07
N HIS A 224 36.34 -32.40 -9.08
CA HIS A 224 34.95 -32.09 -9.40
C HIS A 224 34.70 -30.60 -9.26
N ALA A 225 33.95 -30.00 -10.19
CA ALA A 225 33.67 -28.57 -10.19
C ALA A 225 32.64 -28.21 -9.12
N THR A 226 33.01 -27.42 -8.13
CA THR A 226 32.10 -26.91 -7.07
C THR A 226 31.54 -25.54 -7.41
N VAL A 227 32.20 -24.82 -8.32
CA VAL A 227 31.72 -23.58 -8.92
C VAL A 227 31.98 -23.64 -10.42
N VAL A 228 30.96 -23.31 -11.22
CA VAL A 228 31.05 -23.27 -12.69
C VAL A 228 30.58 -21.94 -13.23
N GLN A 229 31.22 -21.47 -14.29
CA GLN A 229 30.82 -20.33 -15.09
C GLN A 229 30.14 -20.81 -16.36
N ASP A 230 28.91 -20.37 -16.60
CA ASP A 230 28.20 -20.50 -17.87
C ASP A 230 28.50 -19.27 -18.74
N LEU A 231 29.18 -19.50 -19.89
CA LEU A 231 29.51 -18.42 -20.75
C LEU A 231 28.21 -17.84 -21.15
N GLY A 232 27.24 -18.71 -21.48
CA GLY A 232 25.93 -18.20 -21.73
C GLY A 232 25.99 -17.50 -23.04
N LEU A 233 26.94 -17.91 -23.90
CA LEU A 233 26.86 -17.45 -25.25
C LEU A 233 25.59 -18.02 -25.79
N HIS A 234 25.39 -19.34 -25.62
CA HIS A 234 24.24 -19.96 -26.19
C HIS A 234 23.02 -19.42 -25.51
N ASP A 235 23.09 -19.32 -24.17
CA ASP A 235 21.95 -18.91 -23.40
C ASP A 235 21.62 -17.49 -23.72
N GLY A 236 22.67 -16.67 -23.93
CA GLY A 236 22.48 -15.27 -24.11
C GLY A 236 22.76 -14.58 -22.80
N ILE A 237 22.81 -15.35 -21.70
CA ILE A 237 23.08 -14.76 -20.42
C ILE A 237 24.19 -15.52 -19.82
N GLN A 238 25.12 -14.80 -19.16
CA GLN A 238 26.18 -15.47 -18.49
C GLN A 238 25.65 -15.82 -17.14
N ARG A 239 26.08 -17.02 -16.62
CA ARG A 239 25.78 -17.39 -15.23
C ARG A 239 27.01 -17.81 -14.46
N VAL A 240 26.96 -17.73 -13.13
CA VAL A 240 27.92 -18.38 -12.23
C VAL A 240 27.15 -19.16 -11.18
N LEU A 241 27.41 -20.46 -11.09
CA LEU A 241 26.68 -21.38 -10.22
C LEU A 241 27.61 -21.91 -9.12
N PHE A 242 27.18 -21.76 -7.87
CA PHE A 242 27.89 -22.23 -6.68
C PHE A 242 27.21 -23.46 -6.09
N GLY A 243 27.99 -24.53 -5.90
CA GLY A 243 27.45 -25.79 -5.50
C GLY A 243 26.85 -25.67 -4.14
N ASN A 244 27.53 -24.97 -3.22
CA ASN A 244 27.15 -25.10 -1.84
C ASN A 244 26.79 -23.76 -1.29
N ASN A 245 26.31 -23.78 -0.04
CA ASN A 245 25.71 -22.63 0.59
C ASN A 245 26.78 -21.62 0.90
N LEU A 246 26.35 -20.35 1.06
CA LEU A 246 27.20 -19.20 1.17
C LEU A 246 27.99 -19.34 2.41
N ASN A 247 27.39 -19.98 3.42
CA ASN A 247 27.84 -19.92 4.77
C ASN A 247 29.27 -20.36 4.84
N PHE A 248 29.64 -21.40 4.06
CA PHE A 248 30.99 -21.87 4.12
C PHE A 248 31.84 -20.73 3.69
N TRP A 249 32.94 -20.47 4.43
CA TRP A 249 33.62 -19.17 4.38
C TRP A 249 34.28 -18.87 3.03
N LEU A 250 34.83 -19.90 2.37
CA LEU A 250 35.49 -19.75 1.06
C LEU A 250 34.51 -19.33 -0.04
N HIS A 251 33.22 -19.70 0.07
CA HIS A 251 32.20 -19.22 -0.84
C HIS A 251 32.00 -17.71 -0.75
N LYS A 252 32.12 -17.11 0.44
CA LYS A 252 32.02 -15.64 0.60
C LYS A 252 33.15 -14.93 -0.14
N LEU A 253 34.37 -15.50 -0.09
CA LEU A 253 35.53 -14.96 -0.80
C LEU A 253 35.35 -15.05 -2.32
N VAL A 254 34.97 -16.22 -2.83
CA VAL A 254 34.70 -16.45 -4.26
C VAL A 254 33.49 -15.66 -4.76
N PHE A 255 32.49 -15.42 -3.92
CA PHE A 255 31.33 -14.58 -4.24
C PHE A 255 31.73 -13.12 -4.49
N VAL A 256 32.63 -12.55 -3.68
CA VAL A 256 33.17 -11.19 -3.91
C VAL A 256 33.86 -11.11 -5.27
N ASP A 257 34.65 -12.13 -5.62
CA ASP A 257 35.34 -12.21 -6.91
C ASP A 257 34.35 -12.41 -8.08
N ALA A 258 33.27 -13.18 -7.89
CA ALA A 258 32.22 -13.36 -8.88
C ALA A 258 31.49 -12.04 -9.20
N VAL A 259 31.13 -11.27 -8.19
CA VAL A 259 30.50 -9.94 -8.35
C VAL A 259 31.45 -9.00 -9.10
N ALA A 260 32.74 -8.99 -8.75
CA ALA A 260 33.74 -8.17 -9.41
C ALA A 260 33.91 -8.57 -10.90
N PHE A 261 34.01 -9.87 -11.20
CA PHE A 261 34.22 -10.37 -12.54
C PHE A 261 33.03 -10.07 -13.46
N LEU A 262 31.82 -10.48 -13.06
CA LEU A 262 30.61 -10.38 -13.88
C LEU A 262 30.15 -8.93 -14.12
N THR A 263 30.53 -8.03 -13.20
CA THR A 263 30.04 -6.68 -13.29
C THR A 263 30.62 -6.08 -14.51
N GLY A 264 31.89 -6.41 -14.81
CA GLY A 264 32.62 -5.65 -15.78
C GLY A 264 33.24 -4.52 -15.02
N LYS A 265 33.28 -4.68 -13.68
CA LYS A 265 33.89 -3.70 -12.85
C LYS A 265 33.16 -2.42 -13.03
N ARG A 266 31.85 -2.51 -13.33
CA ARG A 266 31.06 -1.32 -13.32
C ARG A 266 31.09 -0.82 -11.91
N LEU A 267 30.89 -1.73 -10.96
CA LEU A 267 31.06 -1.37 -9.58
C LEU A 267 32.22 -2.17 -9.07
N SER A 268 33.11 -1.52 -8.30
CA SER A 268 34.20 -2.28 -7.76
C SER A 268 34.48 -1.76 -6.38
N LEU A 269 35.17 -2.57 -5.55
CA LEU A 269 35.61 -2.11 -4.26
C LEU A 269 37.10 -1.98 -4.33
N PRO A 270 37.61 -0.97 -3.71
CA PRO A 270 38.91 -0.49 -4.02
C PRO A 270 39.87 -1.52 -3.61
N LEU A 271 40.98 -1.56 -4.34
CA LEU A 271 42.04 -2.45 -3.99
C LEU A 271 42.56 -2.00 -2.67
N ASP A 272 42.61 -0.67 -2.51
CA ASP A 272 43.38 0.02 -1.49
C ASP A 272 42.74 -0.17 -0.09
N ARG A 273 43.57 -0.48 0.90
CA ARG A 273 43.17 -0.63 2.31
C ARG A 273 44.08 0.18 3.20
N TYR A 274 43.49 0.98 4.09
CA TYR A 274 44.24 1.75 5.07
C TYR A 274 44.14 1.10 6.44
N ILE A 275 45.29 0.83 7.06
CA ILE A 275 45.38 0.21 8.38
C ILE A 275 46.12 1.17 9.32
N LEU A 276 45.55 1.39 10.50
CA LEU A 276 46.19 2.02 11.65
C LEU A 276 46.10 1.07 12.84
N VAL A 277 47.19 0.90 13.58
CA VAL A 277 47.21 0.10 14.80
C VAL A 277 47.48 1.03 15.97
N ASP A 278 46.46 1.23 16.79
CA ASP A 278 46.55 1.99 18.02
C ASP A 278 46.91 1.02 19.16
N ILE A 279 47.98 1.34 19.89
CA ILE A 279 48.40 0.68 21.12
C ILE A 279 47.98 1.61 22.26
N ASP A 280 46.80 1.37 22.80
CA ASP A 280 46.27 2.12 23.93
C ASP A 280 47.04 1.76 25.22
N ASP A 281 46.81 2.55 26.26
CA ASP A 281 47.24 2.23 27.62
C ASP A 281 48.78 2.18 27.79
N ILE A 282 49.54 2.96 27.01
CA ILE A 282 50.97 3.15 27.23
C ILE A 282 51.20 3.77 28.61
N PHE A 283 52.19 3.19 29.33
CA PHE A 283 52.51 3.70 30.63
C PHE A 283 51.26 3.63 31.44
N VAL A 284 50.39 2.66 31.10
CA VAL A 284 49.18 2.47 31.85
C VAL A 284 49.11 1.02 32.21
N GLY A 285 48.54 0.72 33.39
CA GLY A 285 48.23 -0.64 33.68
C GLY A 285 48.70 -0.90 35.07
N LYS A 286 48.42 -2.12 35.56
CA LYS A 286 48.86 -2.53 36.86
C LYS A 286 50.29 -2.93 36.72
N GLU A 287 51.01 -3.10 37.85
CA GLU A 287 52.36 -3.51 37.70
C GLU A 287 52.35 -4.85 37.04
N GLY A 288 53.33 -5.08 36.15
CA GLY A 288 53.40 -6.29 35.40
C GLY A 288 52.74 -6.05 34.08
N THR A 289 51.89 -5.01 34.03
CA THR A 289 51.28 -4.64 32.78
C THR A 289 52.38 -4.11 31.92
N ARG A 290 53.28 -3.33 32.53
CA ARG A 290 54.26 -2.64 31.75
C ARG A 290 55.09 -3.66 31.07
N MET A 291 55.57 -3.32 29.86
CA MET A 291 56.08 -4.34 29.01
C MET A 291 57.40 -4.80 29.52
N LYS A 292 57.68 -6.09 29.30
CA LYS A 292 58.97 -6.64 29.59
C LYS A 292 59.96 -6.19 28.54
N VAL A 293 61.25 -6.29 28.88
CA VAL A 293 62.32 -5.89 27.94
C VAL A 293 62.28 -6.67 26.62
N GLU A 294 62.07 -7.98 26.68
CA GLU A 294 62.08 -8.88 25.51
C GLU A 294 60.80 -8.77 24.68
N ASP A 295 59.68 -8.40 25.30
CA ASP A 295 58.43 -8.13 24.61
C ASP A 295 58.50 -6.81 23.82
N VAL A 296 59.12 -5.78 24.40
CA VAL A 296 59.35 -4.49 23.74
C VAL A 296 60.30 -4.63 22.54
N LYS A 297 61.35 -5.45 22.66
CA LYS A 297 62.21 -5.79 21.51
C LYS A 297 61.44 -6.52 20.41
N ALA A 298 60.64 -7.52 20.79
CA ALA A 298 59.81 -8.25 19.82
C ALA A 298 58.78 -7.34 19.12
N LEU A 299 58.22 -6.36 19.82
CA LEU A 299 57.33 -5.34 19.25
C LEU A 299 58.05 -4.52 18.18
N PHE A 300 59.26 -4.03 18.48
CA PHE A 300 60.09 -3.29 17.53
C PHE A 300 60.50 -4.14 16.32
N ASP A 301 60.95 -5.37 16.54
CA ASP A 301 61.36 -6.29 15.47
C ASP A 301 60.18 -6.63 14.54
N THR A 302 59.01 -6.90 15.12
CA THR A 302 57.79 -7.20 14.34
C THR A 302 57.31 -5.99 13.56
N GLN A 303 57.43 -4.77 14.12
CA GLN A 303 57.15 -3.55 13.37
C GLN A 303 58.02 -3.47 12.10
N ASN A 304 59.30 -3.81 12.20
CA ASN A 304 60.22 -3.83 11.07
C ASN A 304 59.91 -4.94 10.06
N GLU A 305 59.48 -6.12 10.50
CA GLU A 305 58.99 -7.16 9.59
C GLU A 305 57.73 -6.72 8.85
N LEU A 306 56.76 -6.11 9.54
CA LEU A 306 55.52 -5.64 8.92
C LEU A 306 55.76 -4.55 7.87
N ARG A 307 56.75 -3.71 8.13
CA ARG A 307 57.08 -2.60 7.29
C ARG A 307 57.40 -3.18 5.96
N ALA A 308 58.08 -4.35 5.97
CA ALA A 308 58.45 -4.95 4.73
C ALA A 308 57.19 -5.27 3.99
N HIS A 309 56.20 -5.84 4.71
CA HIS A 309 54.97 -6.16 4.08
C HIS A 309 54.39 -4.89 3.55
N ILE A 310 54.20 -3.90 4.43
CA ILE A 310 53.64 -2.67 3.97
C ILE A 310 54.48 -1.55 4.47
N PRO A 311 54.79 -0.70 3.55
CA PRO A 311 55.76 0.33 3.76
C PRO A 311 55.25 1.32 4.75
N ASN A 312 56.16 2.03 5.45
CA ASN A 312 55.80 3.12 6.31
C ASN A 312 54.74 2.66 7.24
N PHE A 313 54.96 1.48 7.85
CA PHE A 313 54.09 1.10 8.91
C PHE A 313 54.41 1.93 10.11
N THR A 314 53.34 2.36 10.80
CA THR A 314 53.60 3.04 12.02
C THR A 314 52.72 2.45 13.08
N PHE A 315 53.23 2.43 14.32
CA PHE A 315 52.43 2.20 15.49
C PHE A 315 52.16 3.51 16.19
N ASN A 316 50.90 3.62 16.59
CA ASN A 316 50.39 4.83 17.22
C ASN A 316 50.13 4.56 18.70
N LEU A 317 50.86 5.24 19.57
CA LEU A 317 50.99 4.96 21.00
C LEU A 317 50.09 5.90 21.83
N GLY A 318 49.06 5.33 22.46
CA GLY A 318 48.10 6.05 23.32
C GLY A 318 48.55 6.05 24.77
N TYR A 319 48.85 7.20 25.37
CA TYR A 319 49.49 7.25 26.70
C TYR A 319 48.68 7.97 27.80
N SER A 320 48.84 7.50 29.05
CA SER A 320 48.29 8.25 30.13
C SER A 320 49.46 8.69 30.95
N GLY A 321 49.54 10.00 31.25
CA GLY A 321 50.66 10.52 31.97
C GLY A 321 50.67 9.97 33.36
N LYS A 322 49.50 9.95 34.02
CA LYS A 322 49.44 9.71 35.44
C LYS A 322 49.96 8.34 35.68
N PHE A 323 49.48 7.37 34.87
CA PHE A 323 49.81 6.00 35.06
C PHE A 323 51.26 5.83 34.80
N PHE A 324 51.80 6.61 33.84
CA PHE A 324 53.15 6.45 33.36
C PHE A 324 54.11 6.40 34.50
N HIS A 325 55.20 5.65 34.29
CA HIS A 325 56.19 5.45 35.31
C HIS A 325 55.55 4.76 36.48
N THR A 326 54.57 3.86 36.22
CA THR A 326 54.13 2.92 37.22
C THR A 326 55.26 1.99 37.48
N GLY A 327 55.97 1.61 36.40
CA GLY A 327 56.73 0.39 36.39
C GLY A 327 57.90 0.49 37.31
N THR A 328 58.52 -0.67 37.57
CA THR A 328 59.69 -0.80 38.40
C THR A 328 60.87 -0.59 37.52
N ASN A 329 62.06 -1.02 37.96
CA ASN A 329 63.24 -0.67 37.14
C ASN A 329 63.19 -1.24 35.69
N ALA A 330 62.64 -2.44 35.51
CA ALA A 330 62.51 -3.05 34.19
C ALA A 330 61.36 -2.44 33.36
N GLU A 331 60.31 -1.97 34.01
CA GLU A 331 59.17 -1.27 33.39
C GLU A 331 59.53 0.19 33.09
N ASP A 332 60.26 0.86 33.97
CA ASP A 332 60.77 2.22 33.74
C ASP A 332 61.77 2.26 32.58
N ALA A 333 62.62 1.23 32.44
CA ALA A 333 63.44 1.04 31.24
C ALA A 333 62.58 0.78 29.97
N GLY A 334 61.38 0.21 30.14
CA GLY A 334 60.38 0.11 29.09
C GLY A 334 59.82 1.49 28.71
N ASP A 335 59.45 2.31 29.70
CA ASP A 335 59.01 3.69 29.51
C ASP A 335 60.09 4.53 28.76
N ASP A 336 61.36 4.39 29.13
CA ASP A 336 62.50 5.03 28.46
C ASP A 336 62.63 4.61 27.00
N LEU A 337 62.52 3.31 26.72
CA LEU A 337 62.60 2.82 25.34
C LEU A 337 61.42 3.33 24.51
N LEU A 338 60.22 3.40 25.10
CA LEU A 338 59.02 3.96 24.46
C LEU A 338 59.23 5.40 24.02
N LEU A 339 59.85 6.21 24.88
CA LEU A 339 60.20 7.59 24.56
C LEU A 339 61.35 7.70 23.55
N SER A 340 62.31 6.77 23.57
CA SER A 340 63.32 6.68 22.51
C SER A 340 62.71 6.37 21.13
N TYR A 341 61.54 5.70 21.19
CA TYR A 341 60.76 5.44 20.01
C TYR A 341 60.37 6.75 19.47
N VAL A 342 60.17 7.77 20.36
CA VAL A 342 59.05 8.69 20.33
C VAL A 342 58.96 9.34 19.00
N LYS A 343 60.10 9.78 18.44
CA LYS A 343 60.11 10.52 17.22
C LYS A 343 59.52 9.68 16.12
N GLU A 344 60.03 8.45 15.96
CA GLU A 344 59.58 7.51 14.98
C GLU A 344 58.14 7.19 15.26
N PHE A 345 57.80 6.94 16.53
CA PHE A 345 56.50 6.36 16.76
C PHE A 345 55.50 7.45 16.79
N TRP A 346 54.30 7.14 16.36
CA TRP A 346 53.26 8.16 16.52
C TRP A 346 52.68 8.09 17.93
N TRP A 347 52.14 9.20 18.42
CA TRP A 347 51.64 9.30 19.79
C TRP A 347 50.30 10.04 19.84
N PHE A 348 49.46 9.66 20.80
CA PHE A 348 48.22 10.38 21.13
C PHE A 348 47.90 10.30 22.62
N PRO A 349 47.24 11.32 23.19
CA PRO A 349 46.88 11.32 24.60
C PRO A 349 45.55 10.58 24.86
N HIS A 350 45.52 9.91 26.04
CA HIS A 350 44.30 9.57 26.72
C HIS A 350 44.32 10.43 27.94
N MET A 351 43.14 10.78 28.51
CA MET A 351 43.09 11.87 29.42
C MET A 351 43.83 11.47 30.63
N TRP A 352 44.58 12.42 31.21
CA TRP A 352 45.20 12.22 32.48
C TRP A 352 44.06 12.01 33.42
N SER A 353 43.05 12.90 33.30
CA SER A 353 41.90 12.84 34.16
C SER A 353 41.18 11.56 33.88
N HIS A 354 41.05 11.22 32.58
CA HIS A 354 40.20 10.13 32.21
C HIS A 354 38.83 10.44 32.71
N MET A 355 38.48 11.74 32.73
CA MET A 355 37.18 12.14 33.18
C MET A 355 36.23 11.98 32.05
N GLN A 356 34.94 11.79 32.41
CA GLN A 356 33.95 11.79 31.38
C GLN A 356 33.21 13.07 31.52
N PRO A 357 32.93 13.62 30.38
CA PRO A 357 32.39 14.93 30.31
C PRO A 357 31.06 14.94 30.97
N HIS A 358 30.41 13.76 31.10
CA HIS A 358 29.12 13.76 31.72
C HIS A 358 29.32 14.13 33.15
N LEU A 359 30.39 13.58 33.75
CA LEU A 359 30.60 13.67 35.16
C LEU A 359 30.79 15.10 35.53
N PHE A 360 31.63 15.82 34.79
CA PHE A 360 31.64 17.16 35.24
C PHE A 360 30.93 17.95 34.25
N HIS A 361 30.02 18.78 34.79
CA HIS A 361 29.35 19.77 34.03
C HIS A 361 30.37 20.74 33.51
N ASN A 362 31.39 21.10 34.31
CA ASN A 362 32.19 22.24 33.90
C ASN A 362 33.11 21.85 32.79
N GLN A 363 33.10 22.63 31.69
CA GLN A 363 34.05 22.45 30.58
C GLN A 363 35.48 22.85 30.95
N SER A 364 35.65 23.86 31.80
CA SER A 364 36.95 24.36 32.24
C SER A 364 37.80 23.27 32.92
N VAL A 365 37.19 22.39 33.71
CA VAL A 365 37.88 21.27 34.39
C VAL A 365 38.40 20.25 33.38
N LEU A 366 37.60 19.96 32.33
CA LEU A 366 38.01 19.07 31.25
C LEU A 366 39.17 19.68 30.44
N ALA A 367 39.06 20.96 30.11
CA ALA A 367 40.09 21.69 29.37
C ALA A 367 41.42 21.76 30.15
N GLU A 368 41.36 21.93 31.47
CA GLU A 368 42.55 21.95 32.33
C GLU A 368 43.27 20.59 32.36
N GLN A 369 42.51 19.48 32.52
CA GLN A 369 43.07 18.13 32.42
C GLN A 369 43.69 17.86 31.05
N MET A 370 43.08 18.35 29.98
CA MET A 370 43.62 18.24 28.63
C MET A 370 44.91 19.07 28.46
N ALA A 371 44.96 20.28 29.03
CA ALA A 371 46.12 21.16 28.95
C ALA A 371 47.33 20.58 29.69
N LEU A 372 47.12 19.94 30.85
CA LEU A 372 48.18 19.22 31.57
C LEU A 372 48.76 18.07 30.74
N ASN A 373 47.89 17.26 30.11
CA ASN A 373 48.35 16.16 29.26
C ASN A 373 49.08 16.67 28.00
N LYS A 374 48.65 17.82 27.46
CA LYS A 374 49.33 18.49 26.35
C LYS A 374 50.71 19.02 26.74
N LYS A 375 50.85 19.54 27.97
CA LYS A 375 52.15 20.02 28.47
C LYS A 375 53.16 18.87 28.59
N PHE A 376 52.72 17.73 29.13
CA PHE A 376 53.53 16.51 29.19
C PHE A 376 53.97 16.06 27.79
N ALA A 377 53.06 16.08 26.82
CA ALA A 377 53.36 15.72 25.44
C ALA A 377 54.45 16.61 24.83
N VAL A 378 54.38 17.93 25.05
CA VAL A 378 55.40 18.88 24.59
C VAL A 378 56.74 18.64 25.27
N GLU A 379 56.77 18.42 26.59
CA GLU A 379 58.00 18.13 27.34
C GLU A 379 58.72 16.88 26.84
N HIS A 380 57.96 15.85 26.44
CA HIS A 380 58.48 14.72 25.73
C HIS A 380 59.01 15.24 24.43
N GLY A 381 58.26 16.18 23.81
CA GLY A 381 58.55 16.61 22.49
C GLY A 381 57.74 15.76 21.58
N ILE A 382 56.75 15.04 22.16
CA ILE A 382 55.88 14.26 21.34
C ILE A 382 55.11 15.23 20.50
N PRO A 383 55.04 14.91 19.24
CA PRO A 383 54.75 15.91 18.26
C PRO A 383 53.40 16.54 18.48
N THR A 384 53.34 17.87 18.41
CA THR A 384 52.11 18.61 18.48
C THR A 384 51.32 18.32 17.25
N ASP A 385 52.05 18.17 16.12
CA ASP A 385 51.45 18.33 14.82
C ASP A 385 50.34 17.35 14.64
N MET A 386 50.53 16.11 15.16
CA MET A 386 49.53 15.08 15.00
C MET A 386 48.27 15.56 15.64
N GLY A 387 48.35 16.09 16.88
CA GLY A 387 47.24 16.79 17.45
C GLY A 387 46.14 15.81 17.52
N TYR A 388 46.50 14.55 17.76
CA TYR A 388 45.48 13.54 17.76
C TYR A 388 45.37 12.93 19.11
N ALA A 389 44.11 12.79 19.56
CA ALA A 389 43.92 12.03 20.76
C ALA A 389 42.67 11.21 20.65
N VAL A 390 42.55 10.20 21.54
CA VAL A 390 41.29 9.52 21.63
C VAL A 390 40.97 9.31 23.09
N ALA A 391 39.67 9.27 23.40
CA ALA A 391 39.28 9.05 24.75
C ALA A 391 39.61 7.65 25.15
N PRO A 392 40.12 7.54 26.31
CA PRO A 392 40.53 6.28 26.84
C PRO A 392 39.34 5.38 26.87
N HIS A 393 39.41 4.22 26.20
CA HIS A 393 38.30 3.32 26.20
C HIS A 393 37.11 4.07 25.68
N HIS A 394 37.33 5.07 24.80
CA HIS A 394 36.25 5.86 24.26
C HIS A 394 35.46 6.39 25.42
N SER A 395 36.14 6.76 26.50
CA SER A 395 35.40 7.14 27.66
C SER A 395 34.85 8.50 27.41
N GLY A 396 33.60 8.73 27.88
CA GLY A 396 32.99 10.02 27.91
C GLY A 396 32.70 10.46 26.52
N VAL A 397 32.89 9.55 25.54
CA VAL A 397 32.57 9.87 24.18
C VAL A 397 31.13 10.28 24.18
N TYR A 398 30.29 9.51 24.89
CA TYR A 398 28.88 9.73 24.84
C TYR A 398 28.31 9.59 26.23
N PRO A 399 27.13 10.19 26.50
CA PRO A 399 26.36 10.85 25.48
C PRO A 399 27.13 12.08 25.06
N VAL A 400 26.99 12.54 23.79
CA VAL A 400 27.80 13.65 23.34
C VAL A 400 27.51 14.80 24.24
N HIS A 401 28.58 15.42 24.80
CA HIS A 401 28.43 16.59 25.61
C HIS A 401 29.02 17.66 24.77
N VAL A 402 28.30 18.78 24.64
CA VAL A 402 28.86 19.88 23.84
C VAL A 402 30.17 20.43 24.42
N GLN A 403 30.27 20.49 25.75
CA GLN A 403 31.44 20.95 26.49
C GLN A 403 32.70 20.12 26.20
N LEU A 404 32.56 18.82 25.94
CA LEU A 404 33.69 17.95 25.58
C LEU A 404 34.25 18.36 24.20
N TYR A 405 33.37 18.59 23.23
CA TYR A 405 33.75 18.96 21.86
C TYR A 405 34.44 20.33 21.83
N GLU A 406 33.93 21.29 22.61
CA GLU A 406 34.53 22.61 22.80
C GLU A 406 35.92 22.50 23.45
N ALA A 407 36.04 21.78 24.56
CA ALA A 407 37.30 21.59 25.28
C ALA A 407 38.37 20.88 24.42
N TRP A 408 37.96 19.88 23.63
CA TRP A 408 38.86 19.17 22.71
C TRP A 408 39.44 20.06 21.63
N LYS A 409 38.63 20.95 21.03
CA LYS A 409 39.14 21.95 20.09
C LYS A 409 40.08 22.93 20.78
N GLN A 410 39.68 23.41 21.95
CA GLN A 410 40.41 24.43 22.69
C GLN A 410 41.81 23.96 23.13
N VAL A 411 41.93 22.73 23.65
CA VAL A 411 43.19 22.26 24.27
C VAL A 411 44.06 21.46 23.31
N TRP A 412 43.44 20.64 22.46
CA TRP A 412 44.14 19.63 21.64
C TRP A 412 43.95 19.81 20.13
N SER A 413 42.98 20.67 19.76
CA SER A 413 42.65 20.97 18.40
C SER A 413 42.59 19.73 17.59
N ILE A 414 41.80 18.73 18.03
CA ILE A 414 41.89 17.47 17.35
C ILE A 414 40.83 17.42 16.29
N ARG A 415 41.25 17.29 15.01
CA ARG A 415 40.40 17.21 13.86
C ARG A 415 39.68 15.90 13.96
N VAL A 416 40.43 14.90 14.41
CA VAL A 416 40.05 13.49 14.30
C VAL A 416 39.94 12.85 15.66
N THR A 417 38.99 11.94 15.82
CA THR A 417 38.92 10.99 16.93
C THR A 417 38.41 9.65 16.40
N SER A 418 38.30 8.64 17.26
CA SER A 418 37.74 7.34 16.87
C SER A 418 36.94 6.71 18.01
N THR A 419 35.99 5.86 17.64
CA THR A 419 35.14 5.15 18.60
C THR A 419 34.63 3.82 18.03
N GLU A 420 34.65 2.78 18.89
CA GLU A 420 34.23 1.45 18.56
C GLU A 420 32.74 1.42 18.49
N GLU A 421 32.10 2.14 19.41
CA GLU A 421 30.75 1.82 19.77
C GLU A 421 29.90 2.08 18.59
N TYR A 422 30.29 3.08 17.77
CA TYR A 422 29.33 3.79 16.95
C TYR A 422 29.67 3.50 15.53
N PRO A 423 28.76 3.78 14.68
CA PRO A 423 27.41 4.19 14.96
C PRO A 423 26.69 3.09 15.71
N HIS A 424 27.09 1.84 15.50
CA HIS A 424 26.39 0.78 16.15
C HIS A 424 27.43 -0.18 16.50
N LEU A 425 27.16 -0.97 17.55
CA LEU A 425 28.15 -1.88 18.04
C LEU A 425 28.45 -2.85 16.93
N LYS A 426 27.39 -3.33 16.27
CA LYS A 426 27.55 -4.19 15.14
C LYS A 426 26.43 -3.90 14.22
N PRO A 427 26.59 -4.29 13.00
CA PRO A 427 27.81 -4.89 12.50
C PRO A 427 28.91 -3.86 12.47
N ALA A 428 30.16 -4.33 12.45
CA ALA A 428 31.27 -3.44 12.28
C ALA A 428 31.08 -2.79 10.95
N ARG A 429 30.64 -3.58 9.95
CA ARG A 429 30.52 -3.09 8.61
C ARG A 429 29.54 -1.98 8.66
N TYR A 430 28.52 -2.14 9.52
CA TYR A 430 27.49 -1.16 9.63
C TYR A 430 28.13 0.14 10.02
N ARG A 431 29.07 0.10 10.97
CA ARG A 431 29.65 1.30 11.50
C ARG A 431 30.24 2.10 10.38
N ARG A 432 30.00 3.42 10.43
CA ARG A 432 30.55 4.32 9.46
C ARG A 432 31.04 5.44 10.28
N GLY A 433 32.07 6.17 9.80
CA GLY A 433 32.52 7.30 10.57
C GLY A 433 31.52 8.38 10.33
N PHE A 434 31.47 9.35 11.27
CA PHE A 434 30.64 10.54 11.13
C PHE A 434 31.47 11.81 11.36
N ILE A 435 30.95 12.96 10.94
CA ILE A 435 31.55 14.27 11.26
C ILE A 435 30.60 15.03 12.18
N HIS A 436 31.12 15.53 13.29
CA HIS A 436 30.37 16.38 14.20
C HIS A 436 31.23 17.52 14.73
N ASN A 437 30.68 18.75 14.68
CA ASN A 437 31.43 19.90 15.13
C ASN A 437 32.77 20.00 14.42
N GLY A 438 32.91 19.41 13.21
CA GLY A 438 34.06 19.65 12.39
C GLY A 438 35.07 18.60 12.67
N ILE A 439 34.91 17.86 13.78
CA ILE A 439 35.78 16.72 14.13
C ILE A 439 35.28 15.48 13.37
N MET A 440 36.21 14.82 12.68
CA MET A 440 36.01 13.57 11.96
C MET A 440 36.14 12.38 12.91
N VAL A 441 35.07 11.62 13.12
CA VAL A 441 35.05 10.44 14.00
C VAL A 441 35.16 9.17 13.15
N LEU A 442 36.18 8.36 13.41
CA LEU A 442 36.43 7.10 12.68
C LEU A 442 35.96 5.87 13.45
N PRO A 443 35.52 4.80 12.75
CA PRO A 443 35.12 3.55 13.39
C PRO A 443 36.34 2.74 13.85
N ARG A 444 36.40 2.46 15.15
CA ARG A 444 37.45 1.54 15.63
C ARG A 444 37.03 0.09 15.50
N GLN A 445 37.99 -0.77 15.19
CA GLN A 445 37.82 -2.22 15.03
C GLN A 445 38.56 -2.96 16.14
N THR A 446 38.00 -4.10 16.55
CA THR A 446 38.65 -5.03 17.49
C THR A 446 39.43 -6.07 16.69
N CYS A 447 40.59 -6.48 17.26
CA CYS A 447 41.24 -7.72 16.97
C CYS A 447 40.32 -8.78 17.49
N GLY A 448 39.44 -8.39 18.44
CA GLY A 448 38.60 -9.34 19.10
C GLY A 448 38.83 -9.22 20.57
N LEU A 449 39.90 -8.50 20.97
CA LEU A 449 40.03 -8.21 22.37
C LEU A 449 38.99 -7.17 22.68
N PHE A 450 38.42 -7.24 23.88
CA PHE A 450 37.36 -6.33 24.18
C PHE A 450 37.78 -5.49 25.33
N THR A 451 37.67 -4.16 25.16
CA THR A 451 37.91 -3.24 26.24
C THR A 451 36.83 -3.43 27.24
N HIS A 452 35.59 -3.63 26.75
CA HIS A 452 34.42 -3.53 27.58
C HIS A 452 34.57 -4.54 28.67
N THR A 453 34.93 -5.78 28.30
CA THR A 453 35.10 -6.75 29.33
C THR A 453 36.42 -6.46 29.97
N ILE A 454 36.53 -6.70 31.29
CA ILE A 454 37.76 -6.42 31.95
C ILE A 454 38.78 -7.33 31.35
N PHE A 455 38.43 -8.63 31.34
CA PHE A 455 39.19 -9.56 30.58
C PHE A 455 38.26 -10.31 29.68
N TYR A 456 38.68 -10.36 28.42
CA TYR A 456 38.14 -11.12 27.34
C TYR A 456 38.43 -12.55 27.67
N ASN A 457 39.67 -12.79 28.15
CA ASN A 457 40.08 -14.13 28.38
C ASN A 457 39.18 -14.72 29.39
N GLU A 458 38.94 -13.96 30.48
CA GLU A 458 38.32 -14.50 31.66
C GLU A 458 36.98 -14.99 31.24
N TYR A 459 36.32 -14.26 30.30
CA TYR A 459 34.94 -14.48 30.01
C TYR A 459 34.85 -15.24 28.73
N PRO A 460 33.85 -16.11 28.73
CA PRO A 460 33.80 -17.20 27.81
C PRO A 460 33.76 -16.72 26.40
N GLY A 461 33.92 -17.69 25.47
CA GLY A 461 34.11 -17.47 24.07
C GLY A 461 35.44 -18.08 23.72
N GLY A 462 36.38 -18.08 24.68
CA GLY A 462 37.41 -19.08 24.61
C GLY A 462 38.47 -18.65 23.67
N SER A 463 39.59 -19.42 23.66
CA SER A 463 40.72 -19.19 22.75
C SER A 463 40.39 -19.50 21.29
N SER A 464 39.55 -20.52 21.05
CA SER A 464 39.08 -20.88 19.70
C SER A 464 38.28 -19.78 19.01
N GLU A 465 37.62 -18.89 19.76
CA GLU A 465 36.83 -17.81 19.16
C GLU A 465 37.74 -16.72 18.58
N LEU A 466 38.89 -16.44 19.22
CA LEU A 466 39.93 -15.58 18.64
C LEU A 466 40.46 -16.18 17.34
N ASP A 467 40.78 -17.47 17.34
CA ASP A 467 41.27 -18.15 16.13
C ASP A 467 40.24 -18.12 15.01
N LYS A 468 38.95 -18.26 15.35
CA LYS A 468 37.85 -18.25 14.39
C LYS A 468 37.65 -16.88 13.75
N ILE A 469 37.79 -15.78 14.49
CA ILE A 469 37.70 -14.42 13.91
C ILE A 469 38.87 -14.13 12.99
N ILE A 470 40.06 -14.70 13.26
CA ILE A 470 41.26 -14.60 12.42
C ILE A 470 41.15 -15.47 11.17
N ASN A 471 40.70 -16.73 11.33
CA ASN A 471 40.48 -17.54 10.17
C ASN A 471 39.09 -17.32 9.69
N GLY A 472 38.97 -16.47 8.67
CA GLY A 472 37.74 -16.37 7.96
C GLY A 472 36.77 -15.76 8.91
N GLY A 473 37.25 -15.11 10.00
CA GLY A 473 36.34 -14.71 11.03
C GLY A 473 35.95 -13.29 10.81
N GLU A 474 35.47 -12.72 11.91
CA GLU A 474 35.04 -11.31 11.94
C GLU A 474 36.19 -10.31 11.76
N LEU A 475 37.36 -10.57 12.34
CA LEU A 475 38.52 -9.68 12.21
C LEU A 475 39.08 -9.69 10.78
N PHE A 476 39.19 -10.87 10.17
CA PHE A 476 39.54 -11.01 8.76
C PHE A 476 38.54 -10.29 7.84
N LEU A 477 37.24 -10.52 8.04
CA LEU A 477 36.17 -9.86 7.27
C LEU A 477 36.21 -8.33 7.41
N THR A 478 36.56 -7.84 8.59
CA THR A 478 36.68 -6.39 8.84
C THR A 478 37.73 -5.78 7.92
N VAL A 479 38.93 -6.39 7.82
CA VAL A 479 39.97 -5.93 6.89
C VAL A 479 39.57 -6.15 5.43
N LEU A 480 38.93 -7.28 5.12
CA LEU A 480 38.49 -7.58 3.76
C LEU A 480 37.52 -6.52 3.22
N LEU A 481 36.55 -6.10 4.04
CA LEU A 481 35.41 -5.25 3.63
C LEU A 481 35.57 -3.77 3.97
N ASN A 482 36.51 -3.40 4.92
CA ASN A 482 36.44 -2.04 5.29
C ASN A 482 37.67 -1.43 4.76
N PRO A 483 37.42 -0.38 4.03
CA PRO A 483 38.50 0.19 3.30
C PRO A 483 39.49 0.80 4.22
N ILE A 484 39.03 1.24 5.40
CA ILE A 484 39.83 1.81 6.49
C ILE A 484 39.54 1.01 7.76
N SER A 485 40.60 0.53 8.42
CA SER A 485 40.52 -0.22 9.68
C SER A 485 41.51 0.36 10.71
N ILE A 486 40.98 0.84 11.83
CA ILE A 486 41.77 1.27 13.00
C ILE A 486 41.64 0.17 14.05
N PHE A 487 42.69 -0.59 14.28
CA PHE A 487 42.68 -1.69 15.24
C PHE A 487 43.11 -1.21 16.61
N MET A 488 42.29 -1.49 17.62
CA MET A 488 42.59 -1.23 19.03
C MET A 488 43.32 -2.41 19.64
N THR A 489 44.47 -2.13 20.24
CA THR A 489 45.28 -3.04 21.07
C THR A 489 45.73 -2.29 22.33
N HIS A 490 46.40 -2.97 23.26
CA HIS A 490 46.86 -2.37 24.52
C HIS A 490 48.33 -2.72 24.75
N LEU A 491 49.08 -1.81 25.45
CA LEU A 491 50.39 -2.12 25.91
C LEU A 491 50.21 -3.19 26.94
N SER A 492 49.15 -3.03 27.75
CA SER A 492 48.84 -3.98 28.78
C SER A 492 48.56 -5.27 28.12
N ASN A 493 48.03 -5.19 26.87
CA ASN A 493 47.61 -6.34 26.13
C ASN A 493 48.79 -7.21 25.97
N TYR A 494 49.96 -6.57 25.72
CA TYR A 494 51.18 -7.25 25.38
C TYR A 494 51.57 -8.08 26.54
N GLY A 495 51.61 -7.48 27.73
CA GLY A 495 51.86 -8.26 28.90
C GLY A 495 50.68 -9.15 29.04
N ASN A 496 50.90 -10.46 28.79
CA ASN A 496 49.78 -11.31 28.58
C ASN A 496 50.25 -12.54 27.88
N ASP A 497 49.29 -13.22 27.24
CA ASP A 497 49.55 -14.36 26.43
C ASP A 497 50.34 -13.88 25.26
N ARG A 498 50.23 -12.56 24.97
CA ARG A 498 50.68 -12.03 23.72
C ARG A 498 49.81 -12.62 22.66
N LEU A 499 48.52 -12.77 23.03
CA LEU A 499 47.48 -13.11 22.05
C LEU A 499 47.25 -12.03 20.99
N GLY A 500 47.43 -10.75 21.34
CA GLY A 500 47.38 -9.65 20.39
C GLY A 500 48.43 -9.80 19.28
N LEU A 501 49.67 -10.11 19.64
CA LEU A 501 50.77 -10.32 18.68
C LEU A 501 50.50 -11.55 17.80
N TYR A 502 50.08 -12.66 18.42
CA TYR A 502 49.70 -13.87 17.70
C TYR A 502 48.64 -13.57 16.63
N THR A 503 47.55 -12.93 17.04
CA THR A 503 46.38 -12.65 16.19
C THR A 503 46.76 -11.85 14.94
N PHE A 504 47.45 -10.70 15.11
CA PHE A 504 47.76 -9.84 13.96
C PHE A 504 48.86 -10.42 13.06
N LYS A 505 49.86 -11.11 13.64
CA LYS A 505 50.93 -11.74 12.86
C LYS A 505 50.38 -12.85 11.96
N HIS A 506 49.47 -13.67 12.49
CA HIS A 506 48.81 -14.73 11.72
C HIS A 506 47.81 -14.17 10.70
N LEU A 507 47.02 -13.15 11.05
CA LEU A 507 46.07 -12.50 10.13
C LEU A 507 46.78 -11.92 8.89
N VAL A 508 47.85 -11.16 9.09
CA VAL A 508 48.60 -10.53 8.00
C VAL A 508 49.20 -11.57 7.07
N ARG A 509 49.75 -12.65 7.64
CA ARG A 509 50.30 -13.75 6.84
C ARG A 509 49.22 -14.44 6.01
N PHE A 510 48.06 -14.74 6.60
CA PHE A 510 46.94 -15.36 5.90
C PHE A 510 46.39 -14.47 4.76
N LEU A 511 46.21 -13.18 5.01
CA LEU A 511 45.80 -12.21 3.99
C LEU A 511 46.80 -12.16 2.81
N HIS A 512 48.10 -12.18 3.10
CA HIS A 512 49.15 -12.14 2.06
C HIS A 512 49.19 -13.43 1.21
N SER A 513 48.93 -14.59 1.81
CA SER A 513 48.90 -15.88 1.11
C SER A 513 47.73 -16.02 0.13
N TRP A 514 46.55 -15.49 0.48
CA TRP A 514 45.29 -15.77 -0.22
C TRP A 514 44.69 -14.59 -0.98
N THR A 515 45.13 -13.36 -0.64
CA THR A 515 44.55 -12.21 -1.26
C THR A 515 45.63 -11.24 -1.52
N ASN A 516 45.38 -10.30 -2.45
CA ASN A 516 46.23 -9.18 -2.59
C ASN A 516 45.36 -7.98 -2.48
N LEU A 517 45.76 -7.10 -1.56
CA LEU A 517 45.17 -5.81 -1.48
C LEU A 517 46.27 -4.85 -1.23
N ARG A 518 46.12 -3.62 -1.72
CA ARG A 518 47.27 -2.73 -1.49
C ARG A 518 47.12 -2.08 -0.12
N LEU A 519 47.90 -2.57 0.83
CA LEU A 519 47.88 -2.09 2.20
C LEU A 519 48.66 -0.77 2.31
N GLN A 520 48.07 0.20 2.99
CA GLN A 520 48.62 1.53 3.21
C GLN A 520 48.34 1.96 4.66
N THR A 521 49.10 2.97 5.13
CA THR A 521 48.86 3.48 6.44
C THR A 521 48.67 4.93 6.25
N LEU A 522 47.59 5.48 6.82
CA LEU A 522 47.35 6.88 6.64
C LEU A 522 47.24 7.46 8.01
N PRO A 523 47.85 8.59 8.22
CA PRO A 523 47.82 9.23 9.50
C PRO A 523 46.38 9.51 9.75
N PRO A 524 45.92 9.42 10.97
CA PRO A 524 44.48 9.36 11.24
C PRO A 524 43.67 10.58 10.76
N VAL A 525 44.24 11.79 10.86
CA VAL A 525 43.58 13.03 10.42
C VAL A 525 43.41 13.08 8.90
N GLN A 526 44.45 12.79 8.12
CA GLN A 526 44.34 12.72 6.66
C GLN A 526 43.45 11.55 6.22
N LEU A 527 43.51 10.43 6.95
CA LEU A 527 42.66 9.28 6.69
C LEU A 527 41.18 9.64 6.86
N ALA A 528 40.83 10.40 7.90
CA ALA A 528 39.47 10.87 8.10
C ALA A 528 38.99 11.83 7.01
N GLN A 529 39.83 12.78 6.61
CA GLN A 529 39.54 13.67 5.50
C GLN A 529 39.29 12.88 4.21
N LYS A 530 40.11 11.85 3.96
CA LYS A 530 39.94 10.95 2.81
C LYS A 530 38.63 10.15 2.91
N TYR A 531 38.29 9.64 4.09
CA TYR A 531 37.04 8.92 4.33
C TYR A 531 35.81 9.76 3.96
N PHE A 532 35.69 10.96 4.53
CA PHE A 532 34.54 11.83 4.29
C PHE A 532 34.60 12.55 2.93
N GLN A 533 35.70 12.43 2.18
CA GLN A 533 35.75 12.78 0.76
C GLN A 533 35.12 11.67 -0.10
N ILE A 534 35.40 10.40 0.21
CA ILE A 534 34.83 9.24 -0.49
C ILE A 534 33.35 9.07 -0.13
N PHE A 535 32.96 9.18 1.15
CA PHE A 535 31.52 9.24 1.25
C PHE A 535 31.14 10.55 1.82
N SER A 536 30.22 11.16 1.08
CA SER A 536 29.58 12.35 1.47
C SER A 536 28.71 12.00 2.63
N GLU A 537 28.07 10.81 2.55
CA GLU A 537 27.02 10.51 3.48
C GLU A 537 27.58 10.52 4.86
N GLU A 538 28.75 9.91 5.05
CA GLU A 538 29.32 9.86 6.36
C GLU A 538 29.61 11.26 6.79
N LYS A 539 30.11 12.06 5.83
CA LYS A 539 30.52 13.39 6.14
C LYS A 539 29.31 14.10 6.64
N ASP A 540 28.16 13.93 5.95
CA ASP A 540 26.98 14.57 6.42
C ASP A 540 26.61 13.90 7.69
N PRO A 541 26.53 14.66 8.74
CA PRO A 541 26.44 14.08 10.05
C PRO A 541 25.16 13.30 10.13
N LEU A 542 25.17 12.18 10.85
CA LEU A 542 23.96 11.43 11.00
C LEU A 542 23.45 11.78 12.32
N TRP A 543 22.15 12.08 12.40
CA TRP A 543 21.65 12.62 13.61
C TRP A 543 20.84 11.52 14.24
N GLN A 544 21.23 11.06 15.43
CA GLN A 544 20.51 9.98 16.01
C GLN A 544 20.19 10.32 17.41
N ASP A 545 19.09 9.74 17.92
CA ASP A 545 18.78 9.99 19.28
C ASP A 545 19.66 9.15 20.18
N PRO A 546 19.80 9.63 21.37
CA PRO A 546 20.49 8.97 22.46
C PRO A 546 19.72 7.73 22.81
N CYS A 547 18.47 7.63 22.34
CA CYS A 547 17.51 6.68 22.82
C CYS A 547 18.05 5.31 22.56
N GLU A 548 18.78 5.18 21.44
CA GLU A 548 19.22 3.92 20.94
C GLU A 548 20.08 3.27 21.99
N ASP A 549 20.99 4.06 22.59
CA ASP A 549 21.80 3.50 23.64
C ASP A 549 20.99 3.61 24.90
N LYS A 550 20.59 2.44 25.48
CA LYS A 550 19.83 2.50 26.73
C LYS A 550 20.67 3.08 27.88
N ARG A 551 21.96 2.75 27.97
CA ARG A 551 22.81 3.23 29.05
C ARG A 551 23.10 4.72 28.90
N HIS A 552 23.35 5.20 27.68
CA HIS A 552 23.49 6.63 27.43
C HIS A 552 22.22 7.38 27.77
N LYS A 553 21.05 6.85 27.40
CA LYS A 553 19.75 7.44 27.74
C LYS A 553 19.54 7.51 29.25
N ASP A 554 19.97 6.49 29.99
CA ASP A 554 19.88 6.44 31.45
C ASP A 554 20.79 7.47 32.15
N ILE A 555 21.95 7.74 31.55
CA ILE A 555 22.85 8.74 32.05
C ILE A 555 22.12 10.04 31.99
N TRP A 556 21.43 10.28 30.86
CA TRP A 556 20.65 11.47 30.68
C TRP A 556 19.53 11.39 31.65
N SER A 557 19.09 12.56 32.14
CA SER A 557 18.09 12.62 33.15
C SER A 557 16.77 12.28 32.55
N LYS A 558 15.79 12.01 33.43
CA LYS A 558 14.46 11.66 33.06
C LYS A 558 13.85 12.83 32.36
N GLU A 559 14.25 14.04 32.76
CA GLU A 559 13.54 15.23 32.41
C GLU A 559 13.47 15.32 30.93
N LYS A 560 14.57 14.99 30.24
CA LYS A 560 14.51 15.02 28.81
C LYS A 560 13.45 14.03 28.43
N THR A 561 12.51 14.47 27.57
CA THR A 561 11.37 13.65 27.30
C THR A 561 11.14 13.65 25.83
N CYS A 562 10.27 12.73 25.36
CA CYS A 562 9.88 12.71 24.00
C CYS A 562 9.11 13.96 23.73
N ASP A 563 8.28 14.35 24.72
CA ASP A 563 7.36 15.43 24.55
C ASP A 563 8.16 16.63 24.27
N ARG A 564 9.31 16.75 24.94
CA ARG A 564 10.07 17.94 24.79
C ARG A 564 10.43 18.11 23.34
N PHE A 565 10.86 17.05 22.66
CA PHE A 565 10.95 17.17 21.23
C PHE A 565 9.57 17.29 20.73
N PRO A 566 9.39 18.14 19.77
CA PRO A 566 8.12 18.39 19.19
C PRO A 566 7.62 17.08 18.68
N LYS A 567 6.48 16.60 19.20
CA LYS A 567 5.88 15.40 18.74
C LYS A 567 5.42 15.66 17.35
N LEU A 568 4.96 16.90 17.10
CA LEU A 568 4.31 17.26 15.83
C LEU A 568 5.16 18.25 15.01
N LEU A 569 5.32 17.94 13.72
CA LEU A 569 5.92 18.81 12.72
C LEU A 569 4.88 19.26 11.69
N ILE A 570 4.56 20.55 11.64
CA ILE A 570 3.74 21.14 10.58
C ILE A 570 4.66 21.58 9.44
N ILE A 571 4.70 20.80 8.36
CA ILE A 571 5.76 20.89 7.35
C ILE A 571 5.46 21.88 6.21
N GLY A 572 4.23 22.39 6.12
CA GLY A 572 3.81 23.29 5.04
C GLY A 572 2.92 22.62 3.98
N PRO A 573 3.00 23.05 2.76
CA PRO A 573 3.84 24.14 2.37
C PRO A 573 3.31 25.38 3.02
N GLN A 574 4.08 26.48 3.00
CA GLN A 574 3.76 27.65 3.76
C GLN A 574 2.58 28.33 3.15
N LYS A 575 1.93 29.18 3.97
CA LYS A 575 0.85 30.03 3.57
C LYS A 575 -0.33 29.19 3.19
N THR A 576 -0.31 27.91 3.57
CA THR A 576 -1.48 27.10 3.43
C THR A 576 -2.44 27.49 4.48
N GLY A 577 -1.92 28.05 5.59
CA GLY A 577 -2.73 28.04 6.76
C GLY A 577 -2.01 27.16 7.74
N THR A 578 -0.76 26.79 7.43
CA THR A 578 0.09 26.13 8.45
C THR A 578 0.35 26.98 9.69
N THR A 579 0.60 28.29 9.55
CA THR A 579 0.76 29.19 10.71
C THR A 579 -0.54 29.35 11.50
N ALA A 580 -1.71 29.32 10.85
CA ALA A 580 -2.99 29.41 11.56
C ALA A 580 -3.23 28.14 12.38
N LEU A 581 -3.03 26.96 11.78
CA LEU A 581 -3.12 25.68 12.48
C LEU A 581 -2.14 25.63 13.66
N TYR A 582 -0.89 26.01 13.43
CA TYR A 582 0.15 26.08 14.47
C TYR A 582 -0.29 26.97 15.65
N LEU A 583 -0.83 28.16 15.36
CA LEU A 583 -1.28 29.09 16.40
C LEU A 583 -2.46 28.52 17.20
N PHE A 584 -3.45 27.92 16.52
CA PHE A 584 -4.63 27.36 17.16
C PHE A 584 -4.30 26.10 17.97
N LEU A 585 -3.38 25.26 17.50
CA LEU A 585 -2.85 24.12 18.28
C LEU A 585 -2.15 24.61 19.55
N GLY A 586 -1.30 25.65 19.42
CA GLY A 586 -0.58 26.19 20.54
C GLY A 586 -1.60 26.69 21.50
N MET A 587 -2.72 27.20 20.96
CA MET A 587 -3.72 27.81 21.79
C MET A 587 -4.20 26.82 22.79
N HIS A 588 -4.49 25.57 22.37
CA HIS A 588 -4.86 24.57 23.33
C HIS A 588 -3.71 24.41 24.27
N PRO A 589 -4.07 24.56 25.51
CA PRO A 589 -3.14 24.74 26.58
C PRO A 589 -2.27 23.51 26.66
N ASP A 590 -2.82 22.33 26.28
CA ASP A 590 -2.07 21.09 26.42
C ASP A 590 -0.92 21.16 25.48
N LEU A 591 -1.21 21.81 24.35
CA LEU A 591 -0.33 21.91 23.19
C LEU A 591 0.49 23.19 23.27
N SER A 592 1.82 23.07 23.25
CA SER A 592 2.71 24.23 23.33
C SER A 592 3.57 24.34 22.08
N SER A 593 3.62 25.54 21.48
CA SER A 593 4.50 25.81 20.36
C SER A 593 5.94 26.05 20.82
N ASN A 594 6.91 25.93 19.88
CA ASN A 594 8.29 26.19 20.14
C ASN A 594 8.47 27.66 19.99
N TYR A 595 9.64 28.18 20.45
CA TYR A 595 9.89 29.58 20.33
C TYR A 595 10.86 29.73 19.22
N PRO A 596 10.36 30.39 18.21
CA PRO A 596 11.11 30.64 17.03
C PRO A 596 12.32 31.45 17.37
N SER A 597 13.44 31.20 16.69
CA SER A 597 14.56 32.05 16.95
C SER A 597 14.17 33.37 16.39
N SER A 598 14.46 34.45 17.12
CA SER A 598 14.14 35.74 16.58
C SER A 598 14.97 35.92 15.36
N GLU A 599 16.30 35.70 15.52
CA GLU A 599 17.26 36.03 14.52
C GLU A 599 17.02 35.17 13.34
N THR A 600 16.80 33.87 13.59
CA THR A 600 16.88 32.93 12.51
C THR A 600 15.86 33.30 11.49
N PHE A 601 14.60 33.45 11.95
CA PHE A 601 13.53 33.84 11.09
C PHE A 601 12.26 33.67 11.85
N GLU A 602 11.11 34.03 11.24
CA GLU A 602 9.89 33.89 11.98
C GLU A 602 9.70 32.43 12.24
N GLU A 603 9.91 31.64 11.18
CA GLU A 603 9.84 30.22 11.28
C GLU A 603 11.12 29.77 11.88
N ILE A 604 11.09 28.60 12.57
CA ILE A 604 12.28 28.11 13.20
C ILE A 604 13.27 27.82 12.12
N GLN A 605 12.82 27.08 11.08
CA GLN A 605 13.64 26.68 10.00
C GLN A 605 14.82 26.00 10.60
N PHE A 606 14.55 25.18 11.62
CA PHE A 606 15.63 24.54 12.33
C PHE A 606 16.40 23.73 11.36
N PHE A 607 15.65 22.87 10.65
CA PHE A 607 16.28 21.85 9.90
C PHE A 607 17.10 22.51 8.86
N ASN A 608 16.48 23.49 8.17
CA ASN A 608 17.15 24.14 7.09
C ASN A 608 18.34 24.85 7.64
N GLY A 609 18.13 25.49 8.79
CA GLY A 609 19.14 26.39 9.18
C GLY A 609 20.35 25.63 9.64
N HIS A 610 21.38 26.41 9.97
CA HIS A 610 22.67 25.93 10.36
C HIS A 610 22.53 25.23 11.66
N ASN A 611 21.54 25.69 12.43
CA ASN A 611 21.37 25.30 13.81
C ASN A 611 21.11 23.86 13.85
N TYR A 612 20.45 23.37 12.79
CA TYR A 612 20.21 21.95 12.69
C TYR A 612 21.54 21.29 12.62
N HIS A 613 22.42 21.88 11.81
CA HIS A 613 23.79 21.45 11.77
C HIS A 613 24.36 21.62 13.15
N LYS A 614 23.97 22.68 13.88
CA LYS A 614 24.57 22.93 15.16
C LYS A 614 24.30 21.76 16.03
N GLY A 615 23.07 21.22 15.99
CA GLY A 615 22.92 20.07 16.81
C GLY A 615 21.52 20.01 17.31
N ILE A 616 21.15 18.72 17.64
CA ILE A 616 19.87 18.36 18.27
C ILE A 616 19.76 18.94 19.69
N ASP A 617 20.86 18.93 20.46
CA ASP A 617 20.86 19.38 21.85
C ASP A 617 20.49 20.87 21.96
N TRP A 618 21.06 21.71 21.08
CA TRP A 618 20.70 23.13 21.00
C TRP A 618 19.20 23.34 20.73
N TYR A 619 18.60 22.48 19.92
CA TYR A 619 17.16 22.56 19.64
C TYR A 619 16.32 22.13 20.87
N MET A 620 16.74 21.08 21.58
CA MET A 620 16.04 20.59 22.77
C MET A 620 16.07 21.59 23.95
N GLU A 621 17.18 22.33 24.06
CA GLU A 621 17.21 23.39 25.01
C GLU A 621 16.19 24.38 24.57
N PHE A 622 16.08 24.60 23.25
CA PHE A 622 15.36 25.76 22.80
C PHE A 622 13.91 25.72 23.18
N PHE A 623 13.18 24.64 22.85
CA PHE A 623 11.83 24.57 23.32
C PHE A 623 11.92 24.37 24.80
N PRO A 624 10.93 24.90 25.47
CA PRO A 624 10.86 24.86 26.91
C PRO A 624 10.96 23.44 27.36
N ILE A 625 11.60 23.22 28.52
CA ILE A 625 11.77 21.88 28.99
C ILE A 625 10.52 21.56 29.72
N PRO A 626 9.99 20.43 29.38
CA PRO A 626 8.75 19.96 29.92
C PRO A 626 8.97 19.77 31.38
N SER A 627 7.89 19.86 32.18
CA SER A 627 8.04 19.62 33.58
C SER A 627 8.44 18.19 33.72
N ASN A 628 9.12 17.88 34.83
CA ASN A 628 9.51 16.53 35.06
C ASN A 628 8.26 15.74 35.18
N THR A 629 7.29 16.28 35.94
CA THR A 629 6.09 15.54 36.23
C THR A 629 5.39 15.28 34.94
N THR A 630 5.17 16.33 34.13
CA THR A 630 4.49 16.14 32.90
C THR A 630 5.23 16.88 31.84
N SER A 631 5.20 16.36 30.61
CA SER A 631 5.83 17.05 29.52
C SER A 631 4.75 17.50 28.63
N ASP A 632 4.91 18.72 28.05
CA ASP A 632 3.86 19.24 27.23
C ASP A 632 3.93 18.53 25.92
N PHE A 633 2.82 18.56 25.15
CA PHE A 633 2.88 18.13 23.77
C PHE A 633 3.38 19.30 22.91
N TYR A 634 4.67 19.26 22.59
CA TYR A 634 5.30 20.31 21.81
C TYR A 634 5.10 20.11 20.30
N PHE A 635 4.98 21.22 19.58
CA PHE A 635 4.93 21.22 18.12
C PHE A 635 5.72 22.40 17.54
N GLU A 636 6.22 22.22 16.31
CA GLU A 636 6.78 23.32 15.52
C GLU A 636 6.16 23.38 14.13
N LYS A 637 6.32 24.53 13.48
CA LYS A 637 5.86 24.76 12.11
C LYS A 637 6.97 25.40 11.30
N SER A 638 7.46 24.66 10.28
CA SER A 638 8.34 25.28 9.34
C SER A 638 7.76 25.01 7.99
N ALA A 639 7.78 26.04 7.12
CA ALA A 639 7.31 25.89 5.77
C ALA A 639 8.23 24.93 5.10
N ASN A 640 9.52 25.02 5.44
CA ASN A 640 10.56 24.43 4.65
C ASN A 640 10.38 22.95 4.60
N TYR A 641 9.96 22.33 5.72
CA TYR A 641 10.19 20.94 5.89
C TYR A 641 9.47 20.19 4.82
N PHE A 642 8.21 20.57 4.54
CA PHE A 642 7.47 19.86 3.54
C PHE A 642 8.19 20.02 2.24
N ASP A 643 8.52 21.27 1.89
CA ASP A 643 9.04 21.51 0.57
C ASP A 643 10.34 20.79 0.42
N SER A 644 11.21 20.87 1.44
CA SER A 644 12.57 20.49 1.24
C SER A 644 12.64 19.00 1.11
N GLU A 645 13.58 18.53 0.28
CA GLU A 645 13.88 17.13 0.19
C GLU A 645 14.52 16.71 1.46
N VAL A 646 15.39 17.59 2.00
CA VAL A 646 16.18 17.27 3.16
C VAL A 646 15.26 17.03 4.31
N ALA A 647 14.21 17.85 4.44
CA ALA A 647 13.39 17.84 5.65
C ALA A 647 12.73 16.48 5.94
N PRO A 648 12.17 15.73 4.95
CA PRO A 648 11.53 14.45 5.20
C PRO A 648 12.45 13.44 5.91
N ARG A 649 13.62 13.19 5.32
CA ARG A 649 14.62 12.25 5.86
C ARG A 649 15.16 12.71 7.22
N ARG A 650 15.44 14.01 7.36
CA ARG A 650 15.97 14.59 8.62
C ARG A 650 14.95 14.49 9.75
N ALA A 651 13.69 14.79 9.47
CA ALA A 651 12.61 14.67 10.45
C ALA A 651 12.38 13.21 10.83
N ALA A 652 12.32 12.29 9.87
CA ALA A 652 12.07 10.87 10.15
C ALA A 652 13.21 10.21 10.96
N ALA A 653 14.46 10.66 10.79
CA ALA A 653 15.56 10.15 11.58
C ALA A 653 15.48 10.56 13.07
N LEU A 654 15.12 11.82 13.35
CA LEU A 654 15.04 12.33 14.73
C LEU A 654 13.70 12.02 15.41
N LEU A 655 12.57 12.03 14.68
CA LEU A 655 11.33 11.92 15.40
C LEU A 655 11.25 10.60 16.12
N PRO A 656 11.48 9.52 15.45
CA PRO A 656 10.99 9.23 14.14
C PRO A 656 9.49 9.11 14.22
N LYS A 657 8.98 8.92 15.46
CA LYS A 657 7.60 8.63 15.78
C LYS A 657 6.77 9.77 15.37
N ALA A 658 7.35 10.99 15.43
CA ALA A 658 6.62 12.21 15.49
C ALA A 658 5.63 12.33 14.37
N LYS A 659 4.53 13.03 14.69
CA LYS A 659 3.45 13.25 13.75
C LYS A 659 3.88 14.31 12.72
N VAL A 660 3.51 14.10 11.47
CA VAL A 660 3.80 15.01 10.36
C VAL A 660 2.48 15.51 9.79
N LEU A 661 2.35 16.83 9.64
CA LEU A 661 1.11 17.44 9.17
C LEU A 661 1.40 18.41 8.02
N THR A 662 0.68 18.23 6.91
CA THR A 662 0.72 19.11 5.75
C THR A 662 -0.69 19.64 5.42
N ILE A 663 -0.76 20.80 4.77
CA ILE A 663 -2.02 21.48 4.43
C ILE A 663 -2.01 21.80 2.94
N LEU A 664 -2.99 21.33 2.18
CA LEU A 664 -3.06 21.53 0.74
C LEU A 664 -4.28 22.36 0.35
N ILE A 665 -4.05 23.45 -0.40
CA ILE A 665 -5.10 24.28 -0.91
C ILE A 665 -4.89 24.29 -2.39
N ASN A 666 -5.80 24.91 -3.16
CA ASN A 666 -5.59 24.94 -4.58
C ASN A 666 -4.27 25.58 -4.80
N PRO A 667 -3.42 24.91 -5.49
CA PRO A 667 -2.03 25.32 -5.69
C PRO A 667 -1.89 26.65 -6.42
N ALA A 668 -2.88 27.06 -7.24
CA ALA A 668 -2.92 28.36 -7.88
C ALA A 668 -3.15 29.49 -6.87
N ASP A 669 -4.14 29.35 -5.99
CA ASP A 669 -4.42 30.33 -4.93
C ASP A 669 -3.25 30.44 -3.94
N ARG A 670 -2.53 29.34 -3.68
CA ARG A 670 -1.32 29.32 -2.86
C ARG A 670 -0.13 30.02 -3.53
N ALA A 671 0.05 29.84 -4.85
CA ALA A 671 1.05 30.57 -5.63
C ALA A 671 0.75 32.08 -5.64
N TYR A 672 -0.51 32.45 -5.88
CA TYR A 672 -0.95 33.86 -5.86
C TYR A 672 -0.78 34.49 -4.48
N SER A 673 -1.11 33.76 -3.41
CA SER A 673 -0.88 34.24 -2.05
C SER A 673 0.61 34.43 -1.72
N TRP A 674 1.52 33.64 -2.30
CA TRP A 674 2.96 33.84 -2.16
C TRP A 674 3.44 35.07 -2.92
N TYR A 675 3.00 35.27 -4.16
CA TYR A 675 3.26 36.48 -4.93
C TYR A 675 2.82 37.76 -4.18
N GLN A 676 1.58 37.78 -3.68
CA GLN A 676 1.06 38.89 -2.86
C GLN A 676 1.81 39.05 -1.53
N HIS A 677 2.37 37.96 -1.00
CA HIS A 677 3.23 38.03 0.18
C HIS A 677 4.55 38.74 -0.12
N GLN A 678 5.22 38.39 -1.22
CA GLN A 678 6.46 39.04 -1.64
C GLN A 678 6.24 40.53 -1.95
N ARG A 679 5.14 40.89 -2.62
CA ARG A 679 4.76 42.31 -2.81
C ARG A 679 4.59 43.05 -1.50
N ALA A 680 3.95 42.43 -0.49
CA ALA A 680 3.81 43.01 0.80
C ALA A 680 5.20 43.25 1.34
N HIS A 681 6.07 42.26 1.10
CA HIS A 681 7.45 42.33 1.47
C HIS A 681 8.02 43.47 0.72
N ASP A 682 7.47 43.73 -0.48
CA ASP A 682 8.00 44.70 -1.38
C ASP A 682 9.38 44.27 -1.76
N ASP A 683 9.56 42.94 -1.89
CA ASP A 683 10.77 42.48 -2.50
C ASP A 683 10.67 43.00 -3.90
N PRO A 684 11.75 43.47 -4.44
CA PRO A 684 11.82 44.23 -5.67
C PRO A 684 11.32 43.46 -6.90
N VAL A 685 11.50 42.14 -6.91
CA VAL A 685 11.10 41.28 -8.03
C VAL A 685 9.59 41.09 -8.01
N ALA A 686 9.01 40.81 -6.84
CA ALA A 686 7.56 40.61 -6.71
C ALA A 686 6.77 41.90 -6.94
N LEU A 687 7.36 43.05 -6.62
CA LEU A 687 6.77 44.37 -6.94
C LEU A 687 6.85 44.68 -8.43
N LYS A 688 7.97 44.37 -9.08
CA LYS A 688 8.23 44.67 -10.50
C LYS A 688 7.37 43.83 -11.45
N TYR A 689 7.16 42.53 -11.18
CA TYR A 689 6.44 41.73 -12.15
C TYR A 689 5.22 41.11 -11.57
N THR A 690 4.29 40.76 -12.47
CA THR A 690 3.02 40.36 -11.96
C THR A 690 3.26 38.94 -11.97
N PHE A 691 2.33 38.12 -11.43
CA PHE A 691 2.60 36.68 -11.33
C PHE A 691 2.77 36.02 -12.70
N HIS A 692 1.94 36.41 -13.67
CA HIS A 692 2.02 35.88 -15.03
C HIS A 692 3.37 36.21 -15.68
N GLU A 693 3.86 37.45 -15.55
CA GLU A 693 5.19 37.85 -16.04
C GLU A 693 6.33 37.08 -15.36
N VAL A 694 6.17 36.71 -14.08
CA VAL A 694 7.17 35.91 -13.36
C VAL A 694 7.24 34.49 -13.91
N ILE A 695 6.11 33.82 -14.09
CA ILE A 695 6.09 32.40 -14.50
C ILE A 695 6.43 32.22 -15.99
N THR A 696 5.96 33.13 -16.85
CA THR A 696 6.22 33.05 -18.25
C THR A 696 7.69 33.19 -18.44
N ALA A 697 8.31 34.10 -17.66
CA ALA A 697 9.68 34.44 -17.91
C ALA A 697 10.50 33.21 -17.76
N GLY A 698 11.55 33.10 -18.61
CA GLY A 698 12.39 31.95 -18.61
C GLY A 698 13.67 32.33 -17.94
N SER A 699 14.79 31.97 -18.59
CA SER A 699 16.10 32.22 -18.06
C SER A 699 16.28 33.70 -17.97
N ASP A 700 15.41 34.45 -18.68
CA ASP A 700 15.54 35.87 -18.70
C ASP A 700 15.42 36.34 -17.29
N ALA A 701 14.54 35.69 -16.51
CA ALA A 701 14.33 36.11 -15.16
C ALA A 701 15.64 36.00 -14.45
N SER A 702 15.88 36.93 -13.51
CA SER A 702 17.11 36.96 -12.76
C SER A 702 17.00 35.94 -11.69
N SER A 703 18.08 35.79 -10.88
CA SER A 703 18.02 34.75 -9.83
C SER A 703 16.89 34.99 -8.82
N LYS A 704 16.62 36.26 -8.50
CA LYS A 704 15.52 36.66 -7.60
C LYS A 704 14.15 36.38 -8.21
N LEU A 705 13.97 36.64 -9.50
CA LEU A 705 12.73 36.30 -10.22
C LEU A 705 12.52 34.79 -10.28
N ARG A 706 13.56 34.00 -10.57
CA ARG A 706 13.48 32.53 -10.53
C ARG A 706 13.21 31.97 -9.14
N ALA A 707 13.78 32.58 -8.09
CA ALA A 707 13.50 32.17 -6.72
C ALA A 707 12.02 32.40 -6.36
N LEU A 708 11.44 33.54 -6.79
CA LEU A 708 10.01 33.82 -6.61
C LEU A 708 9.14 32.86 -7.42
N GLN A 709 9.50 32.58 -8.68
CA GLN A 709 8.83 31.56 -9.51
C GLN A 709 8.83 30.22 -8.80
N ASN A 710 9.98 29.76 -8.30
CA ASN A 710 10.11 28.48 -7.60
C ASN A 710 9.22 28.42 -6.35
N ARG A 711 9.22 29.49 -5.52
CA ARG A 711 8.36 29.58 -4.33
C ARG A 711 6.87 29.64 -4.68
N CYS A 712 6.50 30.19 -5.82
CA CYS A 712 5.13 30.12 -6.34
C CYS A 712 4.79 28.70 -6.81
N LEU A 713 5.65 28.05 -7.58
CA LEU A 713 5.31 26.85 -8.34
C LEU A 713 5.60 25.54 -7.61
N VAL A 714 6.80 25.43 -6.98
CA VAL A 714 7.23 24.19 -6.43
C VAL A 714 6.27 23.70 -5.40
N PRO A 715 5.85 24.48 -4.44
CA PRO A 715 5.05 23.95 -3.38
C PRO A 715 3.73 23.47 -3.92
N GLY A 716 3.39 23.81 -5.19
CA GLY A 716 2.15 23.50 -5.86
C GLY A 716 2.02 22.01 -5.89
N TRP A 717 3.19 21.37 -5.71
CA TRP A 717 3.62 20.05 -6.02
C TRP A 717 2.85 19.00 -5.27
N TYR A 718 1.87 19.35 -4.40
CA TYR A 718 1.54 18.74 -3.13
C TYR A 718 1.61 17.22 -3.17
N ALA A 719 1.09 16.59 -4.23
CA ALA A 719 1.15 15.14 -4.41
C ALA A 719 2.60 14.60 -4.41
N THR A 720 3.51 15.27 -5.15
CA THR A 720 4.91 14.87 -5.25
C THR A 720 5.62 14.89 -3.90
N HIS A 721 5.35 15.92 -3.09
CA HIS A 721 5.96 16.04 -1.77
C HIS A 721 5.35 15.08 -0.75
N ILE A 722 4.02 14.91 -0.76
CA ILE A 722 3.31 13.97 0.12
C ILE A 722 3.71 12.52 -0.19
N GLU A 723 3.91 12.14 -1.45
CA GLU A 723 4.43 10.82 -1.84
C GLU A 723 5.76 10.48 -1.15
N ARG A 724 6.67 11.46 -0.99
CA ARG A 724 7.93 11.22 -0.27
C ARG A 724 7.68 10.93 1.21
N TRP A 725 6.78 11.67 1.86
CA TRP A 725 6.37 11.40 3.24
C TRP A 725 5.63 10.06 3.38
N LEU A 726 4.77 9.72 2.44
CA LEU A 726 4.03 8.45 2.39
C LEU A 726 4.95 7.24 2.13
N SER A 727 6.09 7.44 1.46
CA SER A 727 7.10 6.40 1.29
C SER A 727 7.86 6.08 2.59
N ALA A 728 7.84 7.00 3.57
CA ALA A 728 8.56 6.88 4.84
C ALA A 728 7.64 6.59 6.04
N TYR A 729 6.38 7.06 6.03
CA TYR A 729 5.64 7.03 7.25
C TYR A 729 4.29 6.39 7.08
N HIS A 730 3.76 5.92 8.22
CA HIS A 730 2.47 5.29 8.34
C HIS A 730 1.40 6.32 8.12
N ALA A 731 0.20 5.84 7.76
CA ALA A 731 -0.85 6.77 7.49
C ALA A 731 -1.12 7.51 8.77
N ASN A 732 -1.00 6.83 9.92
CA ASN A 732 -1.30 7.48 11.17
C ASN A 732 -0.32 8.60 11.29
N GLN A 733 0.95 8.39 10.86
CA GLN A 733 2.07 9.27 11.11
C GLN A 733 1.86 10.60 10.46
N ILE A 734 1.24 10.54 9.27
CA ILE A 734 1.05 11.69 8.39
C ILE A 734 -0.43 12.08 8.35
N LEU A 735 -0.73 13.37 8.46
CA LEU A 735 -2.06 13.94 8.23
C LEU A 735 -2.01 14.98 7.11
N VAL A 736 -2.87 14.81 6.10
CA VAL A 736 -3.02 15.75 5.00
C VAL A 736 -4.33 16.51 5.17
N LEU A 737 -4.24 17.79 5.49
CA LEU A 737 -5.40 18.66 5.70
C LEU A 737 -5.86 19.35 4.42
N ASP A 738 -7.18 19.48 4.29
CA ASP A 738 -7.80 20.36 3.30
C ASP A 738 -7.70 21.82 3.74
N GLY A 739 -6.76 22.53 3.12
CA GLY A 739 -6.47 23.94 3.37
C GLY A 739 -7.58 24.90 2.93
N LYS A 740 -8.45 24.50 1.98
CA LYS A 740 -9.66 25.27 1.63
C LYS A 740 -10.62 25.25 2.82
N LEU A 741 -10.80 24.09 3.45
CA LEU A 741 -11.61 23.95 4.66
C LEU A 741 -11.00 24.68 5.86
N LEU A 742 -9.67 24.64 6.06
CA LEU A 742 -9.02 25.39 7.13
C LEU A 742 -9.24 26.90 7.02
N ARG A 743 -9.29 27.43 5.79
CA ARG A 743 -9.55 28.86 5.54
C ARG A 743 -11.01 29.24 5.77
N THR A 744 -11.94 28.34 5.42
CA THR A 744 -13.38 28.63 5.37
C THR A 744 -14.13 28.20 6.65
N GLU A 745 -13.76 27.04 7.22
CA GLU A 745 -14.00 26.88 8.61
C GLU A 745 -12.76 26.27 9.16
N PRO A 746 -11.97 27.06 9.84
CA PRO A 746 -10.81 26.60 10.61
C PRO A 746 -11.17 25.61 11.70
N ALA A 747 -12.33 25.76 12.35
CA ALA A 747 -12.76 24.88 13.43
C ALA A 747 -12.94 23.42 12.97
N LYS A 748 -13.46 23.18 11.76
CA LYS A 748 -13.53 21.82 11.18
C LYS A 748 -12.13 21.21 11.00
N VAL A 749 -11.18 22.01 10.53
CA VAL A 749 -9.80 21.57 10.35
C VAL A 749 -9.14 21.30 11.70
N MET A 750 -9.35 22.15 12.70
CA MET A 750 -8.83 21.95 14.05
C MET A 750 -9.36 20.69 14.73
N ASP A 751 -10.63 20.32 14.49
CA ASP A 751 -11.19 19.04 14.98
C ASP A 751 -10.47 17.83 14.37
N MET A 752 -10.19 17.87 13.05
CA MET A 752 -9.41 16.83 12.38
C MET A 752 -7.98 16.74 12.93
N VAL A 753 -7.34 17.88 13.21
CA VAL A 753 -5.98 17.92 13.75
C VAL A 753 -5.93 17.33 15.16
N GLN A 754 -6.85 17.71 16.05
CA GLN A 754 -6.89 17.16 17.41
C GLN A 754 -7.10 15.64 17.41
N LYS A 755 -8.00 15.12 16.57
CA LYS A 755 -8.18 13.68 16.37
C LYS A 755 -6.91 13.00 15.86
N PHE A 756 -6.22 13.60 14.90
CA PHE A 756 -4.99 13.05 14.33
C PHE A 756 -3.82 13.00 15.34
N LEU A 757 -3.72 14.00 16.21
CA LEU A 757 -2.72 14.05 17.28
C LEU A 757 -3.07 13.13 18.46
N GLY A 758 -4.37 12.82 18.66
CA GLY A 758 -4.73 11.92 19.71
C GLY A 758 -4.84 12.72 20.97
N VAL A 759 -5.11 14.03 20.82
CA VAL A 759 -5.31 14.82 22.00
C VAL A 759 -6.47 14.20 22.72
N THR A 760 -6.39 14.16 24.06
CA THR A 760 -7.36 13.41 24.80
C THR A 760 -8.70 14.01 24.54
N ASN A 761 -8.81 15.34 24.62
CA ASN A 761 -10.08 15.96 24.41
C ASN A 761 -9.96 16.87 23.25
N THR A 762 -11.03 16.93 22.43
CA THR A 762 -11.06 17.88 21.36
C THR A 762 -11.64 19.13 21.92
N ILE A 763 -11.38 20.27 21.26
CA ILE A 763 -11.97 21.51 21.66
C ILE A 763 -12.67 22.05 20.46
N ASP A 764 -13.84 22.68 20.68
CA ASP A 764 -14.61 23.17 19.58
C ASP A 764 -14.02 24.50 19.18
N TYR A 765 -13.33 24.49 18.05
CA TYR A 765 -12.79 25.70 17.44
C TYR A 765 -13.87 26.59 16.79
N HIS A 766 -15.09 26.11 16.59
CA HIS A 766 -16.19 26.98 16.14
C HIS A 766 -16.57 28.02 17.19
N LYS A 767 -16.24 27.78 18.47
CA LYS A 767 -16.50 28.71 19.58
C LYS A 767 -15.34 29.66 19.88
N THR A 768 -14.12 29.32 19.47
CA THR A 768 -12.90 30.07 19.81
C THR A 768 -12.28 30.80 18.62
N LEU A 769 -12.75 30.49 17.43
CA LEU A 769 -12.41 31.18 16.19
C LEU A 769 -13.55 32.08 15.72
N ALA A 770 -13.21 33.17 15.04
CA ALA A 770 -14.18 34.04 14.37
C ALA A 770 -13.66 34.50 13.01
N PHE A 771 -14.55 34.64 12.03
CA PHE A 771 -14.21 35.22 10.74
C PHE A 771 -14.06 36.74 10.87
N ASP A 772 -12.89 37.28 10.54
CA ASP A 772 -12.64 38.71 10.54
C ASP A 772 -12.79 39.27 9.11
N PRO A 773 -13.83 40.00 8.87
CA PRO A 773 -14.14 40.43 7.54
C PRO A 773 -13.03 41.28 7.02
N LYS A 774 -12.34 42.01 7.91
CA LYS A 774 -11.27 42.83 7.46
C LYS A 774 -10.21 41.94 6.92
N LYS A 775 -9.88 40.88 7.68
CA LYS A 775 -8.83 40.00 7.30
C LYS A 775 -9.26 39.28 6.07
N GLY A 776 -10.54 38.86 6.05
CA GLY A 776 -10.97 38.09 4.94
C GLY A 776 -10.67 36.70 5.36
N PHE A 777 -10.20 36.53 6.61
CA PHE A 777 -9.86 35.19 7.06
C PHE A 777 -10.35 34.95 8.49
N TRP A 778 -10.42 33.68 8.89
CA TRP A 778 -10.65 33.31 10.28
C TRP A 778 -9.44 33.61 11.16
N CYS A 779 -9.72 34.06 12.38
CA CYS A 779 -8.75 34.47 13.39
C CYS A 779 -9.14 33.88 14.75
N GLN A 780 -8.20 33.89 15.71
CA GLN A 780 -8.52 33.53 17.09
C GLN A 780 -9.48 34.58 17.68
N LEU A 781 -10.58 34.13 18.26
CA LEU A 781 -11.50 34.96 19.02
C LEU A 781 -10.92 35.18 20.42
N LEU A 782 -10.83 36.47 20.84
CA LEU A 782 -10.35 36.78 22.14
C LEU A 782 -11.52 37.30 22.91
N GLU A 783 -11.39 37.37 24.24
CA GLU A 783 -12.47 37.89 25.01
C GLU A 783 -12.63 39.30 24.58
N GLY A 784 -13.89 39.77 24.55
CA GLY A 784 -14.15 41.11 24.10
C GLY A 784 -14.46 41.03 22.64
N GLY A 785 -14.28 39.84 22.06
CA GLY A 785 -14.71 39.67 20.71
C GLY A 785 -13.65 40.19 19.82
N LYS A 786 -12.49 40.55 20.41
CA LYS A 786 -11.40 41.01 19.61
C LYS A 786 -10.84 39.84 18.89
N THR A 787 -10.30 40.10 17.70
CA THR A 787 -9.70 39.02 16.90
C THR A 787 -8.17 39.13 16.92
N LYS A 788 -7.48 38.00 17.11
CA LYS A 788 -6.02 37.90 16.91
C LYS A 788 -5.75 37.18 15.60
N CYS A 789 -5.50 37.98 14.54
CA CYS A 789 -5.53 37.53 13.19
C CYS A 789 -4.19 37.00 12.83
N LEU A 790 -4.08 36.49 11.60
CA LEU A 790 -2.84 36.06 11.06
C LEU A 790 -2.03 37.29 10.83
N GLY A 791 -0.71 37.11 10.67
CA GLY A 791 0.18 38.24 10.60
C GLY A 791 -0.08 38.95 9.32
N LYS A 792 0.64 40.06 9.11
CA LYS A 792 0.40 40.94 7.99
C LYS A 792 0.64 40.13 6.74
N SER A 793 1.65 39.24 6.79
CA SER A 793 2.16 38.63 5.60
C SER A 793 1.04 37.95 4.89
N LYS A 794 0.24 37.15 5.61
CA LYS A 794 -0.81 36.43 4.97
C LYS A 794 -2.10 36.97 5.48
N GLY A 795 -3.21 36.61 4.80
CA GLY A 795 -4.51 36.99 5.29
C GLY A 795 -4.85 38.33 4.72
N ARG A 796 -3.94 38.88 3.88
CA ARG A 796 -4.21 40.15 3.28
C ARG A 796 -5.28 39.94 2.26
N LYS A 797 -6.24 40.86 2.14
CA LYS A 797 -7.19 40.60 1.09
C LYS A 797 -6.67 41.33 -0.07
N TYR A 798 -6.65 40.67 -1.24
CA TYR A 798 -6.25 41.26 -2.48
C TYR A 798 -7.23 40.73 -3.47
N PRO A 799 -7.39 41.46 -4.55
CA PRO A 799 -8.31 41.18 -5.60
C PRO A 799 -7.84 39.97 -6.31
N GLU A 800 -8.78 39.19 -6.87
CA GLU A 800 -8.51 37.82 -7.16
C GLU A 800 -7.55 37.85 -8.27
N MET A 801 -6.78 36.75 -8.40
CA MET A 801 -5.91 36.61 -9.52
C MET A 801 -6.67 36.66 -10.81
N ASP A 802 -5.96 37.13 -11.85
CA ASP A 802 -6.55 37.47 -13.09
C ASP A 802 -7.02 36.21 -13.71
N LEU A 803 -8.07 36.32 -14.58
CA LEU A 803 -8.66 35.10 -15.12
C LEU A 803 -7.68 34.31 -15.99
N ASP A 804 -6.86 34.98 -16.78
CA ASP A 804 -5.86 34.34 -17.65
C ASP A 804 -4.78 33.63 -16.82
N SER A 805 -4.29 34.25 -15.74
CA SER A 805 -3.37 33.59 -14.80
C SER A 805 -4.04 32.42 -14.08
N ARG A 806 -5.32 32.53 -13.72
CA ARG A 806 -6.06 31.40 -13.10
C ARG A 806 -6.20 30.23 -14.08
N ALA A 807 -6.57 30.50 -15.34
CA ALA A 807 -6.69 29.48 -16.38
C ALA A 807 -5.33 28.81 -16.67
N PHE A 808 -4.27 29.62 -16.82
CA PHE A 808 -2.90 29.12 -16.99
C PHE A 808 -2.47 28.19 -15.84
N LEU A 809 -2.70 28.59 -14.59
CA LEU A 809 -2.32 27.77 -13.44
C LEU A 809 -3.20 26.53 -13.27
N LYS A 810 -4.47 26.59 -13.65
CA LYS A 810 -5.35 25.43 -13.66
C LYS A 810 -4.80 24.35 -14.58
N ASP A 811 -4.38 24.72 -15.78
CA ASP A 811 -3.82 23.77 -16.74
C ASP A 811 -2.42 23.27 -16.29
N TYR A 812 -1.57 24.17 -15.77
CA TYR A 812 -0.27 23.82 -15.22
C TYR A 812 -0.36 22.80 -14.06
N TYR A 813 -1.34 22.95 -13.16
CA TYR A 813 -1.51 22.06 -12.01
C TYR A 813 -2.39 20.84 -12.27
N ARG A 814 -3.04 20.71 -13.44
CA ARG A 814 -3.99 19.62 -13.74
C ARG A 814 -3.44 18.24 -13.40
N ASP A 815 -2.29 17.86 -13.96
CA ASP A 815 -1.67 16.56 -13.71
C ASP A 815 -1.18 16.41 -12.25
N HIS A 816 -0.74 17.50 -11.61
CA HIS A 816 -0.36 17.50 -10.19
C HIS A 816 -1.57 17.27 -9.27
N ASN A 817 -2.73 17.86 -9.60
CA ASN A 817 -3.99 17.70 -8.86
C ASN A 817 -4.58 16.30 -9.07
N ILE A 818 -4.45 15.72 -10.27
CA ILE A 818 -4.82 14.33 -10.53
C ILE A 818 -4.01 13.38 -9.64
N GLU A 819 -2.68 13.50 -9.62
CA GLU A 819 -1.84 12.66 -8.77
C GLU A 819 -2.08 12.90 -7.27
N LEU A 820 -2.36 14.14 -6.86
CA LEU A 820 -2.78 14.43 -5.49
C LEU A 820 -4.06 13.67 -5.13
N SER A 821 -5.03 13.62 -6.04
CA SER A 821 -6.28 12.90 -5.79
C SER A 821 -6.07 11.40 -5.58
N LYS A 822 -5.18 10.78 -6.36
CA LYS A 822 -4.80 9.37 -6.20
C LYS A 822 -4.12 9.13 -4.86
N LEU A 823 -3.15 9.99 -4.53
CA LEU A 823 -2.36 9.86 -3.31
C LEU A 823 -3.24 9.99 -2.06
N LEU A 824 -4.10 11.00 -2.01
CA LEU A 824 -5.00 11.22 -0.88
C LEU A 824 -6.02 10.08 -0.73
N TYR A 825 -6.55 9.56 -1.85
CA TYR A 825 -7.42 8.38 -1.83
C TYR A 825 -6.68 7.15 -1.27
N LYS A 826 -5.46 6.89 -1.73
CA LYS A 826 -4.60 5.80 -1.22
C LYS A 826 -4.24 5.97 0.26
N MET A 827 -4.05 7.24 0.68
CA MET A 827 -3.89 7.57 2.06
C MET A 827 -5.17 7.19 2.73
N GLY A 828 -6.30 7.45 2.04
CA GLY A 828 -7.57 7.21 2.65
C GLY A 828 -8.07 8.51 3.16
N GLN A 829 -7.23 9.55 3.02
CA GLN A 829 -7.66 10.87 3.38
C GLN A 829 -8.51 11.36 2.25
N THR A 830 -9.48 12.23 2.54
CA THR A 830 -10.33 12.69 1.48
C THR A 830 -9.55 13.70 0.70
N LEU A 831 -9.87 13.83 -0.61
CA LEU A 831 -9.30 14.87 -1.39
C LEU A 831 -9.95 16.14 -0.95
N PRO A 832 -9.25 17.20 -1.18
CA PRO A 832 -9.69 18.49 -0.77
C PRO A 832 -10.92 18.77 -1.57
N THR A 833 -11.83 19.61 -1.06
CA THR A 833 -13.00 20.02 -1.86
C THR A 833 -12.58 20.71 -3.15
N TRP A 834 -11.63 21.65 -3.08
CA TRP A 834 -11.09 22.33 -4.26
C TRP A 834 -10.43 21.38 -5.26
N LEU A 835 -9.81 20.29 -4.78
CA LEU A 835 -9.12 19.33 -5.65
C LEU A 835 -10.14 18.46 -6.39
N ARG A 836 -11.24 18.08 -5.74
CA ARG A 836 -12.33 17.34 -6.40
C ARG A 836 -12.99 18.19 -7.49
N GLU A 837 -13.28 19.46 -7.19
CA GLU A 837 -13.85 20.43 -8.14
C GLU A 837 -12.94 20.64 -9.35
N ASP A 838 -11.63 20.81 -9.11
CA ASP A 838 -10.63 21.01 -10.16
C ASP A 838 -10.52 19.79 -11.09
N LEU A 839 -10.53 18.57 -10.52
CA LEU A 839 -10.40 17.33 -11.26
C LEU A 839 -11.67 16.90 -12.01
N GLN A 840 -12.87 17.31 -11.56
CA GLN A 840 -14.12 17.04 -12.27
C GLN A 840 -14.25 17.87 -13.56
N ASN A 841 -13.87 19.17 -13.51
CA ASN A 841 -13.98 19.95 -14.70
C ASN A 841 -12.68 19.80 -15.44
N THR A 842 -12.71 19.10 -16.59
CA THR A 842 -11.53 18.97 -17.37
C THR A 842 -11.17 20.33 -17.86
N ARG A 843 -12.20 21.05 -18.37
CA ARG A 843 -11.97 22.37 -18.88
C ARG A 843 -11.78 23.28 -17.69
N THR B 38 -10.86 -24.82 -26.27
CA THR B 38 -10.54 -24.62 -24.84
C THR B 38 -10.94 -23.25 -24.43
N PRO B 39 -11.24 -23.08 -23.16
CA PRO B 39 -11.75 -21.84 -22.66
C PRO B 39 -10.70 -20.81 -22.79
N SER B 40 -11.07 -19.52 -22.90
CA SER B 40 -10.04 -18.56 -23.07
C SER B 40 -9.25 -18.55 -21.82
N ARG B 41 -7.92 -18.38 -21.95
CA ARG B 41 -7.09 -18.30 -20.79
C ARG B 41 -7.51 -17.07 -20.07
N THR B 42 -7.77 -15.99 -20.82
CA THR B 42 -8.12 -14.74 -20.21
C THR B 42 -9.49 -14.89 -19.66
N ASP B 43 -9.76 -14.12 -18.59
CA ASP B 43 -10.95 -14.26 -17.81
C ASP B 43 -11.97 -13.41 -18.48
N PRO B 44 -13.18 -13.53 -18.00
CA PRO B 44 -14.29 -12.78 -18.51
C PRO B 44 -14.06 -11.34 -18.14
N LEU B 45 -13.03 -11.07 -17.31
CA LEU B 45 -12.73 -9.75 -16.77
C LEU B 45 -12.38 -8.80 -17.91
N VAL B 46 -12.85 -7.55 -17.85
CA VAL B 46 -12.51 -6.50 -18.81
C VAL B 46 -11.46 -5.57 -18.21
N LEU B 47 -10.36 -5.30 -18.91
CA LEU B 47 -9.40 -4.27 -18.51
C LEU B 47 -9.77 -2.94 -19.20
N VAL B 48 -10.12 -1.92 -18.42
CA VAL B 48 -10.53 -0.61 -18.95
C VAL B 48 -9.45 0.42 -18.63
N PHE B 49 -8.74 0.87 -19.65
CA PHE B 49 -7.79 1.98 -19.59
C PHE B 49 -8.51 3.31 -19.75
N VAL B 50 -8.62 4.05 -18.66
CA VAL B 50 -9.24 5.39 -18.60
C VAL B 50 -8.19 6.48 -18.58
N GLU B 51 -8.54 7.66 -19.13
CA GLU B 51 -7.69 8.79 -18.92
C GLU B 51 -7.79 9.12 -17.46
N SER B 52 -9.05 9.17 -16.97
CA SER B 52 -9.35 9.32 -15.57
C SER B 52 -10.72 8.73 -15.40
N LEU B 53 -11.12 8.41 -14.16
CA LEU B 53 -12.41 7.84 -13.94
C LEU B 53 -13.45 8.86 -14.24
N TYR B 54 -13.26 10.11 -13.77
CA TYR B 54 -14.26 11.15 -13.83
C TYR B 54 -14.62 11.36 -15.24
N SER B 55 -13.58 11.34 -16.08
CA SER B 55 -13.67 11.82 -17.43
C SER B 55 -14.80 11.19 -18.21
N GLN B 56 -15.48 12.04 -19.01
CA GLN B 56 -16.84 11.67 -19.40
C GLN B 56 -16.89 10.30 -20.07
N LEU B 57 -16.03 10.04 -21.07
CA LEU B 57 -16.00 8.75 -21.77
C LEU B 57 -15.60 7.61 -20.83
N GLY B 58 -14.65 7.84 -19.91
CA GLY B 58 -14.27 6.85 -18.91
C GLY B 58 -15.46 6.44 -18.04
N GLN B 59 -16.26 7.42 -17.59
CA GLN B 59 -17.47 7.16 -16.81
C GLN B 59 -18.56 6.45 -17.62
N GLU B 60 -18.73 6.77 -18.91
CA GLU B 60 -19.69 6.07 -19.78
C GLU B 60 -19.31 4.60 -20.01
N VAL B 61 -18.03 4.32 -20.27
CA VAL B 61 -17.50 2.95 -20.39
C VAL B 61 -17.78 2.17 -19.10
N VAL B 62 -17.41 2.75 -17.95
CA VAL B 62 -17.65 2.13 -16.64
C VAL B 62 -19.14 1.89 -16.40
N ALA B 63 -20.01 2.85 -16.73
CA ALA B 63 -21.45 2.71 -16.53
C ALA B 63 -22.05 1.54 -17.33
N ILE B 64 -21.56 1.27 -18.54
CA ILE B 64 -21.98 0.11 -19.35
C ILE B 64 -21.48 -1.20 -18.72
N LEU B 65 -20.23 -1.24 -18.25
CA LEU B 65 -19.67 -2.42 -17.58
C LEU B 65 -20.42 -2.74 -16.27
N GLU B 66 -20.73 -1.73 -15.47
CA GLU B 66 -21.48 -1.86 -14.21
C GLU B 66 -22.93 -2.32 -14.44
N SER B 67 -23.62 -1.76 -15.44
CA SER B 67 -24.98 -2.18 -15.82
C SER B 67 -25.00 -3.64 -16.26
N SER B 68 -23.97 -3.97 -17.05
CA SER B 68 -23.96 -5.31 -17.53
C SER B 68 -23.59 -6.18 -16.39
N ARG B 69 -22.97 -5.57 -15.37
CA ARG B 69 -22.49 -6.33 -14.27
C ARG B 69 -21.53 -7.34 -14.82
N PHE B 70 -20.85 -6.95 -15.92
CA PHE B 70 -19.63 -7.58 -16.35
C PHE B 70 -18.56 -7.27 -15.34
N LYS B 71 -17.75 -8.29 -15.04
CA LYS B 71 -16.63 -7.92 -14.16
C LYS B 71 -15.57 -7.14 -14.95
N TYR B 72 -15.00 -6.12 -14.33
CA TYR B 72 -13.98 -5.28 -14.94
C TYR B 72 -12.94 -4.82 -13.92
N ARG B 73 -11.82 -4.32 -14.42
CA ARG B 73 -10.80 -3.60 -13.67
C ARG B 73 -10.45 -2.34 -14.43
N THR B 74 -10.55 -1.20 -13.77
CA THR B 74 -10.10 0.08 -14.32
C THR B 74 -8.63 0.31 -13.97
N GLU B 75 -7.85 0.76 -14.95
CA GLU B 75 -6.49 1.26 -14.77
C GLU B 75 -6.39 2.59 -15.49
N ILE B 76 -5.63 3.54 -14.95
CA ILE B 76 -5.40 4.78 -15.71
C ILE B 76 -4.30 4.51 -16.71
N ALA B 77 -4.57 4.70 -18.01
CA ALA B 77 -3.52 4.36 -18.92
C ALA B 77 -2.92 5.61 -19.41
N PRO B 78 -1.71 5.88 -19.01
CA PRO B 78 -0.83 6.77 -19.70
C PRO B 78 -0.49 6.06 -20.97
N GLY B 79 -0.17 6.80 -22.05
CA GLY B 79 0.38 6.15 -23.19
C GLY B 79 1.68 5.57 -22.75
N LYS B 80 2.44 6.38 -21.99
CA LYS B 80 3.71 5.97 -21.47
C LYS B 80 3.51 4.85 -20.51
N GLY B 81 2.44 4.95 -19.69
CA GLY B 81 2.33 4.09 -18.56
C GLY B 81 2.28 2.69 -19.04
N ASP B 82 2.88 1.78 -18.26
CA ASP B 82 2.95 0.42 -18.65
C ASP B 82 1.60 -0.18 -18.42
N MET B 83 1.30 -1.29 -19.13
CA MET B 83 0.10 -2.02 -18.89
C MET B 83 0.35 -2.89 -17.69
N PRO B 84 -0.70 -3.08 -16.95
CA PRO B 84 -0.66 -3.81 -15.72
C PRO B 84 -0.30 -5.21 -16.09
N THR B 85 0.21 -6.01 -15.13
CA THR B 85 0.60 -7.36 -15.40
C THR B 85 -0.62 -8.07 -15.85
N LEU B 86 -0.64 -8.38 -17.15
CA LEU B 86 -1.82 -8.86 -17.80
C LEU B 86 -2.14 -10.20 -17.24
N THR B 87 -1.13 -11.06 -17.10
CA THR B 87 -1.34 -12.48 -16.83
C THR B 87 -1.36 -12.77 -15.33
N ASP B 88 -2.12 -13.79 -14.92
CA ASP B 88 -2.10 -14.37 -13.58
C ASP B 88 -2.24 -15.89 -13.70
N LYS B 89 -1.27 -16.61 -13.10
CA LYS B 89 -0.50 -17.59 -13.80
C LYS B 89 -1.39 -18.46 -14.62
N GLY B 90 -1.06 -18.55 -15.91
CA GLY B 90 -1.74 -19.44 -16.81
C GLY B 90 -2.86 -18.74 -17.50
N ARG B 91 -3.26 -17.56 -17.01
CA ARG B 91 -4.45 -16.96 -17.62
C ARG B 91 -4.20 -15.47 -17.90
N GLY B 92 -4.82 -14.93 -18.94
CA GLY B 92 -4.85 -13.49 -19.21
C GLY B 92 -5.87 -12.79 -18.32
N ARG B 93 -5.50 -11.63 -17.75
CA ARG B 93 -6.37 -11.05 -16.77
C ARG B 93 -7.65 -10.72 -17.42
N PHE B 94 -7.56 -10.12 -18.61
CA PHE B 94 -8.73 -9.57 -19.22
C PHE B 94 -8.90 -10.24 -20.54
N ALA B 95 -10.08 -10.84 -20.75
CA ALA B 95 -10.36 -11.29 -22.08
C ALA B 95 -10.40 -10.09 -22.98
N LEU B 96 -11.07 -9.01 -22.51
CA LEU B 96 -11.22 -7.83 -23.35
C LEU B 96 -10.41 -6.66 -22.77
N ILE B 97 -9.86 -5.83 -23.64
CA ILE B 97 -9.20 -4.57 -23.26
C ILE B 97 -9.96 -3.41 -23.90
N ILE B 98 -10.20 -2.34 -23.14
CA ILE B 98 -10.89 -1.14 -23.61
C ILE B 98 -10.00 0.07 -23.34
N TYR B 99 -9.73 0.89 -24.35
CA TYR B 99 -9.05 2.17 -24.21
C TYR B 99 -10.03 3.30 -24.43
N GLU B 100 -10.27 4.08 -23.36
CA GLU B 100 -11.12 5.22 -23.50
C GLU B 100 -10.41 6.15 -24.41
N ASN B 101 -9.11 6.40 -24.15
CA ASN B 101 -8.37 7.22 -25.05
C ASN B 101 -7.58 6.29 -25.90
N ILE B 102 -7.92 6.25 -27.17
CA ILE B 102 -7.18 5.30 -28.02
C ILE B 102 -5.72 5.73 -28.23
N LEU B 103 -5.40 7.03 -28.10
CA LEU B 103 -4.01 7.50 -28.16
C LEU B 103 -3.14 6.90 -27.07
N LYS B 104 -3.70 6.57 -25.89
CA LYS B 104 -2.96 5.91 -24.82
C LYS B 104 -2.56 4.48 -25.20
N TYR B 105 -3.36 3.78 -25.99
CA TYR B 105 -3.02 2.45 -26.51
C TYR B 105 -1.92 2.52 -27.59
N VAL B 106 -2.05 3.43 -28.57
CA VAL B 106 -1.07 3.54 -29.65
C VAL B 106 0.26 4.14 -29.22
N ASN B 107 0.25 5.00 -28.18
CA ASN B 107 1.50 5.56 -27.80
C ASN B 107 1.97 4.72 -26.68
N LEU B 108 2.90 3.79 -26.97
CA LEU B 108 3.43 2.95 -25.95
C LEU B 108 4.92 2.92 -26.15
N ASP B 109 5.65 2.57 -25.09
CA ASP B 109 7.07 2.42 -25.24
C ASP B 109 7.23 1.15 -26.01
N ALA B 110 8.39 0.95 -26.63
CA ALA B 110 8.55 -0.26 -27.45
C ALA B 110 8.44 -1.56 -26.62
N TRP B 111 8.94 -1.58 -25.39
CA TRP B 111 8.90 -2.78 -24.56
C TRP B 111 7.47 -3.11 -24.12
N ASN B 112 6.75 -2.14 -23.55
CA ASN B 112 5.37 -2.35 -23.11
C ASN B 112 4.42 -2.59 -24.29
N ARG B 113 4.66 -1.95 -25.44
CA ARG B 113 3.89 -2.20 -26.67
C ARG B 113 4.04 -3.64 -27.15
N GLU B 114 5.28 -4.11 -27.24
CA GLU B 114 5.57 -5.49 -27.67
C GLU B 114 5.00 -6.52 -26.68
N LEU B 115 5.06 -6.22 -25.38
CA LEU B 115 4.47 -7.06 -24.33
C LEU B 115 2.94 -7.17 -24.48
N LEU B 116 2.27 -6.05 -24.69
CA LEU B 116 0.81 -6.00 -24.83
C LEU B 116 0.34 -6.66 -26.13
N ASP B 117 1.03 -6.42 -27.23
CA ASP B 117 0.72 -7.05 -28.52
C ASP B 117 0.91 -8.57 -28.45
N LYS B 118 2.00 -9.04 -27.81
CA LYS B 118 2.23 -10.47 -27.57
C LYS B 118 1.11 -11.08 -26.73
N TYR B 119 0.64 -10.38 -25.69
CA TYR B 119 -0.51 -10.83 -24.90
C TYR B 119 -1.78 -10.93 -25.74
N CYS B 120 -2.09 -9.91 -26.53
CA CYS B 120 -3.29 -9.87 -27.36
C CYS B 120 -3.31 -11.04 -28.37
N VAL B 121 -2.19 -11.30 -29.05
CA VAL B 121 -2.05 -12.43 -29.98
C VAL B 121 -2.13 -13.78 -29.24
N ALA B 122 -1.39 -13.95 -28.13
CA ALA B 122 -1.31 -15.22 -27.43
C ALA B 122 -2.64 -15.66 -26.78
N TYR B 123 -3.47 -14.70 -26.37
CA TYR B 123 -4.74 -14.96 -25.68
C TYR B 123 -5.99 -14.61 -26.50
N GLY B 124 -5.79 -13.89 -27.63
CA GLY B 124 -6.89 -13.62 -28.51
C GLY B 124 -7.74 -12.55 -27.89
N VAL B 125 -7.12 -11.70 -27.06
CA VAL B 125 -7.86 -10.63 -26.47
C VAL B 125 -8.03 -9.57 -27.53
N GLY B 126 -9.30 -9.17 -27.77
CA GLY B 126 -9.55 -8.00 -28.60
C GLY B 126 -9.42 -6.67 -27.86
N ILE B 127 -9.40 -5.57 -28.62
CA ILE B 127 -9.31 -4.20 -28.09
C ILE B 127 -10.46 -3.33 -28.59
N ILE B 128 -11.18 -2.66 -27.69
CA ILE B 128 -12.08 -1.55 -28.07
C ILE B 128 -11.33 -0.24 -27.83
N GLY B 129 -11.38 0.68 -28.79
CA GLY B 129 -10.74 1.99 -28.68
C GLY B 129 -11.67 3.12 -29.07
N PHE B 130 -11.57 4.25 -28.37
CA PHE B 130 -12.29 5.46 -28.75
C PHE B 130 -11.31 6.55 -29.12
N PHE B 131 -11.70 7.39 -30.11
CA PHE B 131 -10.85 8.45 -30.50
C PHE B 131 -11.53 9.73 -30.15
N LYS B 132 -10.74 10.71 -29.68
CA LYS B 132 -11.22 12.03 -29.46
C LYS B 132 -10.43 12.92 -30.35
N ALA B 133 -11.11 13.89 -30.99
CA ALA B 133 -10.39 14.79 -31.82
C ALA B 133 -9.53 15.61 -30.93
N ASN B 134 -8.34 15.97 -31.41
CA ASN B 134 -7.47 16.78 -30.60
C ASN B 134 -7.24 18.06 -31.33
N GLU B 135 -7.28 19.17 -30.59
CA GLU B 135 -7.06 20.46 -31.20
C GLU B 135 -5.65 20.46 -31.69
N ASN B 136 -4.75 19.98 -30.82
CA ASN B 136 -3.35 19.97 -31.11
C ASN B 136 -3.15 19.12 -32.31
N SER B 137 -3.82 17.94 -32.34
CA SER B 137 -3.59 16.98 -33.37
C SER B 137 -4.05 17.58 -34.66
N LEU B 138 -3.43 17.16 -35.76
CA LEU B 138 -3.80 17.66 -37.04
C LEU B 138 -5.08 16.97 -37.31
N LEU B 139 -5.93 17.56 -38.18
CA LEU B 139 -7.21 16.98 -38.48
C LEU B 139 -6.96 15.67 -39.14
N SER B 140 -6.06 15.67 -40.13
CA SER B 140 -5.83 14.36 -40.75
C SER B 140 -4.49 13.77 -40.30
N ALA B 141 -4.51 12.52 -39.84
CA ALA B 141 -3.32 11.81 -39.40
C ALA B 141 -3.46 10.29 -39.59
N GLN B 142 -2.36 9.61 -39.90
CA GLN B 142 -2.33 8.16 -39.88
C GLN B 142 -2.16 7.66 -38.44
N LEU B 143 -3.01 6.69 -38.03
CA LEU B 143 -3.00 6.24 -36.66
C LEU B 143 -1.73 5.50 -36.44
N LYS B 144 -1.22 5.55 -35.20
CA LYS B 144 0.08 4.97 -34.96
C LYS B 144 -0.05 3.50 -35.09
N GLY B 145 0.86 2.88 -35.85
CA GLY B 145 0.90 1.47 -35.92
C GLY B 145 -0.13 1.02 -36.88
N PHE B 146 -0.89 1.98 -37.44
CA PHE B 146 -2.02 1.55 -38.20
C PHE B 146 -1.90 2.28 -39.48
N PRO B 147 -2.25 1.55 -40.49
CA PRO B 147 -2.34 2.08 -41.80
C PRO B 147 -3.46 3.05 -41.83
N LEU B 148 -4.31 3.03 -40.79
CA LEU B 148 -5.57 3.69 -40.85
C LEU B 148 -5.32 5.14 -40.81
N PHE B 149 -6.18 5.87 -41.54
CA PHE B 149 -6.19 7.33 -41.46
C PHE B 149 -7.40 7.81 -40.66
N LEU B 150 -7.16 8.81 -39.80
CA LEU B 150 -8.12 9.48 -38.94
C LEU B 150 -8.31 10.89 -39.48
N HIS B 151 -9.54 11.27 -39.81
CA HIS B 151 -9.91 12.65 -40.14
C HIS B 151 -10.82 13.20 -39.06
N SER B 152 -10.40 14.26 -38.39
CA SER B 152 -10.93 14.69 -37.09
C SER B 152 -11.58 16.07 -37.14
N ASN B 153 -12.30 16.45 -36.07
CA ASN B 153 -13.00 17.74 -35.95
C ASN B 153 -14.01 17.97 -37.09
N LEU B 154 -14.83 16.95 -37.36
CA LEU B 154 -15.88 17.00 -38.37
C LEU B 154 -17.28 17.12 -37.73
N GLY B 155 -18.08 18.05 -38.27
CA GLY B 155 -19.50 17.95 -38.10
C GLY B 155 -19.95 16.78 -38.92
N LEU B 156 -20.89 15.99 -38.38
CA LEU B 156 -21.55 14.89 -39.11
C LEU B 156 -23.08 14.94 -39.00
N LYS B 157 -23.75 14.23 -39.90
CA LYS B 157 -25.21 14.06 -39.96
C LYS B 157 -25.60 12.72 -40.62
N ASP B 158 -26.86 12.32 -40.49
CA ASP B 158 -27.49 11.18 -41.17
C ASP B 158 -26.70 9.86 -41.02
N CYS B 159 -26.67 9.30 -39.81
CA CYS B 159 -25.92 8.09 -39.51
C CYS B 159 -26.69 6.83 -39.88
N SER B 160 -26.02 5.84 -40.46
CA SER B 160 -26.58 4.56 -40.89
C SER B 160 -25.68 3.41 -40.46
N ILE B 161 -26.30 2.25 -40.20
CA ILE B 161 -25.58 1.02 -39.84
C ILE B 161 -25.25 0.25 -41.13
N ASN B 162 -24.00 -0.17 -41.30
CA ASN B 162 -23.66 -0.91 -42.47
C ASN B 162 -23.68 -2.34 -42.08
N PRO B 163 -24.55 -3.05 -42.73
CA PRO B 163 -24.78 -4.41 -42.39
C PRO B 163 -23.53 -5.19 -42.64
N LYS B 164 -22.62 -4.66 -43.47
CA LYS B 164 -21.50 -5.45 -43.91
C LYS B 164 -20.64 -5.81 -42.74
N SER B 165 -20.38 -4.85 -41.84
CA SER B 165 -19.39 -5.09 -40.82
C SER B 165 -19.92 -6.09 -39.85
N PRO B 166 -19.04 -6.96 -39.43
CA PRO B 166 -19.45 -8.14 -38.72
C PRO B 166 -19.98 -7.73 -37.39
N LEU B 167 -19.75 -6.46 -37.02
CA LEU B 167 -19.92 -6.05 -35.65
C LEU B 167 -21.33 -6.25 -35.18
N LEU B 168 -22.31 -5.67 -35.91
CA LEU B 168 -23.67 -5.71 -35.43
C LEU B 168 -24.51 -6.16 -36.56
N TYR B 169 -24.40 -7.49 -36.80
CA TYR B 169 -25.31 -8.23 -37.59
C TYR B 169 -26.52 -8.39 -36.76
N VAL B 170 -26.28 -8.66 -35.47
CA VAL B 170 -27.29 -8.94 -34.52
C VAL B 170 -28.26 -7.80 -34.51
N THR B 171 -27.76 -6.57 -34.38
CA THR B 171 -28.63 -5.45 -34.55
C THR B 171 -29.12 -5.49 -35.95
N ARG B 172 -30.44 -5.23 -36.10
CA ARG B 172 -31.02 -5.23 -37.40
C ARG B 172 -30.43 -4.06 -38.12
N PRO B 173 -30.39 -4.14 -39.40
CA PRO B 173 -30.16 -2.99 -40.21
C PRO B 173 -31.19 -2.02 -39.73
N SER B 174 -30.79 -0.74 -39.53
CA SER B 174 -31.65 0.13 -38.80
C SER B 174 -31.97 1.28 -39.70
N GLU B 175 -32.97 2.06 -39.30
CA GLU B 175 -33.36 3.20 -40.07
C GLU B 175 -32.21 4.15 -39.99
N VAL B 176 -32.11 5.06 -40.97
CA VAL B 176 -31.07 6.09 -40.94
C VAL B 176 -31.44 7.06 -39.85
N GLU B 177 -30.53 7.27 -38.91
CA GLU B 177 -30.67 8.28 -37.87
C GLU B 177 -30.45 9.63 -38.51
N LYS B 178 -31.55 10.25 -38.95
CA LYS B 178 -31.53 11.51 -39.68
C LYS B 178 -31.23 12.69 -38.79
N GLY B 179 -30.64 13.70 -39.41
CA GLY B 179 -30.34 14.95 -38.75
C GLY B 179 -28.94 14.96 -38.20
N VAL B 180 -28.69 15.93 -37.34
CA VAL B 180 -27.35 16.39 -37.03
C VAL B 180 -26.78 15.60 -35.85
N LEU B 181 -25.63 14.94 -36.05
CA LEU B 181 -25.00 14.33 -34.94
C LEU B 181 -24.28 15.42 -34.21
N PRO B 182 -24.47 15.38 -32.93
CA PRO B 182 -23.95 16.39 -32.07
C PRO B 182 -22.46 16.30 -32.07
N GLY B 183 -21.78 17.46 -31.99
CA GLY B 183 -20.36 17.46 -31.79
C GLY B 183 -19.67 17.72 -33.08
N GLU B 184 -18.74 18.70 -33.05
CA GLU B 184 -17.86 19.03 -34.13
C GLU B 184 -16.85 17.95 -34.21
N ASP B 185 -16.62 17.29 -33.06
CA ASP B 185 -15.40 16.66 -32.67
C ASP B 185 -15.09 15.57 -33.63
N TRP B 186 -16.12 14.97 -34.23
CA TRP B 186 -16.09 13.60 -34.72
C TRP B 186 -14.81 13.29 -35.49
N THR B 187 -14.37 12.05 -35.36
CA THR B 187 -13.36 11.45 -36.22
C THR B 187 -14.00 10.40 -37.13
N VAL B 188 -13.62 10.41 -38.40
CA VAL B 188 -13.94 9.34 -39.35
C VAL B 188 -12.68 8.59 -39.74
N PHE B 189 -12.85 7.32 -40.07
CA PHE B 189 -11.78 6.40 -40.40
C PHE B 189 -11.75 6.10 -41.89
N GLN B 190 -10.56 6.08 -42.47
CA GLN B 190 -10.36 5.72 -43.86
C GLN B 190 -9.17 4.77 -43.99
N SER B 191 -9.40 3.68 -44.74
CA SER B 191 -8.36 2.77 -45.11
C SER B 191 -9.01 1.81 -46.04
N ASN B 192 -8.22 1.12 -46.88
CA ASN B 192 -8.81 0.10 -47.68
C ASN B 192 -8.15 -1.19 -47.32
N HIS B 193 -8.94 -2.16 -46.81
CA HIS B 193 -8.37 -3.45 -46.56
C HIS B 193 -9.45 -4.32 -46.01
N SER B 194 -9.22 -5.64 -45.98
CA SER B 194 -10.08 -6.56 -45.32
C SER B 194 -10.01 -6.25 -43.87
N THR B 195 -8.90 -5.61 -43.45
CA THR B 195 -8.56 -5.43 -42.06
C THR B 195 -9.70 -4.66 -41.50
N TYR B 196 -10.14 -3.61 -42.24
CA TYR B 196 -11.08 -2.64 -41.68
C TYR B 196 -12.44 -2.71 -42.40
N GLU B 197 -13.47 -3.08 -41.66
CA GLU B 197 -14.87 -3.10 -42.08
C GLU B 197 -15.64 -1.95 -41.41
N PRO B 198 -16.35 -1.08 -42.16
CA PRO B 198 -17.17 -0.03 -41.56
C PRO B 198 -18.40 -0.61 -40.86
N VAL B 199 -18.74 -0.09 -39.69
CA VAL B 199 -19.91 -0.50 -38.89
C VAL B 199 -20.98 0.59 -38.91
N LEU B 200 -20.59 1.84 -38.63
CA LEU B 200 -21.43 3.02 -38.74
C LEU B 200 -20.88 3.96 -39.81
N LEU B 201 -21.77 4.50 -40.61
CA LEU B 201 -21.50 5.37 -41.75
C LEU B 201 -22.32 6.65 -41.61
N ALA B 202 -21.69 7.82 -41.73
CA ALA B 202 -22.36 9.12 -41.64
C ALA B 202 -21.91 10.05 -42.77
N LYS B 203 -22.65 11.13 -42.98
CA LYS B 203 -22.30 12.19 -43.95
C LYS B 203 -21.70 13.38 -43.20
N THR B 204 -20.86 14.16 -43.88
CA THR B 204 -20.44 15.48 -43.40
C THR B 204 -21.59 16.50 -43.47
N ARG B 205 -21.57 17.49 -42.56
CA ARG B 205 -22.64 18.42 -42.45
C ARG B 205 -22.70 19.17 -43.73
N SER B 206 -21.54 19.55 -44.28
CA SER B 206 -21.56 20.29 -45.50
C SER B 206 -22.03 19.37 -46.56
N SER B 207 -22.72 19.93 -47.58
CA SER B 207 -23.17 19.13 -48.67
C SER B 207 -21.94 18.64 -49.35
N GLU B 208 -20.92 19.51 -49.44
CA GLU B 208 -19.71 19.17 -50.13
C GLU B 208 -19.03 18.09 -49.35
N SER B 209 -18.27 17.25 -50.05
CA SER B 209 -17.58 16.17 -49.41
C SER B 209 -16.42 16.76 -48.70
N ILE B 210 -15.65 15.91 -47.99
CA ILE B 210 -14.52 16.39 -47.27
C ILE B 210 -13.60 17.01 -48.27
N PRO B 211 -13.08 18.14 -47.89
CA PRO B 211 -12.52 19.03 -48.84
C PRO B 211 -11.27 18.44 -49.38
N HIS B 212 -10.85 18.88 -50.58
CA HIS B 212 -9.66 18.36 -51.20
C HIS B 212 -9.82 16.87 -51.29
N LEU B 213 -11.00 16.41 -51.75
CA LEU B 213 -11.12 15.02 -52.03
C LEU B 213 -10.35 14.73 -53.28
N GLY B 214 -9.85 13.49 -53.41
CA GLY B 214 -9.06 13.16 -54.54
C GLY B 214 -9.98 12.91 -55.68
N ALA B 215 -9.40 12.68 -56.87
CA ALA B 215 -10.16 12.41 -58.05
C ALA B 215 -10.91 11.15 -57.84
N ASP B 216 -10.27 10.18 -57.16
CA ASP B 216 -10.81 8.88 -57.01
C ASP B 216 -12.11 9.01 -56.31
N ALA B 217 -12.16 9.87 -55.27
CA ALA B 217 -13.39 10.04 -54.57
C ALA B 217 -14.38 10.57 -55.55
N GLY B 218 -15.66 10.16 -55.39
CA GLY B 218 -16.65 10.55 -56.33
C GLY B 218 -17.07 11.94 -55.99
N LEU B 219 -17.86 12.56 -56.88
CA LEU B 219 -18.31 13.90 -56.64
C LEU B 219 -19.15 13.86 -55.41
N HIS B 220 -20.08 12.88 -55.36
CA HIS B 220 -20.89 12.67 -54.21
C HIS B 220 -19.99 12.17 -53.14
N ALA B 221 -20.21 12.63 -51.90
CA ALA B 221 -19.33 12.21 -50.85
C ALA B 221 -19.67 10.80 -50.53
N ALA B 222 -18.65 9.99 -50.20
CA ALA B 222 -18.99 8.68 -49.75
C ALA B 222 -19.40 8.80 -48.33
N LEU B 223 -20.17 7.81 -47.85
CA LEU B 223 -20.45 7.80 -46.46
C LEU B 223 -19.18 7.48 -45.76
N HIS B 224 -18.91 8.26 -44.70
CA HIS B 224 -17.65 8.10 -43.97
C HIS B 224 -17.84 7.20 -42.75
N ALA B 225 -16.88 6.30 -42.50
CA ALA B 225 -16.96 5.37 -41.39
C ALA B 225 -16.67 6.07 -40.06
N THR B 226 -17.64 6.11 -39.16
CA THR B 226 -17.50 6.67 -37.80
C THR B 226 -17.18 5.59 -36.76
N VAL B 227 -17.46 4.33 -37.09
CA VAL B 227 -17.03 3.16 -36.33
C VAL B 227 -16.51 2.12 -37.32
N VAL B 228 -15.34 1.56 -37.04
CA VAL B 228 -14.72 0.50 -37.86
C VAL B 228 -14.34 -0.71 -37.01
N GLN B 229 -14.48 -1.88 -37.59
CA GLN B 229 -14.01 -3.14 -37.04
C GLN B 229 -12.72 -3.56 -37.74
N ASP B 230 -11.65 -3.76 -36.97
CA ASP B 230 -10.42 -4.40 -37.41
C ASP B 230 -10.53 -5.91 -37.19
N LEU B 231 -10.48 -6.68 -38.30
CA LEU B 231 -10.51 -8.10 -38.15
C LEU B 231 -9.30 -8.42 -37.33
N GLY B 232 -8.17 -7.76 -37.67
CA GLY B 232 -7.02 -7.86 -36.84
C GLY B 232 -6.46 -9.22 -37.03
N LEU B 233 -6.59 -9.77 -38.25
CA LEU B 233 -6.02 -11.06 -38.49
C LEU B 233 -4.53 -10.92 -38.37
N HIS B 234 -3.97 -9.89 -39.01
CA HIS B 234 -2.55 -9.70 -39.05
C HIS B 234 -2.09 -9.48 -37.65
N ASP B 235 -2.75 -8.55 -36.94
CA ASP B 235 -2.31 -8.24 -35.62
C ASP B 235 -2.47 -9.48 -34.82
N GLY B 236 -3.57 -10.21 -35.07
CA GLY B 236 -3.90 -11.35 -34.27
C GLY B 236 -4.92 -10.93 -33.28
N ILE B 237 -5.24 -9.62 -33.23
CA ILE B 237 -6.23 -9.17 -32.32
C ILE B 237 -7.26 -8.43 -33.10
N GLN B 238 -8.53 -8.60 -32.69
CA GLN B 238 -9.61 -7.90 -33.32
C GLN B 238 -9.82 -6.63 -32.56
N ARG B 239 -10.00 -5.54 -33.31
CA ARG B 239 -10.34 -4.27 -32.66
C ARG B 239 -11.66 -3.69 -33.14
N VAL B 240 -12.27 -2.84 -32.32
CA VAL B 240 -13.38 -1.95 -32.75
C VAL B 240 -13.05 -0.53 -32.33
N LEU B 241 -13.01 0.38 -33.29
CA LEU B 241 -12.63 1.77 -33.08
C LEU B 241 -13.82 2.70 -33.29
N PHE B 242 -14.10 3.54 -32.31
CA PHE B 242 -15.17 4.54 -32.32
C PHE B 242 -14.59 5.94 -32.50
N GLY B 243 -15.08 6.64 -33.54
CA GLY B 243 -14.57 7.94 -33.90
C GLY B 243 -14.91 8.90 -32.82
N ASN B 244 -16.15 8.81 -32.30
CA ASN B 244 -16.67 9.86 -31.49
C ASN B 244 -16.91 9.31 -30.13
N ASN B 245 -17.30 10.19 -29.20
CA ASN B 245 -17.44 9.85 -27.82
C ASN B 245 -18.58 8.89 -27.69
N LEU B 246 -18.60 8.17 -26.56
CA LEU B 246 -19.61 7.20 -26.27
C LEU B 246 -20.91 7.92 -26.18
N ASN B 247 -20.85 9.22 -25.82
CA ASN B 247 -22.02 9.96 -25.44
C ASN B 247 -23.04 9.89 -26.53
N PHE B 248 -22.57 9.96 -27.80
CA PHE B 248 -23.42 9.87 -28.94
C PHE B 248 -24.08 8.56 -28.80
N TRP B 249 -25.42 8.52 -28.93
CA TRP B 249 -26.16 7.38 -28.37
C TRP B 249 -25.89 6.06 -29.12
N LEU B 250 -25.72 6.11 -30.44
CA LEU B 250 -25.45 4.93 -31.25
C LEU B 250 -24.10 4.28 -30.92
N HIS B 251 -23.11 5.06 -30.45
CA HIS B 251 -21.85 4.51 -29.96
C HIS B 251 -22.05 3.63 -28.73
N LYS B 252 -23.00 3.96 -27.83
CA LYS B 252 -23.29 3.12 -26.67
C LYS B 252 -23.84 1.76 -27.08
N LEU B 253 -24.69 1.73 -28.12
CA LEU B 253 -25.25 0.50 -28.67
C LEU B 253 -24.16 -0.36 -29.32
N VAL B 254 -23.32 0.23 -30.19
CA VAL B 254 -22.20 -0.46 -30.85
C VAL B 254 -21.13 -0.89 -29.84
N PHE B 255 -20.92 -0.14 -28.76
CA PHE B 255 -20.00 -0.51 -27.68
C PHE B 255 -20.43 -1.79 -26.96
N VAL B 256 -21.73 -1.96 -26.67
CA VAL B 256 -22.25 -3.21 -26.09
C VAL B 256 -21.96 -4.40 -27.01
N ASP B 257 -22.16 -4.22 -28.32
CA ASP B 257 -21.86 -5.24 -29.33
C ASP B 257 -20.36 -5.53 -29.45
N ALA B 258 -19.50 -4.50 -29.35
CA ALA B 258 -18.05 -4.66 -29.34
C ALA B 258 -17.55 -5.49 -28.16
N VAL B 259 -18.05 -5.22 -26.95
CA VAL B 259 -17.72 -5.98 -25.74
C VAL B 259 -18.16 -7.45 -25.90
N ALA B 260 -19.37 -7.68 -26.43
CA ALA B 260 -19.88 -9.02 -26.68
C ALA B 260 -19.03 -9.77 -27.72
N PHE B 261 -18.67 -9.13 -28.83
CA PHE B 261 -17.90 -9.75 -29.91
C PHE B 261 -16.48 -10.12 -29.46
N LEU B 262 -15.73 -9.16 -28.92
CA LEU B 262 -14.31 -9.33 -28.56
C LEU B 262 -14.11 -10.30 -27.38
N THR B 263 -15.13 -10.40 -26.53
CA THR B 263 -15.07 -11.25 -25.38
C THR B 263 -15.06 -12.66 -25.88
N GLY B 264 -15.79 -12.89 -26.99
CA GLY B 264 -16.08 -14.24 -27.38
C GLY B 264 -17.38 -14.56 -26.73
N LYS B 265 -18.03 -13.53 -26.16
CA LYS B 265 -19.30 -13.68 -25.55
C LYS B 265 -19.23 -14.79 -24.57
N ARG B 266 -18.19 -14.77 -23.72
CA ARG B 266 -18.12 -15.78 -22.70
C ARG B 266 -19.36 -15.61 -21.90
N LEU B 267 -19.65 -14.35 -21.52
CA LEU B 267 -20.96 -14.06 -21.02
C LEU B 267 -21.54 -13.06 -21.95
N SER B 268 -22.84 -13.20 -22.25
CA SER B 268 -23.45 -12.30 -23.16
C SER B 268 -24.70 -11.81 -22.51
N LEU B 269 -25.15 -10.62 -22.93
CA LEU B 269 -26.43 -10.15 -22.50
C LEU B 269 -27.42 -10.69 -23.46
N PRO B 270 -28.47 -11.16 -22.88
CA PRO B 270 -29.45 -11.90 -23.59
C PRO B 270 -30.07 -11.01 -24.58
N LEU B 271 -30.59 -11.60 -25.67
CA LEU B 271 -31.33 -10.82 -26.56
C LEU B 271 -32.55 -10.44 -25.80
N ASP B 272 -33.07 -11.39 -24.96
CA ASP B 272 -34.39 -11.36 -24.33
C ASP B 272 -34.49 -10.18 -23.35
N ARG B 273 -35.61 -9.45 -23.40
CA ARG B 273 -35.92 -8.33 -22.51
C ARG B 273 -37.32 -8.50 -21.93
N TYR B 274 -37.45 -8.36 -20.63
CA TYR B 274 -38.75 -8.43 -19.96
C TYR B 274 -39.19 -7.03 -19.55
N ILE B 275 -40.39 -6.64 -19.96
CA ILE B 275 -40.98 -5.34 -19.67
C ILE B 275 -42.28 -5.54 -18.89
N LEU B 276 -42.42 -4.81 -17.79
CA LEU B 276 -43.68 -4.63 -17.05
C LEU B 276 -43.96 -3.12 -16.97
N VAL B 277 -45.20 -2.73 -17.21
CA VAL B 277 -45.64 -1.33 -17.07
C VAL B 277 -46.67 -1.28 -15.95
N ASP B 278 -46.26 -0.67 -14.85
CA ASP B 278 -47.14 -0.40 -13.72
C ASP B 278 -47.78 0.97 -13.89
N ILE B 279 -49.11 1.00 -13.80
CA ILE B 279 -49.91 2.22 -13.73
C ILE B 279 -50.32 2.36 -12.27
N ASP B 280 -49.52 3.11 -11.52
CA ASP B 280 -49.80 3.42 -10.13
C ASP B 280 -51.00 4.39 -10.03
N ASP B 281 -51.51 4.56 -8.81
CA ASP B 281 -52.47 5.60 -8.47
C ASP B 281 -53.83 5.46 -9.19
N ILE B 282 -54.26 4.24 -9.51
CA ILE B 282 -55.62 3.97 -9.98
C ILE B 282 -56.64 4.40 -8.92
N PHE B 283 -57.66 5.09 -9.42
CA PHE B 283 -58.68 5.58 -8.57
C PHE B 283 -58.03 6.57 -7.69
N VAL B 284 -56.84 7.09 -8.10
CA VAL B 284 -56.17 8.07 -7.31
C VAL B 284 -55.84 9.19 -8.21
N GLY B 285 -55.77 10.40 -7.65
CA GLY B 285 -55.30 11.53 -8.39
C GLY B 285 -56.27 12.64 -8.24
N LYS B 286 -55.91 13.81 -8.81
CA LYS B 286 -56.78 14.95 -8.80
C LYS B 286 -57.80 14.68 -9.85
N GLU B 287 -58.91 15.45 -9.83
CA GLU B 287 -59.89 15.20 -10.84
C GLU B 287 -59.24 15.47 -12.15
N GLY B 288 -59.50 14.59 -13.14
CA GLY B 288 -58.95 14.73 -14.45
C GLY B 288 -57.75 13.85 -14.53
N THR B 289 -57.10 13.58 -13.38
CA THR B 289 -56.03 12.65 -13.39
C THR B 289 -56.60 11.33 -13.74
N ARG B 290 -57.77 11.01 -13.14
CA ARG B 290 -58.40 9.76 -13.37
C ARG B 290 -58.80 9.72 -14.80
N MET B 291 -58.73 8.53 -15.41
CA MET B 291 -59.06 8.44 -16.81
C MET B 291 -60.53 8.60 -16.92
N LYS B 292 -60.95 9.27 -18.01
CA LYS B 292 -62.34 9.40 -18.34
C LYS B 292 -62.70 8.17 -19.12
N VAL B 293 -63.95 8.11 -19.59
CA VAL B 293 -64.35 6.96 -20.43
C VAL B 293 -63.46 6.81 -21.68
N GLU B 294 -63.12 7.91 -22.33
CA GLU B 294 -62.34 7.93 -23.58
C GLU B 294 -60.87 7.57 -23.34
N ASP B 295 -60.34 7.97 -22.19
CA ASP B 295 -58.97 7.69 -21.77
C ASP B 295 -58.79 6.22 -21.43
N VAL B 296 -59.78 5.62 -20.75
CA VAL B 296 -59.80 4.19 -20.44
C VAL B 296 -59.88 3.33 -21.71
N LYS B 297 -60.68 3.74 -22.70
CA LYS B 297 -60.69 3.09 -24.02
C LYS B 297 -59.34 3.20 -24.71
N ALA B 298 -58.74 4.39 -24.72
CA ALA B 298 -57.41 4.60 -25.32
C ALA B 298 -56.32 3.77 -24.62
N LEU B 299 -56.40 3.59 -23.30
CA LEU B 299 -55.51 2.73 -22.53
C LEU B 299 -55.61 1.27 -22.99
N PHE B 300 -56.83 0.76 -23.12
CA PHE B 300 -57.10 -0.60 -23.62
C PHE B 300 -56.63 -0.79 -25.08
N ASP B 301 -56.93 0.17 -25.96
CA ASP B 301 -56.53 0.10 -27.36
C ASP B 301 -55.00 0.14 -27.51
N THR B 302 -54.33 1.00 -26.75
CA THR B 302 -52.86 1.10 -26.76
C THR B 302 -52.21 -0.16 -26.20
N GLN B 303 -52.79 -0.78 -25.16
CA GLN B 303 -52.33 -2.08 -24.68
C GLN B 303 -52.33 -3.12 -25.79
N ASN B 304 -53.39 -3.15 -26.61
CA ASN B 304 -53.50 -4.07 -27.74
C ASN B 304 -52.52 -3.74 -28.87
N GLU B 305 -52.24 -2.47 -29.15
CA GLU B 305 -51.18 -2.08 -30.09
C GLU B 305 -49.79 -2.52 -29.58
N LEU B 306 -49.48 -2.31 -28.30
CA LEU B 306 -48.19 -2.69 -27.72
C LEU B 306 -47.96 -4.21 -27.75
N ARG B 307 -49.05 -4.99 -27.56
CA ARG B 307 -48.99 -6.40 -27.37
C ARG B 307 -48.42 -7.01 -28.60
N ALA B 308 -48.73 -6.42 -29.77
CA ALA B 308 -48.18 -6.97 -30.97
C ALA B 308 -46.71 -6.89 -30.85
N HIS B 309 -46.19 -5.74 -30.36
CA HIS B 309 -44.78 -5.56 -30.23
C HIS B 309 -44.28 -6.54 -29.23
N ILE B 310 -44.88 -6.50 -28.02
CA ILE B 310 -44.44 -7.35 -26.95
C ILE B 310 -45.65 -8.07 -26.51
N PRO B 311 -45.45 -9.33 -26.62
CA PRO B 311 -46.53 -10.24 -26.63
C PRO B 311 -47.13 -10.32 -25.29
N ASN B 312 -48.43 -10.63 -25.24
CA ASN B 312 -49.10 -10.82 -24.00
C ASN B 312 -48.87 -9.59 -23.18
N PHE B 313 -48.89 -8.41 -23.86
CA PHE B 313 -48.79 -7.18 -23.15
C PHE B 313 -49.98 -7.09 -22.25
N THR B 314 -49.70 -6.78 -20.97
CA THR B 314 -50.74 -6.54 -20.04
C THR B 314 -50.36 -5.28 -19.35
N PHE B 315 -51.37 -4.72 -18.66
CA PHE B 315 -51.17 -3.57 -17.85
C PHE B 315 -51.33 -3.96 -16.43
N ASN B 316 -50.41 -3.41 -15.61
CA ASN B 316 -50.57 -3.77 -14.22
C ASN B 316 -51.03 -2.54 -13.43
N LEU B 317 -52.24 -2.60 -12.87
CA LEU B 317 -52.99 -1.48 -12.32
C LEU B 317 -52.86 -1.43 -10.78
N GLY B 318 -52.18 -0.40 -10.27
CA GLY B 318 -51.95 -0.17 -8.85
C GLY B 318 -53.04 0.71 -8.24
N TYR B 319 -53.87 0.22 -7.31
CA TYR B 319 -55.06 0.94 -6.86
C TYR B 319 -55.09 1.31 -5.37
N SER B 320 -55.71 2.45 -5.05
CA SER B 320 -55.96 2.79 -3.68
C SER B 320 -57.44 2.96 -3.54
N GLY B 321 -58.04 2.28 -2.56
CA GLY B 321 -59.47 2.28 -2.40
C GLY B 321 -59.93 3.66 -2.04
N LYS B 322 -59.23 4.29 -1.07
CA LYS B 322 -59.74 5.48 -0.42
C LYS B 322 -59.88 6.51 -1.46
N PHE B 323 -58.86 6.64 -2.31
CA PHE B 323 -58.90 7.63 -3.33
C PHE B 323 -60.02 7.30 -4.25
N PHE B 324 -60.24 6.00 -4.48
CA PHE B 324 -61.13 5.45 -5.44
C PHE B 324 -62.51 6.05 -5.27
N HIS B 325 -63.26 6.18 -6.40
CA HIS B 325 -64.55 6.81 -6.42
C HIS B 325 -64.37 8.24 -5.97
N THR B 326 -63.18 8.81 -6.20
CA THR B 326 -62.99 10.22 -6.13
C THR B 326 -63.75 10.79 -7.29
N GLY B 327 -63.73 10.07 -8.42
CA GLY B 327 -64.07 10.61 -9.69
C GLY B 327 -65.51 11.00 -9.72
N THR B 328 -65.82 11.90 -10.68
CA THR B 328 -67.15 12.39 -10.90
C THR B 328 -67.76 11.45 -11.88
N ASN B 329 -68.86 11.89 -12.58
CA ASN B 329 -69.57 10.93 -13.44
C ASN B 329 -68.74 10.40 -14.64
N ALA B 330 -67.87 11.24 -15.21
CA ALA B 330 -67.00 10.83 -16.32
C ALA B 330 -65.80 9.97 -15.85
N GLU B 331 -65.32 10.19 -14.64
CA GLU B 331 -64.26 9.40 -13.99
C GLU B 331 -64.81 8.08 -13.45
N ASP B 332 -66.01 8.07 -12.87
CA ASP B 332 -66.69 6.86 -12.42
C ASP B 332 -67.03 5.94 -13.61
N ALA B 333 -67.42 6.50 -14.75
CA ALA B 333 -67.53 5.75 -16.01
C ALA B 333 -66.16 5.21 -16.48
N GLY B 334 -65.06 5.88 -16.13
CA GLY B 334 -63.71 5.39 -16.30
C GLY B 334 -63.42 4.19 -15.39
N ASP B 335 -63.76 4.28 -14.11
CA ASP B 335 -63.66 3.18 -13.14
C ASP B 335 -64.46 1.94 -13.61
N ASP B 336 -65.68 2.14 -14.13
CA ASP B 336 -66.52 1.07 -14.70
C ASP B 336 -65.85 0.39 -15.91
N LEU B 337 -65.30 1.19 -16.83
CA LEU B 337 -64.61 0.63 -17.99
C LEU B 337 -63.35 -0.15 -17.56
N LEU B 338 -62.62 0.34 -16.57
CA LEU B 338 -61.45 -0.34 -15.99
C LEU B 338 -61.82 -1.74 -15.47
N LEU B 339 -62.95 -1.84 -14.76
CA LEU B 339 -63.46 -3.11 -14.27
C LEU B 339 -64.01 -4.00 -15.38
N SER B 340 -64.59 -3.42 -16.44
CA SER B 340 -64.97 -4.20 -17.63
C SER B 340 -63.74 -4.80 -18.34
N TYR B 341 -62.59 -4.06 -18.25
CA TYR B 341 -61.25 -4.42 -18.64
C TYR B 341 -60.81 -5.55 -17.76
N VAL B 342 -61.27 -5.54 -16.50
CA VAL B 342 -60.49 -5.90 -15.35
C VAL B 342 -59.87 -7.24 -15.55
N LYS B 343 -60.63 -8.22 -16.08
CA LYS B 343 -60.16 -9.58 -16.07
C LYS B 343 -58.89 -9.62 -16.82
N GLU B 344 -58.83 -8.84 -17.92
CA GLU B 344 -57.65 -8.85 -18.73
C GLU B 344 -56.52 -8.25 -17.94
N PHE B 345 -56.80 -7.11 -17.28
CA PHE B 345 -55.75 -6.34 -16.71
C PHE B 345 -55.28 -6.95 -15.45
N TRP B 346 -53.97 -6.77 -15.18
CA TRP B 346 -53.43 -7.21 -13.90
C TRP B 346 -53.60 -6.10 -12.86
N TRP B 347 -53.65 -6.47 -11.58
CA TRP B 347 -53.93 -5.54 -10.49
C TRP B 347 -53.01 -5.78 -9.30
N PHE B 348 -52.69 -4.71 -8.58
CA PHE B 348 -51.98 -4.77 -7.31
C PHE B 348 -52.41 -3.65 -6.35
N PRO B 349 -52.37 -3.89 -5.03
CA PRO B 349 -52.76 -2.89 -4.06
C PRO B 349 -51.61 -1.92 -3.72
N HIS B 350 -52.01 -0.66 -3.43
CA HIS B 350 -51.29 0.22 -2.57
C HIS B 350 -52.09 0.19 -1.31
N MET B 351 -51.97 1.24 -0.45
CA MET B 351 -52.71 1.31 0.76
C MET B 351 -53.88 2.19 0.49
N TRP B 352 -54.99 2.00 1.21
CA TRP B 352 -56.14 2.84 1.00
C TRP B 352 -55.66 4.20 1.38
N SER B 353 -55.00 4.23 2.54
CA SER B 353 -54.33 5.38 3.03
C SER B 353 -53.24 5.70 2.05
N HIS B 354 -52.63 4.65 1.47
CA HIS B 354 -51.54 4.88 0.57
C HIS B 354 -50.44 5.57 1.30
N MET B 355 -50.29 5.27 2.60
CA MET B 355 -49.17 5.78 3.35
C MET B 355 -48.04 4.83 3.12
N GLN B 356 -46.80 5.27 3.35
CA GLN B 356 -45.69 4.37 3.29
C GLN B 356 -45.71 3.51 4.52
N PRO B 357 -45.57 2.24 4.28
CA PRO B 357 -45.68 1.22 5.29
C PRO B 357 -44.59 1.29 6.32
N HIS B 358 -43.44 1.85 5.99
CA HIS B 358 -42.37 1.88 6.96
C HIS B 358 -42.80 2.71 8.12
N LEU B 359 -43.56 3.76 7.81
CA LEU B 359 -43.96 4.72 8.76
C LEU B 359 -44.75 3.94 9.72
N PHE B 360 -45.53 2.98 9.18
CA PHE B 360 -46.38 2.34 10.11
C PHE B 360 -45.51 1.29 10.61
N HIS B 361 -44.97 1.51 11.82
CA HIS B 361 -44.13 0.56 12.49
C HIS B 361 -44.87 -0.71 12.79
N ASN B 362 -46.16 -0.62 13.19
CA ASN B 362 -46.99 -1.71 13.67
C ASN B 362 -47.46 -2.48 12.48
N GLN B 363 -47.23 -3.80 12.46
CA GLN B 363 -47.53 -4.56 11.25
C GLN B 363 -49.04 -4.73 11.01
N SER B 364 -49.83 -4.85 12.09
CA SER B 364 -51.28 -5.02 12.01
C SER B 364 -51.98 -3.86 11.28
N VAL B 365 -51.51 -2.62 11.47
CA VAL B 365 -52.07 -1.44 10.78
C VAL B 365 -51.81 -1.50 9.28
N LEU B 366 -50.63 -1.96 8.88
CA LEU B 366 -50.29 -2.16 7.46
C LEU B 366 -51.14 -3.28 6.86
N ALA B 367 -51.27 -4.41 7.55
CA ALA B 367 -52.07 -5.54 7.12
C ALA B 367 -53.56 -5.19 6.99
N GLU B 368 -54.10 -4.35 7.88
CA GLU B 368 -55.49 -3.89 7.82
C GLU B 368 -55.75 -3.00 6.59
N GLN B 369 -54.85 -2.03 6.32
CA GLN B 369 -54.91 -1.21 5.09
C GLN B 369 -54.83 -2.08 3.82
N MET B 370 -53.99 -3.12 3.84
CA MET B 370 -53.88 -4.06 2.74
C MET B 370 -55.17 -4.89 2.57
N ALA B 371 -55.76 -5.34 3.67
CA ALA B 371 -57.00 -6.13 3.65
C ALA B 371 -58.19 -5.34 3.10
N LEU B 372 -58.30 -4.04 3.45
CA LEU B 372 -59.32 -3.15 2.88
C LEU B 372 -59.16 -3.01 1.36
N ASN B 373 -57.93 -2.80 0.88
CA ASN B 373 -57.66 -2.68 -0.56
C ASN B 373 -57.93 -4.02 -1.29
N LYS B 374 -57.66 -5.15 -0.64
CA LYS B 374 -57.99 -6.49 -1.15
C LYS B 374 -59.49 -6.72 -1.24
N LYS B 375 -60.26 -6.25 -0.26
CA LYS B 375 -61.72 -6.35 -0.27
C LYS B 375 -62.34 -5.59 -1.45
N PHE B 376 -61.86 -4.37 -1.68
CA PHE B 376 -62.24 -3.57 -2.85
C PHE B 376 -61.92 -4.29 -4.17
N ALA B 377 -60.75 -4.91 -4.26
CA ALA B 377 -60.35 -5.67 -5.45
C ALA B 377 -61.31 -6.84 -5.73
N VAL B 378 -61.69 -7.59 -4.70
CA VAL B 378 -62.65 -8.70 -4.82
C VAL B 378 -64.04 -8.20 -5.22
N GLU B 379 -64.53 -7.10 -4.64
CA GLU B 379 -65.83 -6.50 -4.98
C GLU B 379 -65.92 -6.06 -6.45
N HIS B 380 -64.79 -5.45 -6.89
CA HIS B 380 -64.50 -5.05 -8.23
C HIS B 380 -64.45 -6.30 -9.04
N GLY B 381 -63.74 -7.34 -8.57
CA GLY B 381 -63.45 -8.42 -9.46
C GLY B 381 -62.07 -8.18 -10.00
N ILE B 382 -61.41 -7.08 -9.58
CA ILE B 382 -60.06 -6.93 -10.04
C ILE B 382 -59.28 -8.02 -9.35
N PRO B 383 -58.51 -8.74 -10.14
CA PRO B 383 -58.10 -10.06 -9.79
C PRO B 383 -57.29 -10.08 -8.54
N THR B 384 -57.71 -10.94 -7.60
CA THR B 384 -56.97 -11.30 -6.43
C THR B 384 -55.83 -12.14 -6.88
N ASP B 385 -56.06 -12.88 -7.99
CA ASP B 385 -55.27 -14.02 -8.39
C ASP B 385 -53.86 -13.54 -8.59
N MET B 386 -53.71 -12.28 -9.00
CA MET B 386 -52.42 -11.79 -9.43
C MET B 386 -51.49 -11.95 -8.27
N GLY B 387 -51.96 -11.61 -7.06
CA GLY B 387 -51.18 -11.83 -5.87
C GLY B 387 -49.97 -10.96 -5.92
N TYR B 388 -50.23 -9.70 -6.22
CA TYR B 388 -49.23 -8.72 -6.38
C TYR B 388 -49.61 -7.65 -5.45
N ALA B 389 -48.56 -6.98 -4.91
CA ALA B 389 -48.77 -5.82 -4.12
C ALA B 389 -47.64 -4.85 -4.29
N VAL B 390 -47.94 -3.59 -3.98
CA VAL B 390 -46.94 -2.63 -4.27
C VAL B 390 -46.80 -1.87 -3.03
N ALA B 391 -45.59 -1.34 -2.76
CA ALA B 391 -45.39 -0.40 -1.71
C ALA B 391 -46.13 0.90 -1.96
N PRO B 392 -46.86 1.30 -0.97
CA PRO B 392 -47.66 2.47 -1.08
C PRO B 392 -46.72 3.62 -1.20
N HIS B 393 -47.13 4.64 -1.97
CA HIS B 393 -46.38 5.86 -2.01
C HIS B 393 -45.02 5.54 -2.49
N HIS B 394 -44.90 4.41 -3.22
CA HIS B 394 -43.65 4.02 -3.79
C HIS B 394 -42.68 3.97 -2.67
N SER B 395 -43.16 3.61 -1.47
CA SER B 395 -42.29 3.76 -0.34
C SER B 395 -42.70 2.74 0.66
N GLY B 396 -41.85 2.63 1.70
CA GLY B 396 -42.07 1.68 2.74
C GLY B 396 -41.19 0.52 2.43
N VAL B 397 -40.86 0.37 1.13
CA VAL B 397 -39.87 -0.59 0.74
C VAL B 397 -38.62 -0.17 1.38
N TYR B 398 -38.34 1.16 1.36
CA TYR B 398 -37.21 1.70 2.05
C TYR B 398 -37.63 2.64 3.13
N PRO B 399 -36.90 2.56 4.18
CA PRO B 399 -35.87 1.60 4.45
C PRO B 399 -36.56 0.32 4.70
N VAL B 400 -35.85 -0.82 4.54
CA VAL B 400 -36.58 -2.04 4.43
C VAL B 400 -37.25 -2.20 5.74
N HIS B 401 -38.56 -2.44 5.74
CA HIS B 401 -39.22 -2.49 7.00
C HIS B 401 -39.59 -3.92 7.19
N VAL B 402 -39.21 -4.55 8.31
CA VAL B 402 -39.56 -5.98 8.43
C VAL B 402 -41.07 -6.21 8.51
N GLN B 403 -41.79 -5.32 9.20
CA GLN B 403 -43.24 -5.37 9.38
C GLN B 403 -44.01 -5.31 8.04
N LEU B 404 -43.48 -4.58 7.04
CA LEU B 404 -44.08 -4.52 5.71
C LEU B 404 -44.01 -5.88 5.01
N TYR B 405 -42.86 -6.54 5.08
CA TYR B 405 -42.64 -7.85 4.45
C TYR B 405 -43.50 -8.94 5.10
N GLU B 406 -43.62 -8.91 6.43
CA GLU B 406 -44.52 -9.78 7.19
C GLU B 406 -45.99 -9.55 6.81
N ALA B 407 -46.46 -8.30 6.82
CA ALA B 407 -47.84 -7.95 6.47
C ALA B 407 -48.19 -8.33 5.02
N TRP B 408 -47.26 -8.13 4.07
CA TRP B 408 -47.45 -8.52 2.68
C TRP B 408 -47.65 -10.01 2.49
N LYS B 409 -46.87 -10.85 3.19
CA LYS B 409 -47.07 -12.30 3.16
C LYS B 409 -48.41 -12.68 3.77
N GLN B 410 -48.72 -12.08 4.93
CA GLN B 410 -49.92 -12.38 5.70
C GLN B 410 -51.21 -12.06 4.94
N VAL B 411 -51.29 -10.88 4.31
CA VAL B 411 -52.56 -10.40 3.70
C VAL B 411 -52.68 -10.75 2.22
N TRP B 412 -51.59 -10.66 1.48
CA TRP B 412 -51.58 -10.75 0.01
C TRP B 412 -50.75 -11.91 -0.54
N SER B 413 -49.90 -12.50 0.31
CA SER B 413 -48.97 -13.50 -0.09
C SER B 413 -48.27 -13.07 -1.34
N ILE B 414 -47.48 -11.98 -1.29
CA ILE B 414 -46.82 -11.61 -2.51
C ILE B 414 -45.39 -12.01 -2.42
N ARG B 415 -44.96 -12.87 -3.36
CA ARG B 415 -43.59 -13.31 -3.47
C ARG B 415 -42.75 -12.14 -3.88
N VAL B 416 -43.29 -11.34 -4.81
CA VAL B 416 -42.56 -10.29 -5.53
C VAL B 416 -43.04 -8.91 -5.08
N THR B 417 -42.11 -7.96 -5.02
CA THR B 417 -42.41 -6.53 -4.94
C THR B 417 -41.39 -5.75 -5.78
N SER B 418 -41.47 -4.43 -5.84
CA SER B 418 -40.48 -3.61 -6.53
C SER B 418 -40.31 -2.25 -5.88
N THR B 419 -39.12 -1.68 -6.03
CA THR B 419 -38.78 -0.36 -5.50
C THR B 419 -37.76 0.36 -6.39
N GLU B 420 -37.95 1.69 -6.52
CA GLU B 420 -37.01 2.57 -7.15
C GLU B 420 -35.85 2.79 -6.23
N GLU B 421 -36.11 2.85 -4.91
CA GLU B 421 -35.51 3.83 -4.05
C GLU B 421 -34.03 3.63 -3.99
N TYR B 422 -33.60 2.37 -3.97
CA TYR B 422 -32.26 2.29 -3.45
C TYR B 422 -31.37 1.94 -4.57
N PRO B 423 -30.05 2.10 -4.42
CA PRO B 423 -29.43 2.78 -3.31
C PRO B 423 -29.85 4.18 -3.40
N HIS B 424 -30.04 4.61 -4.66
CA HIS B 424 -30.70 5.82 -4.95
C HIS B 424 -31.66 5.65 -6.10
N LEU B 425 -32.19 6.78 -6.53
CA LEU B 425 -32.99 6.81 -7.71
C LEU B 425 -32.11 6.34 -8.81
N LYS B 426 -30.88 6.85 -8.94
CA LYS B 426 -29.94 6.41 -9.95
C LYS B 426 -28.69 6.04 -9.23
N PRO B 427 -27.85 5.23 -9.78
CA PRO B 427 -28.02 4.72 -11.09
C PRO B 427 -29.18 3.76 -11.10
N ALA B 428 -29.88 3.66 -12.23
CA ALA B 428 -30.83 2.63 -12.45
C ALA B 428 -30.04 1.37 -12.44
N ARG B 429 -28.84 1.42 -13.07
CA ARG B 429 -28.01 0.26 -13.24
C ARG B 429 -27.58 -0.18 -11.89
N TYR B 430 -27.31 0.84 -11.04
CA TYR B 430 -26.67 0.69 -9.77
C TYR B 430 -27.54 -0.18 -8.97
N ARG B 431 -28.85 0.10 -8.92
CA ARG B 431 -29.71 -0.73 -8.11
C ARG B 431 -29.85 -2.04 -8.78
N ARG B 432 -29.92 -3.11 -7.98
CA ARG B 432 -30.22 -4.41 -8.52
C ARG B 432 -31.27 -4.96 -7.64
N GLY B 433 -32.00 -5.97 -8.15
CA GLY B 433 -33.00 -6.61 -7.34
C GLY B 433 -32.31 -7.38 -6.25
N PHE B 434 -32.97 -7.49 -5.10
CA PHE B 434 -32.51 -8.32 -3.99
C PHE B 434 -33.61 -9.29 -3.53
N ILE B 435 -33.25 -10.32 -2.77
CA ILE B 435 -34.23 -11.21 -2.13
C ILE B 435 -34.13 -11.03 -0.62
N HIS B 436 -35.27 -10.80 0.03
CA HIS B 436 -35.34 -10.72 1.49
C HIS B 436 -36.59 -11.40 2.01
N ASN B 437 -36.40 -12.26 3.02
CA ASN B 437 -37.52 -13.02 3.49
C ASN B 437 -38.19 -13.76 2.36
N GLY B 438 -37.49 -13.96 1.26
CA GLY B 438 -37.96 -14.92 0.32
C GLY B 438 -38.67 -14.14 -0.72
N ILE B 439 -39.17 -12.93 -0.33
CA ILE B 439 -39.78 -12.02 -1.31
C ILE B 439 -38.69 -11.47 -2.23
N MET B 440 -38.91 -11.59 -3.53
CA MET B 440 -38.05 -11.07 -4.59
C MET B 440 -38.38 -9.59 -4.86
N VAL B 441 -37.43 -8.70 -4.62
CA VAL B 441 -37.59 -7.25 -4.84
C VAL B 441 -36.93 -6.86 -6.16
N LEU B 442 -37.70 -6.26 -7.08
CA LEU B 442 -37.22 -5.84 -8.39
C LEU B 442 -36.94 -4.33 -8.46
N PRO B 443 -35.96 -3.89 -9.27
CA PRO B 443 -35.67 -2.47 -9.46
C PRO B 443 -36.72 -1.81 -10.36
N ARG B 444 -37.31 -0.73 -9.84
CA ARG B 444 -38.20 0.05 -10.71
C ARG B 444 -37.43 1.09 -11.51
N GLN B 445 -37.89 1.32 -12.73
CA GLN B 445 -37.33 2.29 -13.67
C GLN B 445 -38.33 3.42 -13.92
N THR B 446 -37.79 4.63 -14.13
CA THR B 446 -38.57 5.80 -14.54
C THR B 446 -38.62 5.87 -16.07
N CYS B 447 -39.76 6.39 -16.59
CA CYS B 447 -39.89 6.85 -17.93
C CYS B 447 -39.02 8.05 -18.03
N GLY B 448 -38.86 8.75 -16.90
CA GLY B 448 -38.34 10.08 -16.91
C GLY B 448 -39.49 10.96 -16.59
N LEU B 449 -40.71 10.41 -16.67
CA LEU B 449 -41.81 11.13 -16.12
C LEU B 449 -41.73 10.89 -14.65
N PHE B 450 -42.04 11.92 -13.83
CA PHE B 450 -41.92 11.73 -12.43
C PHE B 450 -43.21 12.17 -11.81
N THR B 451 -43.47 11.68 -10.59
CA THR B 451 -44.69 12.01 -9.91
C THR B 451 -44.70 13.47 -9.65
N HIS B 452 -43.54 13.99 -9.20
CA HIS B 452 -43.44 15.32 -8.69
C HIS B 452 -43.78 16.25 -9.80
N THR B 453 -43.19 16.06 -10.98
CA THR B 453 -43.46 17.01 -12.01
C THR B 453 -44.48 16.41 -12.90
N ILE B 454 -45.70 16.98 -12.84
CA ILE B 454 -46.75 16.50 -13.67
C ILE B 454 -46.36 16.80 -15.07
N PHE B 455 -45.83 18.01 -15.31
CA PHE B 455 -45.82 18.53 -16.64
C PHE B 455 -44.51 18.20 -17.26
N TYR B 456 -44.54 17.85 -18.56
CA TYR B 456 -43.37 17.59 -19.35
C TYR B 456 -42.62 18.87 -19.49
N ASN B 457 -43.37 19.97 -19.66
CA ASN B 457 -42.78 21.24 -19.94
C ASN B 457 -41.81 21.58 -18.85
N GLU B 458 -42.18 21.30 -17.58
CA GLU B 458 -41.42 21.77 -16.46
C GLU B 458 -40.06 21.22 -16.63
N TYR B 459 -40.05 19.92 -17.05
CA TYR B 459 -38.90 19.11 -17.34
C TYR B 459 -38.09 19.92 -18.25
N PRO B 460 -36.92 20.16 -17.83
CA PRO B 460 -36.00 21.01 -18.50
C PRO B 460 -35.70 20.43 -19.83
N GLY B 461 -35.29 21.32 -20.76
CA GLY B 461 -34.60 20.96 -21.96
C GLY B 461 -35.62 20.72 -23.01
N GLY B 462 -36.92 20.79 -22.67
CA GLY B 462 -37.93 20.88 -23.68
C GLY B 462 -38.04 19.58 -24.41
N SER B 463 -38.53 19.68 -25.64
CA SER B 463 -38.80 18.50 -26.46
C SER B 463 -37.55 17.68 -26.79
N SER B 464 -36.41 18.35 -26.98
CA SER B 464 -35.11 17.68 -27.21
C SER B 464 -34.66 16.79 -26.05
N GLU B 465 -35.10 17.05 -24.82
CA GLU B 465 -34.71 16.22 -23.68
C GLU B 465 -35.45 14.87 -23.67
N LEU B 466 -36.70 14.84 -24.15
CA LEU B 466 -37.42 13.59 -24.40
C LEU B 466 -36.72 12.76 -25.48
N ASP B 467 -36.35 13.39 -26.60
CA ASP B 467 -35.62 12.70 -27.67
C ASP B 467 -34.27 12.17 -27.17
N LYS B 468 -33.58 12.93 -26.32
CA LYS B 468 -32.28 12.54 -25.78
C LYS B 468 -32.36 11.33 -24.84
N ILE B 469 -33.41 11.23 -24.00
CA ILE B 469 -33.58 10.03 -23.16
C ILE B 469 -33.91 8.79 -23.98
N ILE B 470 -34.60 8.95 -25.11
CA ILE B 470 -34.93 7.87 -26.07
C ILE B 470 -33.70 7.45 -26.88
N ASN B 471 -32.93 8.44 -27.38
CA ASN B 471 -31.71 8.06 -28.04
C ASN B 471 -30.60 8.25 -27.06
N GLY B 472 -30.10 7.15 -26.49
CA GLY B 472 -28.90 7.25 -25.71
C GLY B 472 -29.24 7.89 -24.41
N GLY B 473 -30.54 7.98 -24.08
CA GLY B 473 -30.88 8.65 -22.86
C GLY B 473 -30.85 7.63 -21.78
N GLU B 474 -31.21 8.08 -20.57
CA GLU B 474 -31.29 7.15 -19.44
C GLU B 474 -32.37 6.08 -19.60
N LEU B 475 -33.54 6.41 -20.15
CA LEU B 475 -34.64 5.46 -20.34
C LEU B 475 -34.28 4.43 -21.42
N PHE B 476 -33.70 4.88 -22.54
CA PHE B 476 -33.16 4.00 -23.57
C PHE B 476 -32.07 3.07 -23.03
N LEU B 477 -31.09 3.61 -22.30
CA LEU B 477 -30.01 2.83 -21.66
C LEU B 477 -30.55 1.79 -20.68
N THR B 478 -31.62 2.13 -19.95
CA THR B 478 -32.26 1.20 -19.01
C THR B 478 -32.77 -0.04 -19.72
N VAL B 479 -33.44 0.11 -20.87
CA VAL B 479 -33.89 -1.03 -21.69
C VAL B 479 -32.71 -1.73 -22.35
N LEU B 480 -31.70 -0.99 -22.84
CA LEU B 480 -30.53 -1.58 -23.47
C LEU B 480 -29.76 -2.51 -22.52
N LEU B 481 -29.57 -2.10 -21.26
CA LEU B 481 -28.70 -2.77 -20.29
C LEU B 481 -29.42 -3.67 -19.28
N ASN B 482 -30.79 -3.51 -19.11
CA ASN B 482 -31.36 -4.28 -18.07
C ASN B 482 -32.26 -5.23 -18.73
N PRO B 483 -32.02 -6.46 -18.38
CA PRO B 483 -32.71 -7.52 -19.00
C PRO B 483 -34.14 -7.44 -18.62
N ILE B 484 -34.40 -6.81 -17.46
CA ILE B 484 -35.73 -6.66 -16.88
C ILE B 484 -35.95 -5.19 -16.52
N SER B 485 -37.05 -4.61 -16.99
CA SER B 485 -37.43 -3.22 -16.75
C SER B 485 -38.90 -3.14 -16.30
N ILE B 486 -39.12 -2.66 -15.08
CA ILE B 486 -40.45 -2.33 -14.55
C ILE B 486 -40.61 -0.82 -14.61
N PHE B 487 -41.44 -0.32 -15.51
CA PHE B 487 -41.64 1.11 -15.68
C PHE B 487 -42.80 1.61 -14.82
N MET B 488 -42.52 2.62 -14.00
CA MET B 488 -43.53 3.32 -13.21
C MET B 488 -44.17 4.43 -14.04
N THR B 489 -45.51 4.42 -14.06
CA THR B 489 -46.38 5.47 -14.60
C THR B 489 -47.55 5.68 -13.63
N HIS B 490 -48.43 6.65 -13.88
CA HIS B 490 -49.57 6.95 -13.01
C HIS B 490 -50.85 7.07 -13.85
N LEU B 491 -52.01 6.79 -13.22
CA LEU B 491 -53.28 7.04 -13.81
C LEU B 491 -53.42 8.51 -13.96
N SER B 492 -52.95 9.25 -12.94
CA SER B 492 -53.11 10.67 -12.96
C SER B 492 -52.37 11.18 -14.14
N ASN B 493 -51.20 10.58 -14.40
CA ASN B 493 -50.42 11.00 -15.51
C ASN B 493 -51.29 10.77 -16.68
N TYR B 494 -52.07 9.67 -16.65
CA TYR B 494 -52.77 9.29 -17.84
C TYR B 494 -53.75 10.34 -18.21
N GLY B 495 -54.61 10.78 -17.27
CA GLY B 495 -55.49 11.84 -17.66
C GLY B 495 -54.60 13.04 -17.81
N ASN B 496 -54.39 13.46 -19.07
CA ASN B 496 -53.37 14.43 -19.37
C ASN B 496 -53.20 14.43 -20.84
N ASP B 497 -51.93 14.61 -21.26
CA ASP B 497 -51.51 14.64 -22.62
C ASP B 497 -51.74 13.30 -23.20
N ARG B 498 -51.82 12.26 -22.34
CA ARG B 498 -51.61 10.91 -22.78
C ARG B 498 -50.18 10.83 -23.18
N LEU B 499 -49.35 11.46 -22.34
CA LEU B 499 -47.89 11.35 -22.43
C LEU B 499 -47.37 9.92 -22.21
N GLY B 500 -47.99 9.13 -21.33
CA GLY B 500 -47.65 7.73 -21.14
C GLY B 500 -47.76 6.91 -22.43
N LEU B 501 -48.84 7.10 -23.19
CA LEU B 501 -49.05 6.43 -24.48
C LEU B 501 -48.02 6.87 -25.51
N TYR B 502 -47.76 8.18 -25.61
CA TYR B 502 -46.74 8.74 -26.48
C TYR B 502 -45.36 8.11 -26.19
N THR B 503 -44.93 8.13 -24.94
CA THR B 503 -43.61 7.64 -24.51
C THR B 503 -43.38 6.18 -24.90
N PHE B 504 -44.30 5.27 -24.54
CA PHE B 504 -44.08 3.84 -24.79
C PHE B 504 -44.25 3.47 -26.26
N LYS B 505 -45.17 4.11 -26.99
CA LYS B 505 -45.36 3.86 -28.43
C LYS B 505 -44.11 4.28 -29.22
N HIS B 506 -43.53 5.43 -28.90
CA HIS B 506 -42.30 5.90 -29.55
C HIS B 506 -41.06 5.09 -29.13
N LEU B 507 -40.93 4.72 -27.85
CA LEU B 507 -39.83 3.88 -27.36
C LEU B 507 -39.77 2.52 -28.06
N VAL B 508 -40.90 1.82 -28.16
CA VAL B 508 -40.98 0.49 -28.79
C VAL B 508 -40.63 0.57 -30.27
N ARG B 509 -41.11 1.62 -30.96
CA ARG B 509 -40.79 1.84 -32.37
C ARG B 509 -39.29 2.09 -32.57
N PHE B 510 -38.69 2.93 -31.74
CA PHE B 510 -37.26 3.24 -31.79
C PHE B 510 -36.39 2.00 -31.53
N LEU B 511 -36.72 1.21 -30.50
CA LEU B 511 -36.05 -0.06 -30.20
C LEU B 511 -36.11 -1.03 -31.38
N HIS B 512 -37.27 -1.15 -32.03
CA HIS B 512 -37.46 -2.05 -33.16
C HIS B 512 -36.68 -1.62 -34.41
N SER B 513 -36.53 -0.31 -34.65
CA SER B 513 -35.76 0.24 -35.77
C SER B 513 -34.25 0.00 -35.66
N TRP B 514 -33.70 0.10 -34.44
CA TRP B 514 -32.24 0.17 -34.22
C TRP B 514 -31.63 -1.06 -33.53
N THR B 515 -32.47 -1.89 -32.88
CA THR B 515 -31.88 -3.01 -32.23
C THR B 515 -32.81 -4.16 -32.40
N ASN B 516 -32.30 -5.40 -32.25
CA ASN B 516 -33.19 -6.52 -32.25
C ASN B 516 -33.20 -7.06 -30.86
N LEU B 517 -34.33 -6.89 -30.15
CA LEU B 517 -34.50 -7.46 -28.85
C LEU B 517 -35.76 -8.26 -28.88
N ARG B 518 -35.73 -9.41 -28.23
CA ARG B 518 -37.01 -10.12 -28.10
C ARG B 518 -37.70 -9.65 -26.84
N LEU B 519 -38.72 -8.82 -27.01
CA LEU B 519 -39.48 -8.26 -25.91
C LEU B 519 -40.51 -9.27 -25.39
N GLN B 520 -40.57 -9.42 -24.07
CA GLN B 520 -41.44 -10.34 -23.36
C GLN B 520 -42.02 -9.64 -22.13
N THR B 521 -43.11 -10.22 -21.58
CA THR B 521 -43.60 -9.78 -20.31
C THR B 521 -43.63 -11.01 -19.48
N LEU B 522 -43.17 -10.91 -18.23
CA LEU B 522 -43.32 -12.05 -17.40
C LEU B 522 -44.32 -11.69 -16.39
N PRO B 523 -45.09 -12.65 -15.99
CA PRO B 523 -45.85 -12.51 -14.80
C PRO B 523 -44.81 -12.21 -13.77
N PRO B 524 -45.07 -11.30 -12.90
CA PRO B 524 -44.07 -10.72 -11.99
C PRO B 524 -43.32 -11.72 -11.11
N VAL B 525 -43.99 -12.78 -10.64
CA VAL B 525 -43.36 -13.83 -9.79
C VAL B 525 -42.34 -14.66 -10.57
N GLN B 526 -42.68 -15.14 -11.77
CA GLN B 526 -41.72 -15.86 -12.62
C GLN B 526 -40.61 -14.93 -13.10
N LEU B 527 -40.92 -13.66 -13.38
CA LEU B 527 -39.94 -12.66 -13.76
C LEU B 527 -38.91 -12.44 -12.66
N ALA B 528 -39.34 -12.39 -11.39
CA ALA B 528 -38.43 -12.27 -10.26
C ALA B 528 -37.53 -13.50 -10.07
N GLN B 529 -38.11 -14.70 -10.19
CA GLN B 529 -37.33 -15.94 -10.16
C GLN B 529 -36.27 -15.95 -11.27
N LYS B 530 -36.64 -15.49 -12.47
CA LYS B 530 -35.71 -15.37 -13.59
C LYS B 530 -34.62 -14.34 -13.32
N TYR B 531 -34.97 -13.19 -12.74
CA TYR B 531 -34.01 -12.15 -12.37
C TYR B 531 -32.93 -12.67 -11.42
N PHE B 532 -33.33 -13.27 -10.29
CA PHE B 532 -32.39 -13.80 -9.30
C PHE B 532 -31.73 -15.13 -9.70
N GLN B 533 -32.16 -15.74 -10.81
CA GLN B 533 -31.41 -16.81 -11.48
C GLN B 533 -30.26 -16.24 -12.30
N ILE B 534 -30.49 -15.14 -13.04
CA ILE B 534 -29.47 -14.46 -13.85
C ILE B 534 -28.47 -13.72 -12.94
N PHE B 535 -28.95 -13.02 -11.89
CA PHE B 535 -28.01 -12.47 -10.95
C PHE B 535 -28.02 -13.31 -9.70
N SER B 536 -26.87 -13.95 -9.40
CA SER B 536 -26.73 -14.68 -8.17
C SER B 536 -26.71 -13.70 -7.05
N GLU B 537 -25.96 -12.60 -7.24
CA GLU B 537 -25.70 -11.67 -6.18
C GLU B 537 -27.00 -11.09 -5.76
N GLU B 538 -27.89 -10.85 -6.73
CA GLU B 538 -29.16 -10.28 -6.42
C GLU B 538 -29.82 -11.24 -5.48
N LYS B 539 -29.59 -12.53 -5.70
CA LYS B 539 -30.25 -13.53 -4.91
C LYS B 539 -29.86 -13.30 -3.49
N ASP B 540 -28.55 -13.09 -3.23
CA ASP B 540 -28.15 -12.87 -1.87
C ASP B 540 -27.74 -11.45 -1.74
N PRO B 541 -28.65 -10.66 -1.26
CA PRO B 541 -28.46 -9.24 -1.22
C PRO B 541 -27.51 -8.84 -0.15
N LEU B 542 -26.90 -7.65 -0.31
CA LEU B 542 -26.35 -6.96 0.81
C LEU B 542 -27.09 -5.66 0.87
N TRP B 543 -27.52 -5.26 2.08
CA TRP B 543 -28.30 -4.07 2.18
C TRP B 543 -27.60 -3.09 3.07
N GLN B 544 -27.64 -1.81 2.66
CA GLN B 544 -27.02 -0.73 3.37
C GLN B 544 -27.97 -0.31 4.44
N ASP B 545 -27.44 0.22 5.55
CA ASP B 545 -28.33 0.81 6.49
C ASP B 545 -28.81 2.08 5.89
N PRO B 546 -30.01 2.30 6.26
CA PRO B 546 -30.88 3.28 5.70
C PRO B 546 -30.32 4.64 6.01
N CYS B 547 -29.42 4.68 7.00
CA CYS B 547 -28.95 5.93 7.52
C CYS B 547 -28.22 6.63 6.43
N GLU B 548 -27.47 5.86 5.61
CA GLU B 548 -26.43 6.41 4.79
C GLU B 548 -27.06 7.41 3.86
N ASP B 549 -28.17 7.02 3.21
CA ASP B 549 -28.87 7.95 2.36
C ASP B 549 -29.65 8.83 3.28
N LYS B 550 -29.56 10.14 3.09
CA LYS B 550 -30.24 10.99 4.07
C LYS B 550 -31.75 10.79 4.05
N ARG B 551 -32.37 10.63 2.87
CA ARG B 551 -33.81 10.46 2.76
C ARG B 551 -34.26 9.11 3.27
N HIS B 552 -33.51 8.04 2.99
CA HIS B 552 -33.79 6.73 3.60
C HIS B 552 -33.67 6.77 5.11
N LYS B 553 -32.64 7.44 5.64
CA LYS B 553 -32.46 7.62 7.08
C LYS B 553 -33.63 8.37 7.71
N ASP B 554 -34.17 9.38 7.02
CA ASP B 554 -35.31 10.17 7.47
C ASP B 554 -36.63 9.37 7.49
N ILE B 555 -36.81 8.44 6.52
CA ILE B 555 -37.93 7.55 6.58
C ILE B 555 -37.69 6.64 7.73
N TRP B 556 -36.44 6.15 7.84
CA TRP B 556 -36.08 5.22 8.86
C TRP B 556 -36.18 5.91 10.17
N SER B 557 -36.40 5.14 11.23
CA SER B 557 -36.46 5.76 12.51
C SER B 557 -35.11 6.31 12.78
N LYS B 558 -35.10 7.42 13.54
CA LYS B 558 -33.91 8.16 13.80
C LYS B 558 -32.95 7.29 14.55
N GLU B 559 -33.45 6.53 15.54
CA GLU B 559 -32.59 5.95 16.52
C GLU B 559 -31.61 5.05 15.83
N LYS B 560 -32.09 4.26 14.84
CA LYS B 560 -31.21 3.31 14.22
C LYS B 560 -30.15 4.08 13.53
N THR B 561 -28.89 3.70 13.75
CA THR B 561 -27.81 4.40 13.13
C THR B 561 -26.83 3.40 12.64
N CYS B 562 -26.02 3.81 11.66
CA CYS B 562 -24.91 3.01 11.21
C CYS B 562 -23.96 2.94 12.37
N ASP B 563 -23.86 4.06 13.10
CA ASP B 563 -22.92 4.18 14.17
C ASP B 563 -23.24 3.12 15.16
N ARG B 564 -24.53 2.75 15.25
CA ARG B 564 -24.98 1.87 16.29
C ARG B 564 -24.25 0.56 16.22
N PHE B 565 -24.10 0.00 15.02
CA PHE B 565 -23.29 -1.17 14.88
C PHE B 565 -21.91 -0.77 15.23
N PRO B 566 -21.19 -1.71 15.77
CA PRO B 566 -19.93 -1.42 16.35
C PRO B 566 -19.00 -0.95 15.30
N LYS B 567 -18.16 0.04 15.64
CA LYS B 567 -17.17 0.55 14.74
C LYS B 567 -16.19 -0.55 14.51
N LEU B 568 -15.83 -1.25 15.60
CA LEU B 568 -14.73 -2.22 15.62
C LEU B 568 -15.25 -3.66 15.54
N LEU B 569 -14.63 -4.45 14.65
CA LEU B 569 -14.82 -5.88 14.53
C LEU B 569 -13.54 -6.63 14.92
N ILE B 570 -13.58 -7.41 16.00
CA ILE B 570 -12.50 -8.34 16.36
C ILE B 570 -12.78 -9.69 15.70
N ILE B 571 -12.05 -9.98 14.63
CA ILE B 571 -12.41 -11.05 13.68
C ILE B 571 -11.84 -12.43 14.03
N GLY B 572 -10.91 -12.51 14.98
CA GLY B 572 -10.26 -13.77 15.35
C GLY B 572 -8.77 -13.86 14.96
N PRO B 573 -8.28 -15.01 14.61
CA PRO B 573 -9.04 -16.22 14.50
C PRO B 573 -9.50 -16.61 15.86
N GLN B 574 -10.49 -17.52 15.98
CA GLN B 574 -10.91 -17.92 17.29
C GLN B 574 -9.79 -18.65 17.94
N LYS B 575 -9.82 -18.75 19.28
CA LYS B 575 -8.76 -19.33 20.04
C LYS B 575 -7.55 -18.51 19.81
N THR B 576 -7.75 -17.25 19.39
CA THR B 576 -6.73 -16.27 19.44
C THR B 576 -6.48 -16.05 20.89
N GLY B 577 -7.57 -16.13 21.67
CA GLY B 577 -7.62 -15.41 22.89
C GLY B 577 -8.34 -14.15 22.58
N THR B 578 -9.22 -14.26 21.56
CA THR B 578 -10.21 -13.26 21.13
C THR B 578 -11.22 -12.86 22.20
N THR B 579 -11.75 -13.81 22.99
CA THR B 579 -12.65 -13.50 24.12
C THR B 579 -11.95 -12.70 25.22
N ALA B 580 -10.65 -12.94 25.48
CA ALA B 580 -9.92 -12.18 26.48
C ALA B 580 -9.72 -10.72 26.02
N LEU B 581 -9.28 -10.53 24.77
CA LEU B 581 -9.17 -9.20 24.17
C LEU B 581 -10.51 -8.47 24.17
N TYR B 582 -11.58 -9.13 23.76
CA TYR B 582 -12.94 -8.58 23.77
C TYR B 582 -13.35 -8.12 25.18
N LEU B 583 -13.10 -8.95 26.20
CA LEU B 583 -13.44 -8.61 27.58
C LEU B 583 -12.64 -7.42 28.10
N PHE B 584 -11.34 -7.38 27.82
CA PHE B 584 -10.46 -6.30 28.27
C PHE B 584 -10.78 -4.99 27.54
N LEU B 585 -11.06 -5.02 26.24
CA LEU B 585 -11.54 -3.85 25.49
C LEU B 585 -12.83 -3.29 26.07
N GLY B 586 -13.79 -4.18 26.42
CA GLY B 586 -15.09 -3.76 26.82
C GLY B 586 -14.94 -2.86 27.99
N MET B 587 -13.90 -3.08 28.80
CA MET B 587 -13.83 -2.48 30.10
C MET B 587 -13.83 -0.99 30.00
N HIS B 588 -13.08 -0.45 29.01
CA HIS B 588 -12.97 0.97 28.92
C HIS B 588 -14.35 1.53 28.75
N PRO B 589 -14.66 2.45 29.60
CA PRO B 589 -16.04 2.81 29.80
C PRO B 589 -16.65 3.34 28.54
N ASP B 590 -15.87 4.11 27.76
CA ASP B 590 -16.40 4.66 26.56
C ASP B 590 -16.71 3.50 25.70
N LEU B 591 -15.78 2.51 25.64
CA LEU B 591 -15.92 1.37 24.74
C LEU B 591 -16.94 0.38 25.28
N SER B 592 -18.00 0.13 24.52
CA SER B 592 -19.07 -0.79 24.93
C SER B 592 -19.15 -1.99 24.01
N SER B 593 -19.17 -3.20 24.58
CA SER B 593 -19.39 -4.42 23.81
C SER B 593 -20.86 -4.61 23.47
N ASN B 594 -21.17 -5.49 22.47
CA ASN B 594 -22.52 -5.67 22.01
C ASN B 594 -23.09 -6.86 22.63
N TYR B 595 -24.43 -6.95 22.58
CA TYR B 595 -25.03 -8.03 23.27
C TYR B 595 -25.11 -9.16 22.32
N PRO B 596 -24.41 -10.20 22.69
CA PRO B 596 -24.20 -11.33 21.83
C PRO B 596 -25.53 -12.00 21.67
N SER B 597 -25.74 -12.69 20.54
CA SER B 597 -26.89 -13.53 20.51
C SER B 597 -26.55 -14.65 21.42
N SER B 598 -27.42 -14.91 22.41
CA SER B 598 -27.14 -15.99 23.30
C SER B 598 -27.27 -17.25 22.51
N GLU B 599 -28.34 -17.33 21.69
CA GLU B 599 -28.72 -18.55 21.06
C GLU B 599 -27.62 -18.98 20.16
N THR B 600 -27.10 -18.05 19.34
CA THR B 600 -26.15 -18.44 18.35
C THR B 600 -24.97 -19.03 19.05
N PHE B 601 -24.41 -18.31 20.05
CA PHE B 601 -23.32 -18.87 20.79
C PHE B 601 -22.84 -17.82 21.72
N GLU B 602 -21.80 -18.14 22.49
CA GLU B 602 -21.17 -17.20 23.36
C GLU B 602 -20.66 -16.12 22.47
N GLU B 603 -20.04 -16.52 21.35
CA GLU B 603 -19.62 -15.61 20.33
C GLU B 603 -20.85 -15.10 19.69
N ILE B 604 -20.83 -13.83 19.29
CA ILE B 604 -22.04 -13.20 18.85
C ILE B 604 -22.51 -13.91 17.60
N GLN B 605 -21.62 -14.11 16.60
CA GLN B 605 -21.87 -14.96 15.46
C GLN B 605 -23.09 -14.48 14.75
N PHE B 606 -23.32 -13.15 14.84
CA PHE B 606 -24.51 -12.59 14.31
C PHE B 606 -24.46 -12.75 12.85
N PHE B 607 -23.29 -12.59 12.20
CA PHE B 607 -23.25 -12.56 10.76
C PHE B 607 -23.65 -13.89 10.20
N ASN B 608 -23.00 -14.95 10.69
CA ASN B 608 -23.29 -16.27 10.24
C ASN B 608 -24.65 -16.61 10.72
N GLY B 609 -24.94 -16.16 11.95
CA GLY B 609 -25.96 -16.79 12.71
C GLY B 609 -27.25 -16.21 12.27
N HIS B 610 -28.25 -16.45 13.11
CA HIS B 610 -29.60 -16.27 12.70
C HIS B 610 -29.79 -14.81 12.49
N ASN B 611 -29.05 -14.03 13.29
CA ASN B 611 -29.21 -12.62 13.46
C ASN B 611 -29.15 -11.95 12.13
N TYR B 612 -28.18 -12.30 11.27
CA TYR B 612 -28.22 -11.66 9.97
C TYR B 612 -29.51 -12.00 9.27
N HIS B 613 -29.85 -13.31 9.29
CA HIS B 613 -30.85 -13.89 8.45
C HIS B 613 -32.13 -13.26 8.85
N LYS B 614 -32.30 -13.10 10.17
CA LYS B 614 -33.48 -12.53 10.74
C LYS B 614 -33.52 -11.13 10.29
N GLY B 615 -32.34 -10.48 10.37
CA GLY B 615 -32.15 -9.25 9.66
C GLY B 615 -31.23 -8.40 10.47
N ILE B 616 -30.72 -7.34 9.86
CA ILE B 616 -29.98 -6.26 10.54
C ILE B 616 -30.84 -5.55 11.59
N ASP B 617 -32.13 -5.31 11.28
CA ASP B 617 -33.03 -4.57 12.16
C ASP B 617 -33.22 -5.28 13.52
N TRP B 618 -33.38 -6.61 13.50
CA TRP B 618 -33.45 -7.44 14.70
C TRP B 618 -32.19 -7.29 15.57
N TYR B 619 -31.02 -7.16 14.94
CA TYR B 619 -29.77 -6.96 15.66
C TYR B 619 -29.68 -5.55 16.28
N MET B 620 -30.12 -4.52 15.55
CA MET B 620 -30.11 -3.13 16.04
C MET B 620 -31.05 -2.90 17.22
N GLU B 621 -32.21 -3.62 17.22
CA GLU B 621 -33.25 -3.56 18.18
C GLU B 621 -32.64 -4.03 19.46
N PHE B 622 -31.69 -5.00 19.35
CA PHE B 622 -30.96 -5.55 20.45
C PHE B 622 -30.32 -4.36 21.04
N PHE B 623 -29.90 -3.45 20.15
CA PHE B 623 -29.11 -2.42 20.71
C PHE B 623 -30.01 -1.35 21.13
N PRO B 624 -29.76 -1.00 22.35
CA PRO B 624 -30.45 0.08 22.93
C PRO B 624 -30.00 1.24 22.15
N ILE B 625 -30.88 2.27 22.13
CA ILE B 625 -30.62 3.52 21.50
C ILE B 625 -29.52 4.14 22.25
N PRO B 626 -28.61 4.59 21.47
CA PRO B 626 -27.33 5.05 21.92
C PRO B 626 -27.57 6.21 22.81
N SER B 627 -26.62 6.48 23.72
CA SER B 627 -26.85 7.48 24.72
C SER B 627 -27.10 8.75 23.98
N ASN B 628 -27.95 9.62 24.59
CA ASN B 628 -28.33 10.84 23.96
C ASN B 628 -27.10 11.69 23.81
N THR B 629 -26.31 11.81 24.89
CA THR B 629 -25.23 12.75 24.86
C THR B 629 -24.31 12.33 23.76
N THR B 630 -23.89 11.05 23.79
CA THR B 630 -23.07 10.57 22.72
C THR B 630 -23.43 9.14 22.47
N SER B 631 -22.93 8.59 21.34
CA SER B 631 -23.14 7.21 21.09
C SER B 631 -21.85 6.54 21.43
N ASP B 632 -21.94 5.35 22.07
CA ASP B 632 -20.75 4.73 22.56
C ASP B 632 -20.01 4.19 21.39
N PHE B 633 -18.68 4.11 21.57
CA PHE B 633 -17.91 3.38 20.58
C PHE B 633 -18.14 1.88 20.79
N TYR B 634 -19.03 1.32 19.96
CA TYR B 634 -19.39 -0.08 20.06
C TYR B 634 -18.41 -0.99 19.33
N PHE B 635 -18.21 -2.20 19.88
CA PHE B 635 -17.42 -3.24 19.25
C PHE B 635 -18.05 -4.62 19.44
N GLU B 636 -17.78 -5.53 18.50
CA GLU B 636 -18.09 -6.95 18.65
C GLU B 636 -16.87 -7.84 18.38
N LYS B 637 -16.96 -9.08 18.84
CA LYS B 637 -15.92 -10.09 18.64
C LYS B 637 -16.57 -11.38 18.16
N SER B 638 -16.28 -11.76 16.91
CA SER B 638 -16.62 -13.07 16.50
C SER B 638 -15.40 -13.70 15.92
N ALA B 639 -15.23 -14.98 16.30
CA ALA B 639 -14.35 -15.92 15.66
C ALA B 639 -14.84 -16.04 14.27
N ASN B 640 -16.17 -16.15 14.13
CA ASN B 640 -16.83 -16.55 12.94
C ASN B 640 -16.41 -15.63 11.82
N TYR B 641 -16.13 -14.36 12.15
CA TYR B 641 -15.87 -13.38 11.12
C TYR B 641 -14.65 -13.79 10.36
N PHE B 642 -13.56 -14.11 11.09
CA PHE B 642 -12.35 -14.51 10.44
C PHE B 642 -12.59 -15.75 9.63
N ASP B 643 -13.16 -16.80 10.25
CA ASP B 643 -13.30 -18.12 9.69
C ASP B 643 -14.09 -18.01 8.43
N SER B 644 -15.23 -17.31 8.51
CA SER B 644 -16.08 -17.29 7.36
C SER B 644 -15.42 -16.45 6.31
N GLU B 645 -15.49 -16.90 5.04
CA GLU B 645 -15.10 -16.05 3.95
C GLU B 645 -16.15 -14.99 3.84
N VAL B 646 -17.41 -15.40 4.08
CA VAL B 646 -18.53 -14.55 3.85
C VAL B 646 -18.44 -13.38 4.76
N ALA B 647 -18.05 -13.62 6.02
CA ALA B 647 -18.15 -12.51 6.96
C ALA B 647 -17.28 -11.29 6.60
N PRO B 648 -16.01 -11.44 6.14
CA PRO B 648 -15.16 -10.29 5.81
C PRO B 648 -15.79 -9.36 4.77
N ARG B 649 -16.21 -9.91 3.62
CA ARG B 649 -16.83 -9.16 2.52
C ARG B 649 -18.18 -8.56 2.95
N ARG B 650 -18.99 -9.33 3.67
CA ARG B 650 -20.31 -8.88 4.15
C ARG B 650 -20.21 -7.74 5.15
N ALA B 651 -19.27 -7.82 6.08
CA ALA B 651 -19.00 -6.76 7.05
C ALA B 651 -18.45 -5.51 6.37
N ALA B 652 -17.47 -5.65 5.46
CA ALA B 652 -16.88 -4.51 4.77
C ALA B 652 -17.88 -3.75 3.87
N ALA B 653 -18.85 -4.46 3.27
CA ALA B 653 -19.88 -3.81 2.48
C ALA B 653 -20.83 -2.94 3.32
N LEU B 654 -21.26 -3.42 4.49
CA LEU B 654 -22.21 -2.71 5.35
C LEU B 654 -21.53 -1.69 6.28
N LEU B 655 -20.31 -2.03 6.78
CA LEU B 655 -19.63 -0.98 7.47
C LEU B 655 -18.22 -1.07 7.02
N PRO B 656 -17.94 -0.41 5.92
CA PRO B 656 -16.60 -0.22 5.45
C PRO B 656 -15.86 0.58 6.44
N LYS B 657 -16.59 1.34 7.27
CA LYS B 657 -16.04 2.27 8.18
C LYS B 657 -15.23 1.50 9.15
N ALA B 658 -15.71 0.30 9.49
CA ALA B 658 -15.36 -0.36 10.70
C ALA B 658 -13.90 -0.61 10.72
N LYS B 659 -13.27 -0.40 11.90
CA LYS B 659 -11.95 -0.94 12.19
C LYS B 659 -12.03 -2.46 12.27
N VAL B 660 -11.02 -3.15 11.74
CA VAL B 660 -10.91 -4.61 11.75
C VAL B 660 -9.67 -4.99 12.53
N LEU B 661 -9.80 -5.89 13.50
CA LEU B 661 -8.71 -6.31 14.37
C LEU B 661 -8.59 -7.83 14.40
N THR B 662 -7.38 -8.32 14.11
CA THR B 662 -7.03 -9.75 14.21
C THR B 662 -5.86 -9.95 15.16
N ILE B 663 -5.73 -11.14 15.76
CA ILE B 663 -4.71 -11.47 16.75
C ILE B 663 -4.01 -12.76 16.33
N LEU B 664 -2.69 -12.73 16.13
CA LEU B 664 -1.94 -13.88 15.65
C LEU B 664 -0.95 -14.37 16.70
N ILE B 665 -1.07 -15.66 17.08
CA ILE B 665 -0.18 -16.31 17.99
C ILE B 665 0.26 -17.52 17.23
N ASN B 666 1.27 -18.25 17.74
CA ASN B 666 1.76 -19.37 16.98
C ASN B 666 0.62 -20.30 16.77
N PRO B 667 0.41 -20.60 15.52
CA PRO B 667 -0.74 -21.33 15.00
C PRO B 667 -0.84 -22.75 15.54
N ALA B 668 0.27 -23.37 15.96
CA ALA B 668 0.29 -24.67 16.62
C ALA B 668 -0.34 -24.60 18.02
N ASP B 669 0.07 -23.63 18.84
CA ASP B 669 -0.49 -23.42 20.18
C ASP B 669 -1.99 -23.05 20.12
N ARG B 670 -2.40 -22.31 19.08
CA ARG B 670 -3.82 -21.99 18.81
C ARG B 670 -4.64 -23.21 18.40
N ALA B 671 -4.09 -24.09 17.56
CA ALA B 671 -4.72 -25.37 17.21
C ALA B 671 -4.87 -26.28 18.44
N TYR B 672 -3.81 -26.39 19.25
CA TYR B 672 -3.84 -27.18 20.48
C TYR B 672 -4.84 -26.62 21.51
N SER B 673 -4.92 -25.30 21.65
CA SER B 673 -5.91 -24.65 22.50
C SER B 673 -7.36 -24.90 22.03
N TRP B 674 -7.60 -25.01 20.72
CA TRP B 674 -8.91 -25.37 20.18
C TRP B 674 -9.26 -26.84 20.45
N TYR B 675 -8.31 -27.76 20.26
CA TYR B 675 -8.49 -29.17 20.63
C TYR B 675 -8.83 -29.34 22.11
N GLN B 676 -8.07 -28.69 23.00
CA GLN B 676 -8.35 -28.69 24.45
C GLN B 676 -9.67 -27.97 24.81
N HIS B 677 -10.11 -27.01 24.00
CA HIS B 677 -11.43 -26.41 24.15
C HIS B 677 -12.53 -27.42 23.84
N GLN B 678 -12.45 -28.14 22.72
CA GLN B 678 -13.44 -29.16 22.35
C GLN B 678 -13.51 -30.28 23.38
N ARG B 679 -12.35 -30.76 23.90
CA ARG B 679 -12.33 -31.72 25.02
C ARG B 679 -13.05 -31.20 26.26
N ALA B 680 -12.87 -29.90 26.59
CA ALA B 680 -13.59 -29.29 27.66
C ALA B 680 -15.04 -29.41 27.32
N HIS B 681 -15.36 -29.19 26.03
CA HIS B 681 -16.70 -29.34 25.56
C HIS B 681 -17.07 -30.76 25.81
N ASP B 682 -16.08 -31.68 25.68
CA ASP B 682 -16.34 -33.08 25.80
C ASP B 682 -17.28 -33.45 24.71
N ASP B 683 -17.13 -32.81 23.54
CA ASP B 683 -17.82 -33.29 22.39
C ASP B 683 -17.16 -34.59 22.05
N PRO B 684 -17.88 -35.48 21.45
CA PRO B 684 -17.49 -36.87 21.23
C PRO B 684 -16.21 -37.01 20.39
N VAL B 685 -15.98 -36.09 19.45
CA VAL B 685 -14.82 -36.12 18.56
C VAL B 685 -13.57 -35.71 19.33
N ALA B 686 -13.65 -34.63 20.11
CA ALA B 686 -12.51 -34.13 20.88
C ALA B 686 -12.14 -35.07 22.03
N LEU B 687 -13.09 -35.83 22.56
CA LEU B 687 -12.82 -36.88 23.55
C LEU B 687 -12.17 -38.11 22.93
N LYS B 688 -12.63 -38.51 21.72
CA LYS B 688 -12.17 -39.70 21.01
C LYS B 688 -10.73 -39.58 20.48
N TYR B 689 -10.36 -38.41 19.94
CA TYR B 689 -9.17 -38.26 19.14
C TYR B 689 -8.22 -37.35 19.86
N THR B 690 -6.94 -37.75 19.89
CA THR B 690 -5.92 -36.92 20.47
C THR B 690 -5.63 -35.85 19.49
N PHE B 691 -4.93 -34.78 19.94
CA PHE B 691 -4.70 -33.72 18.96
C PHE B 691 -3.87 -34.19 17.76
N HIS B 692 -2.84 -35.02 18.02
CA HIS B 692 -2.00 -35.58 16.97
C HIS B 692 -2.79 -36.48 16.01
N GLU B 693 -3.70 -37.32 16.53
CA GLU B 693 -4.60 -38.14 15.71
C GLU B 693 -5.57 -37.29 14.88
N VAL B 694 -6.02 -36.14 15.40
CA VAL B 694 -6.90 -35.23 14.67
C VAL B 694 -6.16 -34.59 13.49
N ILE B 695 -4.96 -34.05 13.69
CA ILE B 695 -4.23 -33.31 12.64
C ILE B 695 -3.64 -34.24 11.57
N THR B 696 -3.14 -35.39 12.04
CA THR B 696 -2.52 -36.35 11.18
C THR B 696 -3.55 -36.87 10.24
N ALA B 697 -4.77 -37.11 10.77
CA ALA B 697 -5.75 -37.83 10.02
C ALA B 697 -5.99 -37.11 8.74
N GLY B 698 -6.11 -37.89 7.65
CA GLY B 698 -6.23 -37.33 6.35
C GLY B 698 -7.66 -37.47 5.92
N SER B 699 -7.84 -37.80 4.64
CA SER B 699 -9.14 -37.93 4.05
C SER B 699 -9.83 -39.06 4.74
N ASP B 700 -9.05 -39.99 5.31
CA ASP B 700 -9.62 -41.16 5.90
C ASP B 700 -10.53 -40.73 7.00
N ALA B 701 -10.16 -39.65 7.70
CA ALA B 701 -10.86 -39.28 8.91
C ALA B 701 -12.30 -39.07 8.56
N SER B 702 -13.19 -39.34 9.54
CA SER B 702 -14.60 -39.23 9.33
C SER B 702 -14.95 -37.79 9.32
N SER B 703 -16.22 -37.48 9.00
CA SER B 703 -16.53 -36.06 8.76
C SER B 703 -16.26 -35.17 9.98
N LYS B 704 -16.49 -35.69 11.19
CA LYS B 704 -16.22 -34.99 12.45
C LYS B 704 -14.72 -34.80 12.69
N LEU B 705 -13.91 -35.82 12.40
CA LEU B 705 -12.45 -35.72 12.49
C LEU B 705 -11.89 -34.71 11.48
N ARG B 706 -12.38 -34.73 10.24
CA ARG B 706 -12.02 -33.73 9.21
C ARG B 706 -12.46 -32.31 9.57
N ALA B 707 -13.63 -32.15 10.18
CA ALA B 707 -14.09 -30.84 10.64
C ALA B 707 -13.17 -30.29 11.75
N LEU B 708 -12.74 -31.14 12.69
CA LEU B 708 -11.77 -30.76 13.72
C LEU B 708 -10.39 -30.43 13.11
N GLN B 709 -9.90 -31.24 12.16
CA GLN B 709 -8.67 -30.96 11.40
C GLN B 709 -8.77 -29.58 10.74
N ASN B 710 -9.87 -29.28 10.04
CA ASN B 710 -10.08 -28.01 9.37
C ASN B 710 -10.06 -26.83 10.34
N ARG B 711 -10.77 -26.94 11.49
CA ARG B 711 -10.77 -25.91 12.55
C ARG B 711 -9.40 -25.73 13.21
N CYS B 712 -8.60 -26.78 13.30
CA CYS B 712 -7.20 -26.69 13.74
C CYS B 712 -6.34 -25.99 12.67
N LEU B 713 -6.47 -26.35 11.40
CA LEU B 713 -5.48 -25.98 10.38
C LEU B 713 -5.83 -24.71 9.59
N VAL B 714 -7.11 -24.61 9.14
CA VAL B 714 -7.53 -23.52 8.30
C VAL B 714 -7.34 -22.23 9.02
N PRO B 715 -7.79 -22.09 10.24
CA PRO B 715 -7.59 -20.86 10.93
C PRO B 715 -6.14 -20.63 11.17
N GLY B 716 -5.24 -21.65 11.00
CA GLY B 716 -3.81 -21.61 11.15
C GLY B 716 -3.29 -20.62 10.15
N TRP B 717 -4.07 -20.50 9.09
CA TRP B 717 -3.69 -20.01 7.81
C TRP B 717 -3.35 -18.54 7.82
N TYR B 718 -3.13 -17.91 8.99
CA TYR B 718 -3.43 -16.54 9.37
C TYR B 718 -3.18 -15.54 8.23
N ALA B 719 -2.07 -15.68 7.49
CA ALA B 719 -1.76 -14.83 6.35
C ALA B 719 -2.86 -14.87 5.27
N THR B 720 -3.35 -16.06 4.92
CA THR B 720 -4.39 -16.26 3.90
C THR B 720 -5.70 -15.57 4.28
N HIS B 721 -6.08 -15.64 5.55
CA HIS B 721 -7.31 -15.02 6.03
C HIS B 721 -7.16 -13.50 6.18
N ILE B 722 -6.02 -13.02 6.69
CA ILE B 722 -5.72 -11.59 6.82
C ILE B 722 -5.64 -10.91 5.44
N GLU B 723 -5.07 -11.56 4.43
CA GLU B 723 -5.06 -11.06 3.03
C GLU B 723 -6.47 -10.74 2.52
N ARG B 724 -7.48 -11.56 2.84
CA ARG B 724 -8.87 -11.27 2.45
C ARG B 724 -9.40 -10.01 3.14
N TRP B 725 -9.11 -9.83 4.43
CA TRP B 725 -9.46 -8.60 5.15
C TRP B 725 -8.70 -7.38 4.65
N LEU B 726 -7.42 -7.54 4.32
CA LEU B 726 -6.55 -6.48 3.76
C LEU B 726 -6.96 -6.08 2.32
N SER B 727 -7.59 -6.99 1.57
CA SER B 727 -8.15 -6.67 0.25
C SER B 727 -9.42 -5.81 0.34
N ALA B 728 -10.08 -5.77 1.51
CA ALA B 728 -11.33 -5.04 1.73
C ALA B 728 -11.15 -3.78 2.60
N TYR B 729 -10.18 -3.83 3.52
CA TYR B 729 -10.12 -2.88 4.58
C TYR B 729 -8.83 -2.22 4.46
N HIS B 730 -8.81 -0.93 4.84
CA HIS B 730 -7.67 -0.10 4.69
C HIS B 730 -6.69 -0.54 5.71
N ALA B 731 -5.42 -0.28 5.41
CA ALA B 731 -4.34 -0.73 6.22
C ALA B 731 -4.52 -0.10 7.57
N ASN B 732 -4.86 1.20 7.62
CA ASN B 732 -5.07 1.83 8.89
C ASN B 732 -6.23 1.13 9.51
N GLN B 733 -7.20 0.75 8.66
CA GLN B 733 -8.43 0.17 9.10
C GLN B 733 -8.17 -1.13 9.78
N ILE B 734 -7.14 -1.87 9.30
CA ILE B 734 -6.83 -3.18 9.84
C ILE B 734 -5.70 -3.06 10.88
N LEU B 735 -5.82 -3.75 12.01
CA LEU B 735 -4.76 -3.92 13.00
C LEU B 735 -4.48 -5.41 13.22
N VAL B 736 -3.22 -5.80 13.10
CA VAL B 736 -2.75 -7.17 13.35
C VAL B 736 -1.96 -7.18 14.65
N LEU B 737 -2.52 -7.79 15.69
CA LEU B 737 -1.90 -7.86 17.00
C LEU B 737 -1.02 -9.10 17.16
N ASP B 738 0.10 -8.93 17.86
CA ASP B 738 0.91 -10.03 18.37
C ASP B 738 0.23 -10.67 19.59
N GLY B 739 -0.37 -11.85 19.36
CA GLY B 739 -1.07 -12.65 20.36
C GLY B 739 -0.14 -13.25 21.43
N LYS B 740 1.17 -13.37 21.16
CA LYS B 740 2.17 -13.74 22.19
C LYS B 740 2.25 -12.60 23.20
N LEU B 741 2.36 -11.37 22.72
CA LEU B 741 2.39 -10.16 23.56
C LEU B 741 1.08 -9.94 24.31
N LEU B 742 -0.09 -10.20 23.71
CA LEU B 742 -1.38 -10.12 24.42
C LEU B 742 -1.45 -11.09 25.61
N ARG B 743 -0.84 -12.27 25.47
CA ARG B 743 -0.80 -13.28 26.54
C ARG B 743 0.18 -12.91 27.65
N THR B 744 1.34 -12.34 27.31
CA THR B 744 2.44 -12.08 28.25
C THR B 744 2.40 -10.68 28.86
N GLU B 745 2.02 -9.67 28.07
CA GLU B 745 1.55 -8.46 28.68
C GLU B 745 0.39 -8.00 27.87
N PRO B 746 -0.78 -8.29 28.34
CA PRO B 746 -2.05 -7.83 27.76
C PRO B 746 -2.19 -6.32 27.73
N ALA B 747 -1.68 -5.61 28.74
CA ALA B 747 -1.78 -4.16 28.80
C ALA B 747 -1.07 -3.44 27.64
N LYS B 748 0.09 -3.93 27.18
CA LYS B 748 0.76 -3.40 25.97
C LYS B 748 -0.11 -3.58 24.73
N VAL B 749 -0.75 -4.73 24.60
CA VAL B 749 -1.65 -5.01 23.48
C VAL B 749 -2.90 -4.13 23.54
N MET B 750 -3.48 -3.94 24.73
CA MET B 750 -4.65 -3.08 24.91
C MET B 750 -4.34 -1.61 24.59
N ASP B 751 -3.13 -1.12 24.88
CA ASP B 751 -2.72 0.23 24.49
C ASP B 751 -2.67 0.39 22.95
N MET B 752 -2.14 -0.61 22.24
CA MET B 752 -2.16 -0.63 20.77
C MET B 752 -3.58 -0.66 20.21
N VAL B 753 -4.48 -1.45 20.82
CA VAL B 753 -5.88 -1.55 20.39
C VAL B 753 -6.62 -0.22 20.58
N GLN B 754 -6.47 0.44 21.73
CA GLN B 754 -7.12 1.74 21.98
C GLN B 754 -6.65 2.80 20.98
N LYS B 755 -5.34 2.87 20.70
CA LYS B 755 -4.79 3.75 19.65
C LYS B 755 -5.35 3.44 18.27
N PHE B 756 -5.47 2.16 17.92
CA PHE B 756 -5.99 1.74 16.61
C PHE B 756 -7.47 2.07 16.42
N LEU B 757 -8.28 1.98 17.49
CA LEU B 757 -9.69 2.34 17.49
C LEU B 757 -9.91 3.86 17.54
N GLY B 758 -8.95 4.62 18.10
CA GLY B 758 -9.18 6.01 18.27
C GLY B 758 -10.07 6.16 19.46
N VAL B 759 -9.98 5.22 20.39
CA VAL B 759 -10.80 5.31 21.57
C VAL B 759 -10.47 6.60 22.23
N THR B 760 -11.49 7.25 22.80
CA THR B 760 -11.29 8.59 23.29
C THR B 760 -10.25 8.54 24.34
N ASN B 761 -10.36 7.60 25.29
CA ASN B 761 -9.39 7.60 26.33
C ASN B 761 -8.57 6.36 26.19
N THR B 762 -7.27 6.45 26.51
CA THR B 762 -6.47 5.27 26.58
C THR B 762 -6.57 4.76 27.98
N ILE B 763 -6.19 3.48 28.18
CA ILE B 763 -6.25 2.92 29.48
C ILE B 763 -4.89 2.41 29.79
N ASP B 764 -4.46 2.59 31.04
CA ASP B 764 -3.24 1.97 31.43
C ASP B 764 -3.61 0.60 31.88
N TYR B 765 -3.48 -0.39 30.97
CA TYR B 765 -3.83 -1.76 31.34
C TYR B 765 -2.84 -2.40 32.32
N HIS B 766 -1.66 -1.84 32.54
CA HIS B 766 -0.76 -2.32 33.59
C HIS B 766 -1.36 -2.10 35.00
N LYS B 767 -2.30 -1.17 35.15
CA LYS B 767 -2.98 -0.88 36.43
C LYS B 767 -4.29 -1.66 36.62
N THR B 768 -4.90 -2.13 35.53
CA THR B 768 -6.23 -2.78 35.55
C THR B 768 -6.19 -4.28 35.29
N LEU B 769 -5.02 -4.79 34.82
CA LEU B 769 -4.79 -6.21 34.59
C LEU B 769 -3.94 -6.82 35.70
N ALA B 770 -4.15 -8.11 35.97
CA ALA B 770 -3.31 -8.89 36.87
C ALA B 770 -3.06 -10.30 36.31
N PHE B 771 -1.87 -10.85 36.55
CA PHE B 771 -1.58 -12.25 36.21
C PHE B 771 -2.24 -13.18 37.22
N ASP B 772 -3.10 -14.08 36.76
CA ASP B 772 -3.74 -15.10 37.59
C ASP B 772 -2.98 -16.43 37.48
N PRO B 773 -2.29 -16.82 38.50
CA PRO B 773 -1.44 -17.96 38.42
C PRO B 773 -2.26 -19.16 38.12
N LYS B 774 -3.53 -19.17 38.57
CA LYS B 774 -4.38 -20.30 38.32
C LYS B 774 -4.57 -20.40 36.85
N LYS B 775 -4.92 -19.28 36.20
CA LYS B 775 -5.19 -19.28 34.79
C LYS B 775 -3.89 -19.59 34.14
N GLY B 776 -2.82 -18.98 34.65
CA GLY B 776 -1.57 -19.02 33.98
C GLY B 776 -1.59 -17.93 32.96
N PHE B 777 -2.66 -17.10 33.02
CA PHE B 777 -2.73 -15.98 32.07
C PHE B 777 -3.11 -14.69 32.80
N TRP B 778 -2.89 -13.56 32.13
CA TRP B 778 -3.40 -12.26 32.58
C TRP B 778 -4.91 -12.16 32.42
N CYS B 779 -5.54 -11.52 33.39
CA CYS B 779 -6.98 -11.32 33.51
C CYS B 779 -7.28 -9.86 33.89
N GLN B 780 -8.53 -9.44 33.73
CA GLN B 780 -8.98 -8.14 34.24
C GLN B 780 -8.93 -8.16 35.77
N LEU B 781 -8.28 -7.16 36.37
CA LEU B 781 -8.30 -6.91 37.80
C LEU B 781 -9.61 -6.22 38.18
N LEU B 782 -10.28 -6.79 39.18
CA LEU B 782 -11.48 -6.19 39.68
C LEU B 782 -11.14 -5.62 41.01
N GLU B 783 -11.99 -4.73 41.56
CA GLU B 783 -11.71 -4.25 42.87
C GLU B 783 -11.82 -5.41 43.78
N GLY B 784 -10.99 -5.41 44.84
CA GLY B 784 -10.94 -6.53 45.74
C GLY B 784 -9.89 -7.47 45.23
N GLY B 785 -9.33 -7.16 44.05
CA GLY B 785 -8.21 -7.94 43.61
C GLY B 785 -8.73 -9.16 42.95
N LYS B 786 -10.05 -9.21 42.73
CA LYS B 786 -10.60 -10.37 42.11
C LYS B 786 -10.19 -10.34 40.68
N THR B 787 -10.07 -11.53 40.07
CA THR B 787 -9.73 -11.56 38.65
C THR B 787 -10.91 -12.02 37.81
N LYS B 788 -11.19 -11.33 36.69
CA LYS B 788 -12.14 -11.78 35.67
C LYS B 788 -11.37 -12.31 34.47
N CYS B 789 -11.24 -13.65 34.44
CA CYS B 789 -10.38 -14.28 33.48
C CYS B 789 -11.10 -14.37 32.18
N LEU B 790 -10.36 -14.72 31.11
CA LEU B 790 -10.95 -14.98 29.84
C LEU B 790 -11.66 -16.28 29.99
N GLY B 791 -12.54 -16.62 29.02
CA GLY B 791 -13.44 -17.72 29.23
C GLY B 791 -12.63 -18.94 29.46
N LYS B 792 -13.09 -19.78 30.41
CA LYS B 792 -12.36 -20.94 30.84
C LYS B 792 -12.23 -21.87 29.69
N SER B 793 -13.31 -22.00 28.90
CA SER B 793 -13.35 -23.01 27.87
C SER B 793 -12.19 -22.78 26.97
N LYS B 794 -11.95 -21.51 26.59
CA LYS B 794 -10.78 -21.23 25.83
C LYS B 794 -9.64 -21.19 26.80
N GLY B 795 -8.48 -21.73 26.40
CA GLY B 795 -7.32 -21.65 27.24
C GLY B 795 -7.57 -22.50 28.45
N ARG B 796 -8.40 -23.54 28.31
CA ARG B 796 -8.66 -24.37 29.45
C ARG B 796 -7.40 -25.11 29.74
N LYS B 797 -7.20 -25.47 31.02
CA LYS B 797 -5.95 -26.07 31.38
C LYS B 797 -5.81 -27.33 30.59
N TYR B 798 -4.61 -27.53 30.01
CA TYR B 798 -4.36 -28.68 29.21
C TYR B 798 -3.04 -29.26 29.60
N PRO B 799 -2.90 -30.50 29.27
CA PRO B 799 -1.65 -31.20 29.38
C PRO B 799 -0.67 -30.53 28.48
N GLU B 800 0.64 -30.81 28.70
CA GLU B 800 1.60 -30.20 27.85
C GLU B 800 1.33 -30.74 26.49
N MET B 801 1.50 -29.90 25.45
CA MET B 801 1.45 -30.35 24.08
C MET B 801 2.57 -31.36 23.80
N ASP B 802 2.24 -32.37 22.98
CA ASP B 802 3.24 -33.36 22.71
C ASP B 802 4.32 -32.70 21.89
N LEU B 803 5.58 -33.12 22.07
CA LEU B 803 6.67 -32.60 21.24
C LEU B 803 6.51 -33.01 19.77
N ASP B 804 6.06 -34.23 19.49
CA ASP B 804 5.85 -34.72 18.14
C ASP B 804 4.74 -33.94 17.42
N SER B 805 3.61 -33.67 18.10
CA SER B 805 2.56 -32.79 17.57
C SER B 805 3.06 -31.36 17.36
N ARG B 806 3.90 -30.82 18.25
CA ARG B 806 4.49 -29.48 18.08
C ARG B 806 5.41 -29.44 16.87
N ALA B 807 6.28 -30.44 16.69
CA ALA B 807 7.17 -30.55 15.53
C ALA B 807 6.38 -30.70 14.22
N PHE B 808 5.38 -31.58 14.21
CA PHE B 808 4.48 -31.76 13.06
C PHE B 808 3.79 -30.45 12.66
N LEU B 809 3.24 -29.70 13.63
CA LEU B 809 2.55 -28.43 13.33
C LEU B 809 3.51 -27.31 12.94
N LYS B 810 4.73 -27.31 13.47
CA LYS B 810 5.77 -26.36 13.06
C LYS B 810 6.09 -26.51 11.58
N ASP B 811 6.25 -27.75 11.11
CA ASP B 811 6.52 -28.01 9.70
C ASP B 811 5.29 -27.72 8.81
N TYR B 812 4.09 -28.12 9.26
CA TYR B 812 2.83 -27.82 8.58
C TYR B 812 2.59 -26.31 8.39
N TYR B 813 2.89 -25.48 9.39
CA TYR B 813 2.68 -24.03 9.34
C TYR B 813 3.87 -23.24 8.78
N ARG B 814 5.02 -23.85 8.50
CA ARG B 814 6.24 -23.14 8.06
C ARG B 814 5.98 -22.18 6.90
N ASP B 815 5.44 -22.67 5.79
CA ASP B 815 5.15 -21.82 4.61
C ASP B 815 4.04 -20.78 4.90
N HIS B 816 3.06 -21.11 5.76
CA HIS B 816 2.04 -20.15 6.20
C HIS B 816 2.61 -19.01 7.05
N ASN B 817 3.58 -19.32 7.92
CA ASN B 817 4.27 -18.35 8.77
C ASN B 817 5.23 -17.48 7.96
N ILE B 818 5.89 -18.04 6.93
CA ILE B 818 6.71 -17.27 5.99
C ILE B 818 5.84 -16.23 5.26
N GLU B 819 4.70 -16.64 4.68
CA GLU B 819 3.80 -15.70 4.01
C GLU B 819 3.18 -14.68 4.98
N LEU B 820 2.87 -15.08 6.21
CA LEU B 820 2.44 -14.14 7.24
C LEU B 820 3.51 -13.09 7.50
N SER B 821 4.78 -13.47 7.57
CA SER B 821 5.85 -12.50 7.78
C SER B 821 5.98 -11.47 6.66
N LYS B 822 5.81 -11.90 5.39
CA LYS B 822 5.79 -11.00 4.22
C LYS B 822 4.62 -10.04 4.29
N LEU B 823 3.44 -10.57 4.58
CA LEU B 823 2.21 -9.80 4.63
C LEU B 823 2.26 -8.73 5.72
N LEU B 824 2.66 -9.11 6.94
CA LEU B 824 2.78 -8.17 8.06
C LEU B 824 3.83 -7.09 7.79
N TYR B 825 4.97 -7.46 7.21
CA TYR B 825 5.98 -6.48 6.78
C TYR B 825 5.42 -5.49 5.76
N LYS B 826 4.72 -5.99 4.72
CA LYS B 826 4.05 -5.15 3.71
C LYS B 826 2.95 -4.24 4.29
N MET B 827 2.23 -4.75 5.31
CA MET B 827 1.29 -3.99 6.05
C MET B 827 2.05 -2.94 6.80
N GLY B 828 3.23 -3.34 7.32
CA GLY B 828 3.93 -2.49 8.23
C GLY B 828 3.46 -2.87 9.58
N GLN B 829 2.54 -3.86 9.64
CA GLN B 829 2.08 -4.34 10.90
C GLN B 829 3.19 -5.18 11.46
N THR B 830 3.25 -5.26 12.80
CA THR B 830 4.35 -5.96 13.40
C THR B 830 4.11 -7.41 13.20
N LEU B 831 5.21 -8.17 12.97
CA LEU B 831 5.13 -9.59 12.99
C LEU B 831 5.11 -10.01 14.42
N PRO B 832 4.55 -11.17 14.59
CA PRO B 832 4.35 -11.79 15.86
C PRO B 832 5.72 -12.02 16.35
N THR B 833 5.95 -11.85 17.66
CA THR B 833 7.30 -12.04 18.21
C THR B 833 7.81 -13.45 17.95
N TRP B 834 6.99 -14.48 18.17
CA TRP B 834 7.35 -15.88 17.89
C TRP B 834 7.66 -16.12 16.41
N LEU B 835 7.00 -15.41 15.49
CA LEU B 835 7.20 -15.59 14.06
C LEU B 835 8.53 -14.96 13.62
N ARG B 836 8.90 -13.81 14.19
CA ARG B 836 10.23 -13.20 13.94
C ARG B 836 11.36 -14.09 14.45
N GLU B 837 11.22 -14.64 15.65
CA GLU B 837 12.20 -15.57 16.25
C GLU B 837 12.36 -16.84 15.39
N ASP B 838 11.24 -17.42 14.94
CA ASP B 838 11.24 -18.62 14.09
C ASP B 838 11.92 -18.39 12.74
N LEU B 839 11.67 -17.23 12.11
CA LEU B 839 12.20 -16.85 10.80
C LEU B 839 13.63 -16.29 10.81
N GLN B 840 14.20 -15.96 11.97
CA GLN B 840 15.62 -15.61 12.11
C GLN B 840 16.50 -16.85 12.19
N ASN B 841 16.08 -17.86 12.95
CA ASN B 841 16.88 -19.03 12.97
C ASN B 841 16.30 -19.95 11.98
N THR B 842 17.17 -20.55 11.16
CA THR B 842 16.69 -21.44 10.15
C THR B 842 16.02 -22.57 10.85
N ARG B 843 16.69 -23.07 11.91
CA ARG B 843 16.14 -24.15 12.68
C ARG B 843 14.79 -23.68 13.18
#